data_5S8Y
# 
_entry.id   5S8Y 
# 
_audit_conform.dict_name       mmcif_pdbx.dic 
_audit_conform.dict_version    5.387 
_audit_conform.dict_location   http://mmcif.pdb.org/dictionaries/ascii/mmcif_pdbx.dic 
# 
loop_
_database_2.database_id 
_database_2.database_code 
_database_2.pdbx_database_accession 
_database_2.pdbx_DOI 
PDB   5S8Y         pdb_00005s8y 10.2210/pdb5s8y/pdb 
WWPDB D_1001404207 ?            ?                   
# 
loop_
_pdbx_audit_revision_history.ordinal 
_pdbx_audit_revision_history.data_content_type 
_pdbx_audit_revision_history.major_revision 
_pdbx_audit_revision_history.minor_revision 
_pdbx_audit_revision_history.revision_date 
1 'Structure model' 1 0 2021-02-17 
2 'Structure model' 1 1 2024-03-06 
# 
_pdbx_audit_revision_details.ordinal             1 
_pdbx_audit_revision_details.revision_ordinal    1 
_pdbx_audit_revision_details.data_content_type   'Structure model' 
_pdbx_audit_revision_details.provider            repository 
_pdbx_audit_revision_details.type                'Initial release' 
_pdbx_audit_revision_details.description         ? 
_pdbx_audit_revision_details.details             ? 
# 
loop_
_pdbx_audit_revision_group.ordinal 
_pdbx_audit_revision_group.revision_ordinal 
_pdbx_audit_revision_group.data_content_type 
_pdbx_audit_revision_group.group 
1 2 'Structure model' 'Data collection'     
2 2 'Structure model' 'Database references' 
# 
loop_
_pdbx_audit_revision_category.ordinal 
_pdbx_audit_revision_category.revision_ordinal 
_pdbx_audit_revision_category.data_content_type 
_pdbx_audit_revision_category.category 
1 2 'Structure model' chem_comp_atom 
2 2 'Structure model' chem_comp_bond 
3 2 'Structure model' database_2     
# 
loop_
_pdbx_audit_revision_item.ordinal 
_pdbx_audit_revision_item.revision_ordinal 
_pdbx_audit_revision_item.data_content_type 
_pdbx_audit_revision_item.item 
1 2 'Structure model' '_database_2.pdbx_DOI'                
2 2 'Structure model' '_database_2.pdbx_database_accession' 
# 
_pdbx_database_status.entry_id                        5S8Y 
_pdbx_database_status.status_code                     REL 
_pdbx_database_status.status_code_sf                  REL 
_pdbx_database_status.status_code_mr                  ? 
_pdbx_database_status.status_code_cs                  ? 
_pdbx_database_status.recvd_initial_deposition_date   2021-01-22 
_pdbx_database_status.status_code_nmr_data            ? 
_pdbx_database_status.deposit_site                    RCSB 
_pdbx_database_status.process_site                    RCSB 
_pdbx_database_status.SG_entry                        ? 
_pdbx_database_status.pdb_format_compatible           Y 
_pdbx_database_status.methods_development_category    ? 
# 
loop_
_audit_author.name 
_audit_author.pdbx_ordinal 
_audit_author.identifier_ORCID 
'Grosjean, H.'     1  ? 
'Aimon, A.'        2  ? 
'Hassel-Hart , S.' 3  ? 
'Krojer, T.'       4  ? 
'Talon, R.'        5  ? 
'Douangamath, A.'  6  ? 
'Koekemoer, L.'    7  ? 
'Biggin, P.C.'     8  ? 
'Spencer, J.'      9  ? 
'von Delft, F.'    10 ? 
# 
_citation.id                        primary 
_citation.title                     
;Crystal Structures of the second bromodomain of Pleckstrin homology domain interacting protein (PHIP) in space group C2 soaked with crude reaction mixtures
;
_citation.journal_abbrev            'To Be Published' 
_citation.journal_volume            ? 
_citation.page_first                ? 
_citation.page_last                 ? 
_citation.year                      ? 
_citation.journal_id_ASTM           ? 
_citation.country                   ? 
_citation.journal_id_ISSN           ? 
_citation.journal_id_CSD            0353 
_citation.book_publisher            ? 
_citation.pdbx_database_id_PubMed   ? 
_citation.pdbx_database_id_DOI      ? 
# 
loop_
_citation_author.citation_id 
_citation_author.name 
_citation_author.identifier_ORCID 
_citation_author.ordinal 
primary 'Grosjean, H.'    ? 1  
primary 'Aimon, A.'       ? 2  
primary 'Hart , S.'       ? 3  
primary 'Krojer, T.'      ? 4  
primary 'Talon, R.'       ? 5  
primary 'Douangamath, A.' ? 6  
primary 'Koekemoer, L.'   ? 7  
primary 'Biggin, P.C.'    ? 8  
primary 'Spencer, J.'     ? 9  
primary 'von Delft, F.'   ? 10 
# 
loop_
_entity.id 
_entity.type 
_entity.src_method 
_entity.pdbx_description 
_entity.formula_weight 
_entity.pdbx_number_of_molecules 
_entity.pdbx_ec 
_entity.pdbx_mutation 
_entity.pdbx_fragment 
_entity.details 
1 polymer     man 'PH-interacting protein'                                             17627.859 1   ? ? ? ? 
2 non-polymer syn 'N-(cyclopropylmethyl)-4-(furan-2-carbonyl)piperazine-1-carboxamide' 277.319   1   ? ? ? ? 
3 water       nat water                                                                18.015    194 ? ? ? ? 
# 
_entity_name_com.entity_id   1 
_entity_name_com.name        
'PHIP,DDB1- and CUL4-associated factor 14,IRS-1 PH domain-binding protein,WD repeat-containing protein 11' 
# 
_entity_poly.entity_id                      1 
_entity_poly.type                           'polypeptide(L)' 
_entity_poly.nstd_linkage                   no 
_entity_poly.nstd_monomer                   no 
_entity_poly.pdbx_seq_one_letter_code       
;MHHHHHHSSGVDLGTENLYFQSMSYDIQAWKKQCEELLNLIFQCEDSEPFRQPVDLLEYPDYRDIIDTPMDFATVRETLE
AGNYESPMELCKDVRLIFSNSKAYTPSKRSRIYSMSLRLSAFFEEHISSVLSDYKSALRFHKRNTITKR
;
_entity_poly.pdbx_seq_one_letter_code_can   
;MHHHHHHSSGVDLGTENLYFQSMSYDIQAWKKQCEELLNLIFQCEDSEPFRQPVDLLEYPDYRDIIDTPMDFATVRETLE
AGNYESPMELCKDVRLIFSNSKAYTPSKRSRIYSMSLRLSAFFEEHISSVLSDYKSALRFHKRNTITKR
;
_entity_poly.pdbx_strand_id                 A 
_entity_poly.pdbx_target_identifier         ? 
# 
loop_
_pdbx_entity_nonpoly.entity_id 
_pdbx_entity_nonpoly.name 
_pdbx_entity_nonpoly.comp_id 
2 'N-(cyclopropylmethyl)-4-(furan-2-carbonyl)piperazine-1-carboxamide' Y1J 
3 water                                                                HOH 
# 
loop_
_entity_poly_seq.entity_id 
_entity_poly_seq.num 
_entity_poly_seq.mon_id 
_entity_poly_seq.hetero 
1 1   MET n 
1 2   HIS n 
1 3   HIS n 
1 4   HIS n 
1 5   HIS n 
1 6   HIS n 
1 7   HIS n 
1 8   SER n 
1 9   SER n 
1 10  GLY n 
1 11  VAL n 
1 12  ASP n 
1 13  LEU n 
1 14  GLY n 
1 15  THR n 
1 16  GLU n 
1 17  ASN n 
1 18  LEU n 
1 19  TYR n 
1 20  PHE n 
1 21  GLN n 
1 22  SER n 
1 23  MET n 
1 24  SER n 
1 25  TYR n 
1 26  ASP n 
1 27  ILE n 
1 28  GLN n 
1 29  ALA n 
1 30  TRP n 
1 31  LYS n 
1 32  LYS n 
1 33  GLN n 
1 34  CYS n 
1 35  GLU n 
1 36  GLU n 
1 37  LEU n 
1 38  LEU n 
1 39  ASN n 
1 40  LEU n 
1 41  ILE n 
1 42  PHE n 
1 43  GLN n 
1 44  CYS n 
1 45  GLU n 
1 46  ASP n 
1 47  SER n 
1 48  GLU n 
1 49  PRO n 
1 50  PHE n 
1 51  ARG n 
1 52  GLN n 
1 53  PRO n 
1 54  VAL n 
1 55  ASP n 
1 56  LEU n 
1 57  LEU n 
1 58  GLU n 
1 59  TYR n 
1 60  PRO n 
1 61  ASP n 
1 62  TYR n 
1 63  ARG n 
1 64  ASP n 
1 65  ILE n 
1 66  ILE n 
1 67  ASP n 
1 68  THR n 
1 69  PRO n 
1 70  MET n 
1 71  ASP n 
1 72  PHE n 
1 73  ALA n 
1 74  THR n 
1 75  VAL n 
1 76  ARG n 
1 77  GLU n 
1 78  THR n 
1 79  LEU n 
1 80  GLU n 
1 81  ALA n 
1 82  GLY n 
1 83  ASN n 
1 84  TYR n 
1 85  GLU n 
1 86  SER n 
1 87  PRO n 
1 88  MET n 
1 89  GLU n 
1 90  LEU n 
1 91  CYS n 
1 92  LYS n 
1 93  ASP n 
1 94  VAL n 
1 95  ARG n 
1 96  LEU n 
1 97  ILE n 
1 98  PHE n 
1 99  SER n 
1 100 ASN n 
1 101 SER n 
1 102 LYS n 
1 103 ALA n 
1 104 TYR n 
1 105 THR n 
1 106 PRO n 
1 107 SER n 
1 108 LYS n 
1 109 ARG n 
1 110 SER n 
1 111 ARG n 
1 112 ILE n 
1 113 TYR n 
1 114 SER n 
1 115 MET n 
1 116 SER n 
1 117 LEU n 
1 118 ARG n 
1 119 LEU n 
1 120 SER n 
1 121 ALA n 
1 122 PHE n 
1 123 PHE n 
1 124 GLU n 
1 125 GLU n 
1 126 HIS n 
1 127 ILE n 
1 128 SER n 
1 129 SER n 
1 130 VAL n 
1 131 LEU n 
1 132 SER n 
1 133 ASP n 
1 134 TYR n 
1 135 LYS n 
1 136 SER n 
1 137 ALA n 
1 138 LEU n 
1 139 ARG n 
1 140 PHE n 
1 141 HIS n 
1 142 LYS n 
1 143 ARG n 
1 144 ASN n 
1 145 THR n 
1 146 ILE n 
1 147 THR n 
1 148 LYS n 
1 149 ARG n 
# 
_entity_src_gen.entity_id                          1 
_entity_src_gen.pdbx_src_id                        1 
_entity_src_gen.pdbx_alt_source_flag               sample 
_entity_src_gen.pdbx_seq_type                      'Biological sequence' 
_entity_src_gen.pdbx_beg_seq_num                   1 
_entity_src_gen.pdbx_end_seq_num                   149 
_entity_src_gen.gene_src_common_name               Human 
_entity_src_gen.gene_src_genus                     ? 
_entity_src_gen.pdbx_gene_src_gene                 'PHIP, DCAF14, WDR11' 
_entity_src_gen.gene_src_species                   ? 
_entity_src_gen.gene_src_strain                    ? 
_entity_src_gen.gene_src_tissue                    ? 
_entity_src_gen.gene_src_tissue_fraction           ? 
_entity_src_gen.gene_src_details                   ? 
_entity_src_gen.pdbx_gene_src_fragment             ? 
_entity_src_gen.pdbx_gene_src_scientific_name      'Homo sapiens' 
_entity_src_gen.pdbx_gene_src_ncbi_taxonomy_id     9606 
_entity_src_gen.pdbx_gene_src_variant              ? 
_entity_src_gen.pdbx_gene_src_cell_line            ? 
_entity_src_gen.pdbx_gene_src_atcc                 ? 
_entity_src_gen.pdbx_gene_src_organ                ? 
_entity_src_gen.pdbx_gene_src_organelle            ? 
_entity_src_gen.pdbx_gene_src_cell                 ? 
_entity_src_gen.pdbx_gene_src_cellular_location    ? 
_entity_src_gen.host_org_common_name               ? 
_entity_src_gen.pdbx_host_org_scientific_name      'Escherichia coli' 
_entity_src_gen.pdbx_host_org_ncbi_taxonomy_id     562 
_entity_src_gen.host_org_genus                     ? 
_entity_src_gen.pdbx_host_org_gene                 ? 
_entity_src_gen.pdbx_host_org_organ                ? 
_entity_src_gen.host_org_species                   ? 
_entity_src_gen.pdbx_host_org_tissue               ? 
_entity_src_gen.pdbx_host_org_tissue_fraction      ? 
_entity_src_gen.pdbx_host_org_strain               ? 
_entity_src_gen.pdbx_host_org_variant              ? 
_entity_src_gen.pdbx_host_org_cell_line            ? 
_entity_src_gen.pdbx_host_org_atcc                 ? 
_entity_src_gen.pdbx_host_org_culture_collection   ? 
_entity_src_gen.pdbx_host_org_cell                 ? 
_entity_src_gen.pdbx_host_org_organelle            ? 
_entity_src_gen.pdbx_host_org_cellular_location    ? 
_entity_src_gen.pdbx_host_org_vector_type          ? 
_entity_src_gen.pdbx_host_org_vector               ? 
_entity_src_gen.host_org_details                   ? 
_entity_src_gen.expression_system_id               ? 
_entity_src_gen.plasmid_name                       ? 
_entity_src_gen.plasmid_details                    ? 
_entity_src_gen.pdbx_description                   ? 
# 
loop_
_chem_comp.id 
_chem_comp.type 
_chem_comp.mon_nstd_flag 
_chem_comp.name 
_chem_comp.pdbx_synonyms 
_chem_comp.formula 
_chem_comp.formula_weight 
ALA 'L-peptide linking' y ALANINE                                                              ? 'C3 H7 N O2'     89.093  
ARG 'L-peptide linking' y ARGININE                                                             ? 'C6 H15 N4 O2 1' 175.209 
ASN 'L-peptide linking' y ASPARAGINE                                                           ? 'C4 H8 N2 O3'    132.118 
ASP 'L-peptide linking' y 'ASPARTIC ACID'                                                      ? 'C4 H7 N O4'     133.103 
CYS 'L-peptide linking' y CYSTEINE                                                             ? 'C3 H7 N O2 S'   121.158 
GLN 'L-peptide linking' y GLUTAMINE                                                            ? 'C5 H10 N2 O3'   146.144 
GLU 'L-peptide linking' y 'GLUTAMIC ACID'                                                      ? 'C5 H9 N O4'     147.129 
GLY 'peptide linking'   y GLYCINE                                                              ? 'C2 H5 N O2'     75.067  
HIS 'L-peptide linking' y HISTIDINE                                                            ? 'C6 H10 N3 O2 1' 156.162 
HOH non-polymer         . WATER                                                                ? 'H2 O'           18.015  
ILE 'L-peptide linking' y ISOLEUCINE                                                           ? 'C6 H13 N O2'    131.173 
LEU 'L-peptide linking' y LEUCINE                                                              ? 'C6 H13 N O2'    131.173 
LYS 'L-peptide linking' y LYSINE                                                               ? 'C6 H15 N2 O2 1' 147.195 
MET 'L-peptide linking' y METHIONINE                                                           ? 'C5 H11 N O2 S'  149.211 
PHE 'L-peptide linking' y PHENYLALANINE                                                        ? 'C9 H11 N O2'    165.189 
PRO 'L-peptide linking' y PROLINE                                                              ? 'C5 H9 N O2'     115.130 
SER 'L-peptide linking' y SERINE                                                               ? 'C3 H7 N O3'     105.093 
THR 'L-peptide linking' y THREONINE                                                            ? 'C4 H9 N O3'     119.119 
TRP 'L-peptide linking' y TRYPTOPHAN                                                           ? 'C11 H12 N2 O2'  204.225 
TYR 'L-peptide linking' y TYROSINE                                                             ? 'C9 H11 N O3'    181.189 
VAL 'L-peptide linking' y VALINE                                                               ? 'C5 H11 N O2'    117.146 
Y1J non-polymer         . 'N-(cyclopropylmethyl)-4-(furan-2-carbonyl)piperazine-1-carboxamide' ? 'C14 H19 N3 O3'  277.319 
# 
loop_
_pdbx_poly_seq_scheme.asym_id 
_pdbx_poly_seq_scheme.entity_id 
_pdbx_poly_seq_scheme.seq_id 
_pdbx_poly_seq_scheme.mon_id 
_pdbx_poly_seq_scheme.ndb_seq_num 
_pdbx_poly_seq_scheme.pdb_seq_num 
_pdbx_poly_seq_scheme.auth_seq_num 
_pdbx_poly_seq_scheme.pdb_mon_id 
_pdbx_poly_seq_scheme.auth_mon_id 
_pdbx_poly_seq_scheme.pdb_strand_id 
_pdbx_poly_seq_scheme.pdb_ins_code 
_pdbx_poly_seq_scheme.hetero 
A 1 1   MET 1   1292 ?    ?   ?   A . n 
A 1 2   HIS 2   1293 ?    ?   ?   A . n 
A 1 3   HIS 3   1294 ?    ?   ?   A . n 
A 1 4   HIS 4   1295 ?    ?   ?   A . n 
A 1 5   HIS 5   1296 ?    ?   ?   A . n 
A 1 6   HIS 6   1297 ?    ?   ?   A . n 
A 1 7   HIS 7   1298 ?    ?   ?   A . n 
A 1 8   SER 8   1299 ?    ?   ?   A . n 
A 1 9   SER 9   1300 ?    ?   ?   A . n 
A 1 10  GLY 10  1301 ?    ?   ?   A . n 
A 1 11  VAL 11  1302 ?    ?   ?   A . n 
A 1 12  ASP 12  1303 ?    ?   ?   A . n 
A 1 13  LEU 13  1304 ?    ?   ?   A . n 
A 1 14  GLY 14  1305 ?    ?   ?   A . n 
A 1 15  THR 15  1306 ?    ?   ?   A . n 
A 1 16  GLU 16  1307 ?    ?   ?   A . n 
A 1 17  ASN 17  1308 ?    ?   ?   A . n 
A 1 18  LEU 18  1309 ?    ?   ?   A . n 
A 1 19  TYR 19  1310 ?    ?   ?   A . n 
A 1 20  PHE 20  1311 ?    ?   ?   A . n 
A 1 21  GLN 21  1312 ?    ?   ?   A . n 
A 1 22  SER 22  1313 ?    ?   ?   A . n 
A 1 23  MET 23  1314 ?    ?   ?   A . n 
A 1 24  SER 24  1315 ?    ?   ?   A . n 
A 1 25  TYR 25  1316 1316 TYR TYR A . n 
A 1 26  ASP 26  1317 1317 ASP ASP A . n 
A 1 27  ILE 27  1318 1318 ILE ILE A . n 
A 1 28  GLN 28  1319 1319 GLN GLN A . n 
A 1 29  ALA 29  1320 1320 ALA ALA A . n 
A 1 30  TRP 30  1321 1321 TRP TRP A . n 
A 1 31  LYS 31  1322 1322 LYS LYS A . n 
A 1 32  LYS 32  1323 1323 LYS LYS A . n 
A 1 33  GLN 33  1324 1324 GLN GLN A . n 
A 1 34  CYS 34  1325 1325 CYS CYS A . n 
A 1 35  GLU 35  1326 1326 GLU GLU A . n 
A 1 36  GLU 36  1327 1327 GLU GLU A . n 
A 1 37  LEU 37  1328 1328 LEU LEU A . n 
A 1 38  LEU 38  1329 1329 LEU LEU A . n 
A 1 39  ASN 39  1330 1330 ASN ASN A . n 
A 1 40  LEU 40  1331 1331 LEU LEU A . n 
A 1 41  ILE 41  1332 1332 ILE ILE A . n 
A 1 42  PHE 42  1333 1333 PHE PHE A . n 
A 1 43  GLN 43  1334 1334 GLN GLN A . n 
A 1 44  CYS 44  1335 1335 CYS CYS A . n 
A 1 45  GLU 45  1336 1336 GLU GLU A . n 
A 1 46  ASP 46  1337 1337 ASP ASP A . n 
A 1 47  SER 47  1338 1338 SER SER A . n 
A 1 48  GLU 48  1339 1339 GLU GLU A . n 
A 1 49  PRO 49  1340 1340 PRO PRO A . n 
A 1 50  PHE 50  1341 1341 PHE PHE A . n 
A 1 51  ARG 51  1342 1342 ARG ARG A . n 
A 1 52  GLN 52  1343 1343 GLN GLN A . n 
A 1 53  PRO 53  1344 1344 PRO PRO A . n 
A 1 54  VAL 54  1345 1345 VAL VAL A . n 
A 1 55  ASP 55  1346 1346 ASP ASP A . n 
A 1 56  LEU 56  1347 1347 LEU LEU A . n 
A 1 57  LEU 57  1348 1348 LEU LEU A . n 
A 1 58  GLU 58  1349 1349 GLU GLU A . n 
A 1 59  TYR 59  1350 1350 TYR TYR A . n 
A 1 60  PRO 60  1351 1351 PRO PRO A . n 
A 1 61  ASP 61  1352 1352 ASP ASP A . n 
A 1 62  TYR 62  1353 1353 TYR TYR A . n 
A 1 63  ARG 63  1354 1354 ARG ARG A . n 
A 1 64  ASP 64  1355 1355 ASP ASP A . n 
A 1 65  ILE 65  1356 1356 ILE ILE A . n 
A 1 66  ILE 66  1357 1357 ILE ILE A . n 
A 1 67  ASP 67  1358 1358 ASP ASP A . n 
A 1 68  THR 68  1359 1359 THR THR A . n 
A 1 69  PRO 69  1360 1360 PRO PRO A . n 
A 1 70  MET 70  1361 1361 MET MET A . n 
A 1 71  ASP 71  1362 1362 ASP ASP A . n 
A 1 72  PHE 72  1363 1363 PHE PHE A . n 
A 1 73  ALA 73  1364 1364 ALA ALA A . n 
A 1 74  THR 74  1365 1365 THR THR A . n 
A 1 75  VAL 75  1366 1366 VAL VAL A . n 
A 1 76  ARG 76  1367 1367 ARG ARG A . n 
A 1 77  GLU 77  1368 1368 GLU GLU A . n 
A 1 78  THR 78  1369 1369 THR THR A . n 
A 1 79  LEU 79  1370 1370 LEU LEU A . n 
A 1 80  GLU 80  1371 1371 GLU GLU A . n 
A 1 81  ALA 81  1372 1372 ALA ALA A . n 
A 1 82  GLY 82  1373 1373 GLY GLY A . n 
A 1 83  ASN 83  1374 1374 ASN ASN A . n 
A 1 84  TYR 84  1375 1375 TYR TYR A . n 
A 1 85  GLU 85  1376 1376 GLU GLU A . n 
A 1 86  SER 86  1377 1377 SER SER A . n 
A 1 87  PRO 87  1378 1378 PRO PRO A . n 
A 1 88  MET 88  1379 1379 MET MET A . n 
A 1 89  GLU 89  1380 1380 GLU GLU A . n 
A 1 90  LEU 90  1381 1381 LEU LEU A . n 
A 1 91  CYS 91  1382 1382 CYS CYS A . n 
A 1 92  LYS 92  1383 1383 LYS LYS A . n 
A 1 93  ASP 93  1384 1384 ASP ASP A . n 
A 1 94  VAL 94  1385 1385 VAL VAL A . n 
A 1 95  ARG 95  1386 1386 ARG ARG A . n 
A 1 96  LEU 96  1387 1387 LEU LEU A . n 
A 1 97  ILE 97  1388 1388 ILE ILE A . n 
A 1 98  PHE 98  1389 1389 PHE PHE A . n 
A 1 99  SER 99  1390 1390 SER SER A . n 
A 1 100 ASN 100 1391 1391 ASN ASN A . n 
A 1 101 SER 101 1392 1392 SER SER A . n 
A 1 102 LYS 102 1393 1393 LYS LYS A . n 
A 1 103 ALA 103 1394 1394 ALA ALA A . n 
A 1 104 TYR 104 1395 1395 TYR TYR A . n 
A 1 105 THR 105 1396 1396 THR THR A . n 
A 1 106 PRO 106 1397 1397 PRO PRO A . n 
A 1 107 SER 107 1398 1398 SER SER A . n 
A 1 108 LYS 108 1399 1399 LYS LYS A . n 
A 1 109 ARG 109 1400 1400 ARG ARG A . n 
A 1 110 SER 110 1401 1401 SER SER A . n 
A 1 111 ARG 111 1402 1402 ARG ARG A . n 
A 1 112 ILE 112 1403 1403 ILE ILE A . n 
A 1 113 TYR 113 1404 1404 TYR TYR A . n 
A 1 114 SER 114 1405 1405 SER SER A . n 
A 1 115 MET 115 1406 1406 MET MET A . n 
A 1 116 SER 116 1407 1407 SER SER A . n 
A 1 117 LEU 117 1408 1408 LEU LEU A . n 
A 1 118 ARG 118 1409 1409 ARG ARG A . n 
A 1 119 LEU 119 1410 1410 LEU LEU A . n 
A 1 120 SER 120 1411 1411 SER SER A . n 
A 1 121 ALA 121 1412 1412 ALA ALA A . n 
A 1 122 PHE 122 1413 1413 PHE PHE A . n 
A 1 123 PHE 123 1414 1414 PHE PHE A . n 
A 1 124 GLU 124 1415 1415 GLU GLU A . n 
A 1 125 GLU 125 1416 1416 GLU GLU A . n 
A 1 126 HIS 126 1417 1417 HIS HIS A . n 
A 1 127 ILE 127 1418 1418 ILE ILE A . n 
A 1 128 SER 128 1419 1419 SER SER A . n 
A 1 129 SER 129 1420 1420 SER SER A . n 
A 1 130 VAL 130 1421 1421 VAL VAL A . n 
A 1 131 LEU 131 1422 1422 LEU LEU A . n 
A 1 132 SER 132 1423 1423 SER SER A . n 
A 1 133 ASP 133 1424 1424 ASP ASP A . n 
A 1 134 TYR 134 1425 1425 TYR TYR A . n 
A 1 135 LYS 135 1426 1426 LYS LYS A . n 
A 1 136 SER 136 1427 1427 SER SER A . n 
A 1 137 ALA 137 1428 1428 ALA ALA A . n 
A 1 138 LEU 138 1429 1429 LEU LEU A . n 
A 1 139 ARG 139 1430 1430 ARG ARG A . n 
A 1 140 PHE 140 1431 1431 PHE PHE A . n 
A 1 141 HIS 141 1432 1432 HIS HIS A . n 
A 1 142 LYS 142 1433 1433 LYS LYS A . n 
A 1 143 ARG 143 1434 1434 ARG ARG A . n 
A 1 144 ASN 144 1435 ?    ?   ?   A . n 
A 1 145 THR 145 1436 ?    ?   ?   A . n 
A 1 146 ILE 146 1437 ?    ?   ?   A . n 
A 1 147 THR 147 1438 ?    ?   ?   A . n 
A 1 148 LYS 148 1439 ?    ?   ?   A . n 
A 1 149 ARG 149 1440 ?    ?   ?   A . n 
# 
loop_
_pdbx_nonpoly_scheme.asym_id 
_pdbx_nonpoly_scheme.entity_id 
_pdbx_nonpoly_scheme.mon_id 
_pdbx_nonpoly_scheme.ndb_seq_num 
_pdbx_nonpoly_scheme.pdb_seq_num 
_pdbx_nonpoly_scheme.auth_seq_num 
_pdbx_nonpoly_scheme.pdb_mon_id 
_pdbx_nonpoly_scheme.auth_mon_id 
_pdbx_nonpoly_scheme.pdb_strand_id 
_pdbx_nonpoly_scheme.pdb_ins_code 
B 2 Y1J 1   1501 1501 Y1J LIG A . 
C 3 HOH 1   1601 42   HOH HOH A . 
C 3 HOH 2   1602 151  HOH HOH A . 
C 3 HOH 3   1603 98   HOH HOH A . 
C 3 HOH 4   1604 85   HOH HOH A . 
C 3 HOH 5   1605 160  HOH HOH A . 
C 3 HOH 6   1606 183  HOH HOH A . 
C 3 HOH 7   1607 100  HOH HOH A . 
C 3 HOH 8   1608 26   HOH HOH A . 
C 3 HOH 9   1609 72   HOH HOH A . 
C 3 HOH 10  1610 172  HOH HOH A . 
C 3 HOH 11  1611 89   HOH HOH A . 
C 3 HOH 12  1612 197  HOH HOH A . 
C 3 HOH 13  1613 154  HOH HOH A . 
C 3 HOH 14  1614 162  HOH HOH A . 
C 3 HOH 15  1615 159  HOH HOH A . 
C 3 HOH 16  1616 211  HOH HOH A . 
C 3 HOH 17  1617 7    HOH HOH A . 
C 3 HOH 18  1618 99   HOH HOH A . 
C 3 HOH 19  1619 121  HOH HOH A . 
C 3 HOH 20  1620 135  HOH HOH A . 
C 3 HOH 21  1621 70   HOH HOH A . 
C 3 HOH 22  1622 141  HOH HOH A . 
C 3 HOH 23  1623 25   HOH HOH A . 
C 3 HOH 24  1624 140  HOH HOH A . 
C 3 HOH 25  1625 124  HOH HOH A . 
C 3 HOH 26  1626 17   HOH HOH A . 
C 3 HOH 27  1627 184  HOH HOH A . 
C 3 HOH 28  1628 94   HOH HOH A . 
C 3 HOH 29  1629 55   HOH HOH A . 
C 3 HOH 30  1630 173  HOH HOH A . 
C 3 HOH 31  1631 187  HOH HOH A . 
C 3 HOH 32  1632 36   HOH HOH A . 
C 3 HOH 33  1633 74   HOH HOH A . 
C 3 HOH 34  1634 33   HOH HOH A . 
C 3 HOH 35  1635 10   HOH HOH A . 
C 3 HOH 36  1636 12   HOH HOH A . 
C 3 HOH 37  1637 50   HOH HOH A . 
C 3 HOH 38  1638 171  HOH HOH A . 
C 3 HOH 39  1639 65   HOH HOH A . 
C 3 HOH 40  1640 4    HOH HOH A . 
C 3 HOH 41  1641 39   HOH HOH A . 
C 3 HOH 42  1642 174  HOH HOH A . 
C 3 HOH 43  1643 20   HOH HOH A . 
C 3 HOH 44  1644 145  HOH HOH A . 
C 3 HOH 45  1645 152  HOH HOH A . 
C 3 HOH 46  1646 92   HOH HOH A . 
C 3 HOH 47  1647 45   HOH HOH A . 
C 3 HOH 48  1648 182  HOH HOH A . 
C 3 HOH 49  1649 75   HOH HOH A . 
C 3 HOH 50  1650 123  HOH HOH A . 
C 3 HOH 51  1651 76   HOH HOH A . 
C 3 HOH 52  1652 3    HOH HOH A . 
C 3 HOH 53  1653 83   HOH HOH A . 
C 3 HOH 54  1654 14   HOH HOH A . 
C 3 HOH 55  1655 130  HOH HOH A . 
C 3 HOH 56  1656 9    HOH HOH A . 
C 3 HOH 57  1657 77   HOH HOH A . 
C 3 HOH 58  1658 21   HOH HOH A . 
C 3 HOH 59  1659 6    HOH HOH A . 
C 3 HOH 60  1660 11   HOH HOH A . 
C 3 HOH 61  1661 16   HOH HOH A . 
C 3 HOH 62  1662 41   HOH HOH A . 
C 3 HOH 63  1663 64   HOH HOH A . 
C 3 HOH 64  1664 31   HOH HOH A . 
C 3 HOH 65  1665 167  HOH HOH A . 
C 3 HOH 66  1666 139  HOH HOH A . 
C 3 HOH 67  1667 54   HOH HOH A . 
C 3 HOH 68  1668 108  HOH HOH A . 
C 3 HOH 69  1669 59   HOH HOH A . 
C 3 HOH 70  1670 176  HOH HOH A . 
C 3 HOH 71  1671 27   HOH HOH A . 
C 3 HOH 72  1672 1    HOH HOH A . 
C 3 HOH 73  1673 142  HOH HOH A . 
C 3 HOH 74  1674 150  HOH HOH A . 
C 3 HOH 75  1675 35   HOH HOH A . 
C 3 HOH 76  1676 105  HOH HOH A . 
C 3 HOH 77  1677 82   HOH HOH A . 
C 3 HOH 78  1678 63   HOH HOH A . 
C 3 HOH 79  1679 180  HOH HOH A . 
C 3 HOH 80  1680 91   HOH HOH A . 
C 3 HOH 81  1681 122  HOH HOH A . 
C 3 HOH 82  1682 69   HOH HOH A . 
C 3 HOH 83  1683 71   HOH HOH A . 
C 3 HOH 84  1684 80   HOH HOH A . 
C 3 HOH 85  1685 119  HOH HOH A . 
C 3 HOH 86  1686 161  HOH HOH A . 
C 3 HOH 87  1687 60   HOH HOH A . 
C 3 HOH 88  1688 52   HOH HOH A . 
C 3 HOH 89  1689 28   HOH HOH A . 
C 3 HOH 90  1690 5    HOH HOH A . 
C 3 HOH 91  1691 84   HOH HOH A . 
C 3 HOH 92  1692 81   HOH HOH A . 
C 3 HOH 93  1693 101  HOH HOH A . 
C 3 HOH 94  1694 178  HOH HOH A . 
C 3 HOH 95  1695 18   HOH HOH A . 
C 3 HOH 96  1696 158  HOH HOH A . 
C 3 HOH 97  1697 86   HOH HOH A . 
C 3 HOH 98  1698 29   HOH HOH A . 
C 3 HOH 99  1699 113  HOH HOH A . 
C 3 HOH 100 1700 23   HOH HOH A . 
C 3 HOH 101 1701 56   HOH HOH A . 
C 3 HOH 102 1702 62   HOH HOH A . 
C 3 HOH 103 1703 15   HOH HOH A . 
C 3 HOH 104 1704 90   HOH HOH A . 
C 3 HOH 105 1705 19   HOH HOH A . 
C 3 HOH 106 1706 40   HOH HOH A . 
C 3 HOH 107 1707 191  HOH HOH A . 
C 3 HOH 108 1708 138  HOH HOH A . 
C 3 HOH 109 1709 67   HOH HOH A . 
C 3 HOH 110 1710 117  HOH HOH A . 
C 3 HOH 111 1711 143  HOH HOH A . 
C 3 HOH 112 1712 129  HOH HOH A . 
C 3 HOH 113 1713 116  HOH HOH A . 
C 3 HOH 114 1714 48   HOH HOH A . 
C 3 HOH 115 1715 157  HOH HOH A . 
C 3 HOH 116 1716 134  HOH HOH A . 
C 3 HOH 117 1717 177  HOH HOH A . 
C 3 HOH 118 1718 165  HOH HOH A . 
C 3 HOH 119 1719 179  HOH HOH A . 
C 3 HOH 120 1720 2    HOH HOH A . 
C 3 HOH 121 1721 57   HOH HOH A . 
C 3 HOH 122 1722 22   HOH HOH A . 
C 3 HOH 123 1723 88   HOH HOH A . 
C 3 HOH 124 1724 118  HOH HOH A . 
C 3 HOH 125 1725 125  HOH HOH A . 
C 3 HOH 126 1726 38   HOH HOH A . 
C 3 HOH 127 1727 53   HOH HOH A . 
C 3 HOH 128 1728 109  HOH HOH A . 
C 3 HOH 129 1729 49   HOH HOH A . 
C 3 HOH 130 1730 34   HOH HOH A . 
C 3 HOH 131 1731 44   HOH HOH A . 
C 3 HOH 132 1732 131  HOH HOH A . 
C 3 HOH 133 1733 13   HOH HOH A . 
C 3 HOH 134 1734 95   HOH HOH A . 
C 3 HOH 135 1735 137  HOH HOH A . 
C 3 HOH 136 1736 146  HOH HOH A . 
C 3 HOH 137 1737 164  HOH HOH A . 
C 3 HOH 138 1738 120  HOH HOH A . 
C 3 HOH 139 1739 163  HOH HOH A . 
C 3 HOH 140 1740 106  HOH HOH A . 
C 3 HOH 141 1741 136  HOH HOH A . 
C 3 HOH 142 1742 126  HOH HOH A . 
C 3 HOH 143 1743 144  HOH HOH A . 
C 3 HOH 144 1744 153  HOH HOH A . 
C 3 HOH 145 1745 96   HOH HOH A . 
C 3 HOH 146 1746 175  HOH HOH A . 
C 3 HOH 147 1747 181  HOH HOH A . 
C 3 HOH 148 1748 127  HOH HOH A . 
C 3 HOH 149 1749 195  HOH HOH A . 
C 3 HOH 150 1750 166  HOH HOH A . 
C 3 HOH 151 1751 194  HOH HOH A . 
C 3 HOH 152 1752 202  HOH HOH A . 
C 3 HOH 153 1753 37   HOH HOH A . 
C 3 HOH 154 1754 104  HOH HOH A . 
C 3 HOH 155 1755 114  HOH HOH A . 
C 3 HOH 156 1756 8    HOH HOH A . 
C 3 HOH 157 1757 112  HOH HOH A . 
C 3 HOH 158 1758 186  HOH HOH A . 
C 3 HOH 159 1759 185  HOH HOH A . 
C 3 HOH 160 1760 93   HOH HOH A . 
C 3 HOH 161 1761 30   HOH HOH A . 
C 3 HOH 162 1762 156  HOH HOH A . 
C 3 HOH 163 1763 133  HOH HOH A . 
C 3 HOH 164 1764 115  HOH HOH A . 
C 3 HOH 165 1765 193  HOH HOH A . 
C 3 HOH 166 1766 190  HOH HOH A . 
C 3 HOH 167 1767 61   HOH HOH A . 
C 3 HOH 168 1768 107  HOH HOH A . 
C 3 HOH 169 1769 51   HOH HOH A . 
C 3 HOH 170 1770 198  HOH HOH A . 
C 3 HOH 171 1771 78   HOH HOH A . 
C 3 HOH 172 1772 132  HOH HOH A . 
C 3 HOH 173 1773 188  HOH HOH A . 
C 3 HOH 174 1774 110  HOH HOH A . 
C 3 HOH 175 1775 199  HOH HOH A . 
C 3 HOH 176 1776 68   HOH HOH A . 
C 3 HOH 177 1777 170  HOH HOH A . 
C 3 HOH 178 1778 46   HOH HOH A . 
C 3 HOH 179 1779 73   HOH HOH A . 
C 3 HOH 180 1780 168  HOH HOH A . 
C 3 HOH 181 1781 102  HOH HOH A . 
C 3 HOH 182 1782 103  HOH HOH A . 
C 3 HOH 183 1783 149  HOH HOH A . 
C 3 HOH 184 1784 196  HOH HOH A . 
C 3 HOH 185 1785 148  HOH HOH A . 
C 3 HOH 186 1786 201  HOH HOH A . 
C 3 HOH 187 1787 192  HOH HOH A . 
C 3 HOH 188 1788 111  HOH HOH A . 
C 3 HOH 189 1789 189  HOH HOH A . 
C 3 HOH 190 1790 87   HOH HOH A . 
C 3 HOH 191 1791 200  HOH HOH A . 
C 3 HOH 192 1792 97   HOH HOH A . 
C 3 HOH 193 1793 203  HOH HOH A . 
C 3 HOH 194 1794 79   HOH HOH A . 
# 
loop_
_pdbx_unobs_or_zero_occ_atoms.id 
_pdbx_unobs_or_zero_occ_atoms.PDB_model_num 
_pdbx_unobs_or_zero_occ_atoms.polymer_flag 
_pdbx_unobs_or_zero_occ_atoms.occupancy_flag 
_pdbx_unobs_or_zero_occ_atoms.auth_asym_id 
_pdbx_unobs_or_zero_occ_atoms.auth_comp_id 
_pdbx_unobs_or_zero_occ_atoms.auth_seq_id 
_pdbx_unobs_or_zero_occ_atoms.PDB_ins_code 
_pdbx_unobs_or_zero_occ_atoms.auth_atom_id 
_pdbx_unobs_or_zero_occ_atoms.label_alt_id 
_pdbx_unobs_or_zero_occ_atoms.label_asym_id 
_pdbx_unobs_or_zero_occ_atoms.label_comp_id 
_pdbx_unobs_or_zero_occ_atoms.label_seq_id 
_pdbx_unobs_or_zero_occ_atoms.label_atom_id 
1 1 Y 1 A LYS 1323 ? CE ? A LYS 32 CE 
2 1 Y 1 A LYS 1323 ? NZ ? A LYS 32 NZ 
# 
loop_
_software.pdbx_ordinal 
_software.name 
_software.version 
_software.date 
_software.type 
_software.contact_author 
_software.contact_author_email 
_software.classification 
_software.location 
_software.language 
_software.citation_id 
1 REFMAC      5.8.0267 ?               program 'Garib N. Murshudov' garib@ysbl.york.ac.uk    refinement        
http://www.ccp4.ac.uk/dist/html/refmac5.html        Fortran_77 ? 
2 Aimless     .        ?               program 'Phil Evans'         ?                        'data scaling'    
http://www.mrc-lmb.cam.ac.uk/harry/pre/aimless.html ?          ? 
3 PDB_EXTRACT 3.23     'SEP. 23, 2016' package PDB                  deposit@deposit.rcsb.org 'data extraction' 
http://sw-tools.pdb.org/apps/PDB_EXTRACT/           C++        ? 
4 XDS         .        ?               program ?                    ?                        'data reduction'  ? ?          ? 
5 REFMAC      .        ?               program ?                    ?                        phasing           ? ?          ? 
# 
_cell.entry_id           5S8Y 
_cell.length_a           80.945 
_cell.length_b           27.217 
_cell.length_c           55.874 
_cell.angle_alpha        90.000 
_cell.angle_beta         99.910 
_cell.angle_gamma        90.000 
_cell.Z_PDB              4 
_cell.pdbx_unique_axis   ? 
# 
_symmetry.entry_id                         5S8Y 
_symmetry.space_group_name_H-M             'C 1 2 1' 
_symmetry.pdbx_full_space_group_name_H-M   ? 
_symmetry.cell_setting                     ? 
_symmetry.Int_Tables_number                5 
# 
_exptl.crystals_number   1 
_exptl.entry_id          5S8Y 
_exptl.method            'X-RAY DIFFRACTION' 
# 
_exptl_crystal.id                    1 
_exptl_crystal.density_meas          ? 
_exptl_crystal.density_Matthews      1.72 
_exptl_crystal.density_percent_sol   28.48 
_exptl_crystal.description           ? 
_exptl_crystal.preparation           ? 
# 
_exptl_crystal_grow.crystal_id      1 
_exptl_crystal_grow.method          'VAPOR DIFFUSION, SITTING DROP' 
_exptl_crystal_grow.pH              5.6 
_exptl_crystal_grow.temp            277 
_exptl_crystal_grow.pdbx_details    '20% PEG 8000, 0.04M POTASSIUM PHOSPHATE' 
_exptl_crystal_grow.temp_details    ? 
_exptl_crystal_grow.pdbx_pH_range   ? 
# 
_diffrn.id                               1 
_diffrn.ambient_temp                     100 
_diffrn.crystal_id                       1 
_diffrn.ambient_temp_details             ? 
_diffrn.pdbx_serial_crystal_experiment   ? 
# 
_diffrn_detector.detector               PIXEL 
_diffrn_detector.type                   'DECTRIS PILATUS 6M' 
_diffrn_detector.pdbx_collection_date   2020-03-04 
_diffrn_detector.diffrn_id              1 
_diffrn_detector.details                ? 
# 
_diffrn_radiation.diffrn_id                        1 
_diffrn_radiation.wavelength_id                    1 
_diffrn_radiation.pdbx_diffrn_protocol             'SINGLE WAVELENGTH' 
_diffrn_radiation.pdbx_monochromatic_or_laue_m_l   ? 
_diffrn_radiation.monochromator                    ? 
_diffrn_radiation.pdbx_scattering_type             x-ray 
# 
_diffrn_radiation_wavelength.id           1 
_diffrn_radiation_wavelength.wavelength   0.9126 
_diffrn_radiation_wavelength.wt           1.0 
# 
_diffrn_source.diffrn_id                   1 
_diffrn_source.source                      SYNCHROTRON 
_diffrn_source.type                        'DIAMOND BEAMLINE I04-1' 
_diffrn_source.pdbx_wavelength_list        0.9126 
_diffrn_source.pdbx_synchrotron_site       Diamond 
_diffrn_source.pdbx_synchrotron_beamline   I04-1 
_diffrn_source.pdbx_wavelength             ? 
# 
_reflns.entry_id                     5S8Y 
_reflns.pdbx_diffrn_id               1 
_reflns.pdbx_ordinal                 1 
_reflns.observed_criterion_sigma_I   ? 
_reflns.observed_criterion_sigma_F   ? 
_reflns.d_resolution_low             55.090 
_reflns.d_resolution_high            1.240 
_reflns.number_obs                   27758 
_reflns.number_all                   ? 
_reflns.percent_possible_obs         80.700 
_reflns.pdbx_Rmerge_I_obs            0.058 
_reflns.pdbx_Rsym_value              ? 
_reflns.pdbx_netI_over_sigmaI        10.900 
_reflns.B_iso_Wilson_estimate        ? 
_reflns.pdbx_redundancy              ? 
_reflns.pdbx_Rrim_I_all              ? 
_reflns.pdbx_Rpim_I_all              ? 
_reflns.pdbx_CC_half                 1.000 
_reflns.pdbx_netI_over_av_sigmaI     ? 
_reflns.pdbx_number_measured_all     ? 
_reflns.pdbx_scaling_rejects         ? 
_reflns.pdbx_chi_squared             ? 
_reflns.Rmerge_F_all                 ? 
_reflns.Rmerge_F_obs                 ? 
_reflns.observed_criterion_F_max     ? 
_reflns.observed_criterion_F_min     ? 
_reflns.observed_criterion_I_max     ? 
_reflns.observed_criterion_I_min     ? 
_reflns.pdbx_d_res_high_opt          ? 
_reflns.pdbx_d_res_low_opt           ? 
_reflns.details                      ? 
_reflns.pdbx_CC_star                 ? 
# 
loop_
_reflns_shell.pdbx_diffrn_id 
_reflns_shell.pdbx_ordinal 
_reflns_shell.d_res_high 
_reflns_shell.d_res_low 
_reflns_shell.number_measured_obs 
_reflns_shell.number_measured_all 
_reflns_shell.number_unique_obs 
_reflns_shell.pdbx_rejects 
_reflns_shell.Rmerge_I_obs 
_reflns_shell.meanI_over_sigI_obs 
_reflns_shell.pdbx_Rsym_value 
_reflns_shell.pdbx_chi_squared 
_reflns_shell.pdbx_redundancy 
_reflns_shell.percent_possible_obs 
_reflns_shell.pdbx_netI_over_sigmaI_obs 
_reflns_shell.number_possible 
_reflns_shell.number_unique_all 
_reflns_shell.Rmerge_F_all 
_reflns_shell.Rmerge_F_obs 
_reflns_shell.Rmerge_I_all 
_reflns_shell.meanI_over_sigI_all 
_reflns_shell.percent_possible_all 
_reflns_shell.pdbx_Rrim_I_all 
_reflns_shell.pdbx_Rpim_I_all 
_reflns_shell.pdbx_CC_half 
_reflns_shell.pdbx_CC_star 
1 1 1.240 1.260  ? ? ? ? 0.477 ? ? ? ? ? 0.500  ? 334  ? ? ? ? 20.000 ? ? 0.510 ? 
1 2 3.370 55.090 ? ? ? ? 0.042 ? ? ? ? ? 34.700 ? 1816 ? ? ? ? 99.700 ? ? 1.000 ? 
# 
_refine.entry_id                                 5S8Y 
_refine.pdbx_refine_id                           'X-RAY DIFFRACTION' 
_refine.ls_d_res_high                            1.2400 
_refine.ls_d_res_low                             55.0400 
_refine.pdbx_ls_sigma_F                          0.000 
_refine.pdbx_data_cutoff_high_absF               ? 
_refine.pdbx_data_cutoff_low_absF                ? 
_refine.ls_percent_reflns_obs                    80.6300 
_refine.ls_number_reflns_obs                     26361 
_refine.ls_number_reflns_all                     ? 
_refine.pdbx_ls_cross_valid_method               THROUGHOUT 
_refine.ls_matrix_type                           ? 
_refine.pdbx_R_Free_selection_details            RANDOM 
_refine.details                                  
'HYDROGENS HAVE BEEN ADDED IN THE RIDING POSITIONS U VALUES      : REFINED INDIVIDUALLY' 
_refine.ls_R_factor_all                          ? 
_refine.ls_R_factor_obs                          0.1744 
_refine.ls_R_factor_R_work                       0.1729 
_refine.ls_wR_factor_R_work                      ? 
_refine.ls_R_factor_R_free                       0.2027 
_refine.ls_wR_factor_R_free                      ? 
_refine.ls_percent_reflns_R_free                 5.0000 
_refine.ls_number_reflns_R_free                  1397 
_refine.ls_number_reflns_R_work                  ? 
_refine.ls_R_factor_R_free_error                 ? 
_refine.B_iso_mean                               15.2260 
_refine.solvent_model_param_bsol                 ? 
_refine.solvent_model_param_ksol                 ? 
_refine.pdbx_isotropic_thermal_model             ? 
_refine.aniso_B[1][1]                            -0.1500 
_refine.aniso_B[2][2]                            0.7400 
_refine.aniso_B[3][3]                            -0.7100 
_refine.aniso_B[1][2]                            0.0000 
_refine.aniso_B[1][3]                            0.4700 
_refine.aniso_B[2][3]                            0.0000 
_refine.correlation_coeff_Fo_to_Fc               0.9680 
_refine.correlation_coeff_Fo_to_Fc_free          0.9560 
_refine.overall_SU_R_Cruickshank_DPI             ? 
_refine.pdbx_overall_SU_R_free_Cruickshank_DPI   ? 
_refine.pdbx_overall_SU_R_Blow_DPI               ? 
_refine.pdbx_overall_SU_R_free_Blow_DPI          ? 
_refine.overall_SU_R_free                        ? 
_refine.pdbx_overall_ESU_R                       0.0690 
_refine.pdbx_overall_ESU_R_Free                  0.0700 
_refine.overall_SU_ML                            0.0540 
_refine.overall_SU_B                             1.3350 
_refine.solvent_model_details                    MASK 
_refine.pdbx_solvent_vdw_probe_radii             1.2000 
_refine.pdbx_solvent_ion_probe_radii             0.8000 
_refine.pdbx_solvent_shrinkage_radii             0.8000 
_refine.ls_number_parameters                     ? 
_refine.ls_number_restraints                     ? 
_refine.pdbx_starting_model                      5RJI 
_refine.pdbx_method_to_determine_struct          'FOURIER SYNTHESIS' 
_refine.pdbx_stereochemistry_target_values       'MAXIMUM LIKELIHOOD' 
_refine.pdbx_stereochem_target_val_spec_case     ? 
_refine.overall_FOM_work_R_set                   ? 
_refine.B_iso_max                                66.660 
_refine.B_iso_min                                8.290 
_refine.pdbx_overall_phase_error                 ? 
_refine.occupancy_max                            ? 
_refine.occupancy_min                            ? 
_refine.pdbx_diffrn_id                           1 
_refine.pdbx_TLS_residual_ADP_flag               ? 
_refine.pdbx_ls_sigma_I                          ? 
_refine.pdbx_data_cutoff_high_rms_absF           ? 
_refine.ls_R_factor_R_free_error_details         ? 
# 
_refine_hist.cycle_id                         final 
_refine_hist.pdbx_refine_id                   'X-RAY DIFFRACTION' 
_refine_hist.d_res_high                       1.2400 
_refine_hist.d_res_low                        55.0400 
_refine_hist.pdbx_number_atoms_ligand         20 
_refine_hist.number_atoms_solvent             194 
_refine_hist.number_atoms_total               1204 
_refine_hist.pdbx_number_residues_total       119 
_refine_hist.pdbx_B_iso_mean_ligand           11.32 
_refine_hist.pdbx_B_iso_mean_solvent          26.54 
_refine_hist.pdbx_number_atoms_protein        990 
_refine_hist.pdbx_number_atoms_nucleic_acid   0 
# 
loop_
_refine_ls_restr.pdbx_refine_id 
_refine_ls_restr.type 
_refine_ls_restr.number 
_refine_ls_restr.dev_ideal 
_refine_ls_restr.dev_ideal_target 
_refine_ls_restr.weight 
_refine_ls_restr.pdbx_restraint_function 
'X-RAY DIFFRACTION' r_bond_refined_d       1908 0.010  0.014  ? ? 
'X-RAY DIFFRACTION' r_bond_other_d         1382 0.001  0.017  ? ? 
'X-RAY DIFFRACTION' r_angle_refined_deg    2139 1.632  1.660  ? ? 
'X-RAY DIFFRACTION' r_angle_other_deg      3250 1.530  1.618  ? ? 
'X-RAY DIFFRACTION' r_dihedral_angle_1_deg 208  5.159  5.000  ? ? 
'X-RAY DIFFRACTION' r_dihedral_angle_2_deg 86   27.694 22.442 ? ? 
'X-RAY DIFFRACTION' r_dihedral_angle_3_deg 264  13.101 15.000 ? ? 
'X-RAY DIFFRACTION' r_dihedral_angle_4_deg 12   13.509 15.000 ? ? 
'X-RAY DIFFRACTION' r_chiral_restr         191  0.087  0.200  ? ? 
'X-RAY DIFFRACTION' r_gen_planes_refined   1954 0.008  0.020  ? ? 
'X-RAY DIFFRACTION' r_gen_planes_other     354  0.002  0.020  ? ? 
'X-RAY DIFFRACTION' r_mcbond_it            929  0.902  1.414  ? ? 
'X-RAY DIFFRACTION' r_mcbond_other         916  0.909  1.399  ? ? 
'X-RAY DIFFRACTION' r_mcangle_it           978  1.513  2.035  ? ? 
# 
_refine_ls_shell.d_res_high                       1.2400 
_refine_ls_shell.d_res_low                        1.2720 
_refine_ls_shell.pdbx_total_number_of_bins_used   20 
_refine_ls_shell.percent_reflns_obs               21.6100 
_refine_ls_shell.number_reflns_R_work             516 
_refine_ls_shell.R_factor_all                     ? 
_refine_ls_shell.R_factor_R_work                  0.3860 
_refine_ls_shell.R_factor_R_free                  0.4580 
_refine_ls_shell.percent_reflns_R_free            ? 
_refine_ls_shell.number_reflns_R_free             21 
_refine_ls_shell.R_factor_R_free_error            ? 
_refine_ls_shell.number_reflns_all                537 
_refine_ls_shell.number_reflns_obs                ? 
_refine_ls_shell.pdbx_refine_id                   'X-RAY DIFFRACTION' 
_refine_ls_shell.R_factor_obs                     ? 
# 
_struct.entry_id                  5S8Y 
_struct.title                     
'PanDDA analysis group deposition -- Crystal Structure of PHIP in complex with Z198194396 synthetic derivative' 
_struct.pdbx_model_details        ? 
_struct.pdbx_CASP_flag            ? 
_struct.pdbx_model_type_details   ? 
# 
_struct_keywords.entry_id        5S8Y 
_struct_keywords.text            
;SGC - Diamond I04-1 fragment screening, PanDDA, XChemExplorer, Robotic chemistry, Crystal soaking, Reaction crudes, SIGNALING PROTEIN
;
_struct_keywords.pdbx_keywords   'SIGNALING PROTEIN' 
# 
loop_
_struct_asym.id 
_struct_asym.pdbx_blank_PDB_chainid_flag 
_struct_asym.pdbx_modified 
_struct_asym.entity_id 
_struct_asym.details 
A N N 1 ? 
B N N 2 ? 
C N N 3 ? 
# 
_struct_ref.id                         1 
_struct_ref.db_name                    UNP 
_struct_ref.db_code                    PHIP_HUMAN 
_struct_ref.pdbx_db_accession          Q8WWQ0 
_struct_ref.pdbx_db_isoform            ? 
_struct_ref.entity_id                  1 
_struct_ref.pdbx_seq_one_letter_code   
;SYDIQAWKKQCEELLNLIFQCEDSEPFRQPVDLLEYPDYRDIIDTPMDFATVRETLEAGNYESPMELCKDVRLIFSNSKA
YTPSKRSRIYSMSLRLSAFFEEHISSVLSDYKSALRFHKRNTITKR
;
_struct_ref.pdbx_align_begin           1315 
# 
_struct_ref_seq.align_id                      1 
_struct_ref_seq.ref_id                        1 
_struct_ref_seq.pdbx_PDB_id_code              5S8Y 
_struct_ref_seq.pdbx_strand_id                A 
_struct_ref_seq.seq_align_beg                 24 
_struct_ref_seq.pdbx_seq_align_beg_ins_code   ? 
_struct_ref_seq.seq_align_end                 149 
_struct_ref_seq.pdbx_seq_align_end_ins_code   ? 
_struct_ref_seq.pdbx_db_accession             Q8WWQ0 
_struct_ref_seq.db_align_beg                  1315 
_struct_ref_seq.pdbx_db_align_beg_ins_code    ? 
_struct_ref_seq.db_align_end                  1440 
_struct_ref_seq.pdbx_db_align_end_ins_code    ? 
_struct_ref_seq.pdbx_auth_seq_align_beg       1315 
_struct_ref_seq.pdbx_auth_seq_align_end       1440 
# 
loop_
_struct_ref_seq_dif.align_id 
_struct_ref_seq_dif.pdbx_pdb_id_code 
_struct_ref_seq_dif.mon_id 
_struct_ref_seq_dif.pdbx_pdb_strand_id 
_struct_ref_seq_dif.seq_num 
_struct_ref_seq_dif.pdbx_pdb_ins_code 
_struct_ref_seq_dif.pdbx_seq_db_name 
_struct_ref_seq_dif.pdbx_seq_db_accession_code 
_struct_ref_seq_dif.db_mon_id 
_struct_ref_seq_dif.pdbx_seq_db_seq_num 
_struct_ref_seq_dif.details 
_struct_ref_seq_dif.pdbx_auth_seq_num 
_struct_ref_seq_dif.pdbx_ordinal 
1 5S8Y MET A 1  ? UNP Q8WWQ0 ? ? 'initiating methionine' 1292 1  
1 5S8Y HIS A 2  ? UNP Q8WWQ0 ? ? 'expression tag'        1293 2  
1 5S8Y HIS A 3  ? UNP Q8WWQ0 ? ? 'expression tag'        1294 3  
1 5S8Y HIS A 4  ? UNP Q8WWQ0 ? ? 'expression tag'        1295 4  
1 5S8Y HIS A 5  ? UNP Q8WWQ0 ? ? 'expression tag'        1296 5  
1 5S8Y HIS A 6  ? UNP Q8WWQ0 ? ? 'expression tag'        1297 6  
1 5S8Y HIS A 7  ? UNP Q8WWQ0 ? ? 'expression tag'        1298 7  
1 5S8Y SER A 8  ? UNP Q8WWQ0 ? ? 'expression tag'        1299 8  
1 5S8Y SER A 9  ? UNP Q8WWQ0 ? ? 'expression tag'        1300 9  
1 5S8Y GLY A 10 ? UNP Q8WWQ0 ? ? 'expression tag'        1301 10 
1 5S8Y VAL A 11 ? UNP Q8WWQ0 ? ? 'expression tag'        1302 11 
1 5S8Y ASP A 12 ? UNP Q8WWQ0 ? ? 'expression tag'        1303 12 
1 5S8Y LEU A 13 ? UNP Q8WWQ0 ? ? 'expression tag'        1304 13 
1 5S8Y GLY A 14 ? UNP Q8WWQ0 ? ? 'expression tag'        1305 14 
1 5S8Y THR A 15 ? UNP Q8WWQ0 ? ? 'expression tag'        1306 15 
1 5S8Y GLU A 16 ? UNP Q8WWQ0 ? ? 'expression tag'        1307 16 
1 5S8Y ASN A 17 ? UNP Q8WWQ0 ? ? 'expression tag'        1308 17 
1 5S8Y LEU A 18 ? UNP Q8WWQ0 ? ? 'expression tag'        1309 18 
1 5S8Y TYR A 19 ? UNP Q8WWQ0 ? ? 'expression tag'        1310 19 
1 5S8Y PHE A 20 ? UNP Q8WWQ0 ? ? 'expression tag'        1311 20 
1 5S8Y GLN A 21 ? UNP Q8WWQ0 ? ? 'expression tag'        1312 21 
1 5S8Y SER A 22 ? UNP Q8WWQ0 ? ? 'expression tag'        1313 22 
1 5S8Y MET A 23 ? UNP Q8WWQ0 ? ? 'expression tag'        1314 23 
# 
_pdbx_struct_assembly.id                   1 
_pdbx_struct_assembly.details              author_and_software_defined_assembly 
_pdbx_struct_assembly.method_details       PISA 
_pdbx_struct_assembly.oligomeric_details   monomeric 
_pdbx_struct_assembly.oligomeric_count     1 
# 
_pdbx_struct_assembly_gen.assembly_id       1 
_pdbx_struct_assembly_gen.oper_expression   1 
_pdbx_struct_assembly_gen.asym_id_list      A,B,C 
# 
_pdbx_struct_oper_list.id                   1 
_pdbx_struct_oper_list.type                 'identity operation' 
_pdbx_struct_oper_list.name                 1_555 
_pdbx_struct_oper_list.symmetry_operation   x,y,z 
_pdbx_struct_oper_list.matrix[1][1]         1.0000000000 
_pdbx_struct_oper_list.matrix[1][2]         0.0000000000 
_pdbx_struct_oper_list.matrix[1][3]         0.0000000000 
_pdbx_struct_oper_list.vector[1]            0.0000000000 
_pdbx_struct_oper_list.matrix[2][1]         0.0000000000 
_pdbx_struct_oper_list.matrix[2][2]         1.0000000000 
_pdbx_struct_oper_list.matrix[2][3]         0.0000000000 
_pdbx_struct_oper_list.vector[2]            0.0000000000 
_pdbx_struct_oper_list.matrix[3][1]         0.0000000000 
_pdbx_struct_oper_list.matrix[3][2]         0.0000000000 
_pdbx_struct_oper_list.matrix[3][3]         1.0000000000 
_pdbx_struct_oper_list.vector[3]            0.0000000000 
# 
loop_
_struct_conf.conf_type_id 
_struct_conf.id 
_struct_conf.pdbx_PDB_helix_id 
_struct_conf.beg_label_comp_id 
_struct_conf.beg_label_asym_id 
_struct_conf.beg_label_seq_id 
_struct_conf.pdbx_beg_PDB_ins_code 
_struct_conf.end_label_comp_id 
_struct_conf.end_label_asym_id 
_struct_conf.end_label_seq_id 
_struct_conf.pdbx_end_PDB_ins_code 
_struct_conf.beg_auth_comp_id 
_struct_conf.beg_auth_asym_id 
_struct_conf.beg_auth_seq_id 
_struct_conf.end_auth_comp_id 
_struct_conf.end_auth_asym_id 
_struct_conf.end_auth_seq_id 
_struct_conf.pdbx_PDB_helix_class 
_struct_conf.details 
_struct_conf.pdbx_PDB_helix_length 
HELX_P HELX_P1 AA1 ALA A 29  ? CYS A 44  ? ALA A 1320 CYS A 1335 1 ? 16 
HELX_P HELX_P2 AA2 GLU A 45  ? ARG A 51  ? GLU A 1336 ARG A 1342 5 ? 7  
HELX_P HELX_P3 AA3 ASP A 61  ? ILE A 66  ? ASP A 1352 ILE A 1357 1 ? 6  
HELX_P HELX_P4 AA4 ASP A 71  ? ALA A 81  ? ASP A 1362 ALA A 1372 1 ? 11 
HELX_P HELX_P5 AA5 SER A 86  ? THR A 105 ? SER A 1377 THR A 1396 1 ? 20 
HELX_P HELX_P6 AA6 SER A 110 ? LYS A 142 ? SER A 1401 LYS A 1433 1 ? 33 
# 
_struct_conf_type.id          HELX_P 
_struct_conf_type.criteria    ? 
_struct_conf_type.reference   ? 
# 
_struct_site.id                   AC1 
_struct_site.pdbx_evidence_code   Software 
_struct_site.pdbx_auth_asym_id    A 
_struct_site.pdbx_auth_comp_id    Y1J 
_struct_site.pdbx_auth_seq_id     1501 
_struct_site.pdbx_auth_ins_code   ? 
_struct_site.pdbx_num_residues    12 
_struct_site.details              'binding site for residue Y1J A 1501' 
# 
loop_
_struct_site_gen.id 
_struct_site_gen.site_id 
_struct_site_gen.pdbx_num_res 
_struct_site_gen.label_comp_id 
_struct_site_gen.label_asym_id 
_struct_site_gen.label_seq_id 
_struct_site_gen.pdbx_auth_ins_code 
_struct_site_gen.auth_comp_id 
_struct_site_gen.auth_asym_id 
_struct_site_gen.auth_seq_id 
_struct_site_gen.label_atom_id 
_struct_site_gen.label_alt_id 
_struct_site_gen.symmetry 
_struct_site_gen.details 
1  AC1 12 PRO A 49  ? PRO A 1340 . ? 1_555 ? 
2  AC1 12 PRO A 53  ? PRO A 1344 . ? 1_555 ? 
3  AC1 12 VAL A 54  ? VAL A 1345 . ? 1_555 ? 
4  AC1 12 TYR A 59  ? TYR A 1350 . ? 1_555 ? 
5  AC1 12 SER A 101 ? SER A 1392 . ? 1_555 ? 
6  AC1 12 THR A 105 ? THR A 1396 . ? 1_555 ? 
7  AC1 12 SER A 110 ? SER A 1401 . ? 1_555 ? 
8  AC1 12 ILE A 112 ? ILE A 1403 . ? 1_555 ? 
9  AC1 12 HOH C .   ? HOH A 1616 . ? 1_555 ? 
10 AC1 12 HOH C .   ? HOH A 1626 . ? 1_555 ? 
11 AC1 12 HOH C .   ? HOH A 1658 . ? 4_456 ? 
12 AC1 12 HOH C .   ? HOH A 1695 . ? 1_555 ? 
# 
loop_
_pdbx_validate_close_contact.id 
_pdbx_validate_close_contact.PDB_model_num 
_pdbx_validate_close_contact.auth_atom_id_1 
_pdbx_validate_close_contact.auth_asym_id_1 
_pdbx_validate_close_contact.auth_comp_id_1 
_pdbx_validate_close_contact.auth_seq_id_1 
_pdbx_validate_close_contact.PDB_ins_code_1 
_pdbx_validate_close_contact.label_alt_id_1 
_pdbx_validate_close_contact.auth_atom_id_2 
_pdbx_validate_close_contact.auth_asym_id_2 
_pdbx_validate_close_contact.auth_comp_id_2 
_pdbx_validate_close_contact.auth_seq_id_2 
_pdbx_validate_close_contact.PDB_ins_code_2 
_pdbx_validate_close_contact.label_alt_id_2 
_pdbx_validate_close_contact.dist 
1 1 O   A HOH 1707 ? ? O A HOH 1708 ? ? 1.79 
2 1 O   A HOH 1638 ? ? O A HOH 1711 ? ? 1.83 
3 1 O   A HOH 1739 ? ? O A HOH 1748 ? ? 2.08 
4 1 OE1 A GLU 1339 ? ? O A HOH 1601 ? ? 2.16 
# 
_pdbx_validate_symm_contact.id                1 
_pdbx_validate_symm_contact.PDB_model_num     1 
_pdbx_validate_symm_contact.auth_atom_id_1    O 
_pdbx_validate_symm_contact.auth_asym_id_1    A 
_pdbx_validate_symm_contact.auth_comp_id_1    HOH 
_pdbx_validate_symm_contact.auth_seq_id_1     1768 
_pdbx_validate_symm_contact.PDB_ins_code_1    ? 
_pdbx_validate_symm_contact.label_alt_id_1    ? 
_pdbx_validate_symm_contact.site_symmetry_1   1_555 
_pdbx_validate_symm_contact.auth_atom_id_2    O 
_pdbx_validate_symm_contact.auth_asym_id_2    A 
_pdbx_validate_symm_contact.auth_comp_id_2    HOH 
_pdbx_validate_symm_contact.auth_seq_id_2     1771 
_pdbx_validate_symm_contact.PDB_ins_code_2    ? 
_pdbx_validate_symm_contact.label_alt_id_2    ? 
_pdbx_validate_symm_contact.site_symmetry_2   4_445 
_pdbx_validate_symm_contact.dist              2.11 
# 
loop_
_pdbx_struct_special_symmetry.id 
_pdbx_struct_special_symmetry.PDB_model_num 
_pdbx_struct_special_symmetry.auth_asym_id 
_pdbx_struct_special_symmetry.auth_comp_id 
_pdbx_struct_special_symmetry.auth_seq_id 
_pdbx_struct_special_symmetry.PDB_ins_code 
_pdbx_struct_special_symmetry.label_asym_id 
_pdbx_struct_special_symmetry.label_comp_id 
_pdbx_struct_special_symmetry.label_seq_id 
1 1 A HOH 1740 ? C HOH . 
2 1 A HOH 1788 ? C HOH . 
# 
_phasing.method   MR 
# 
loop_
_pdbx_unobs_or_zero_occ_residues.id 
_pdbx_unobs_or_zero_occ_residues.PDB_model_num 
_pdbx_unobs_or_zero_occ_residues.polymer_flag 
_pdbx_unobs_or_zero_occ_residues.occupancy_flag 
_pdbx_unobs_or_zero_occ_residues.auth_asym_id 
_pdbx_unobs_or_zero_occ_residues.auth_comp_id 
_pdbx_unobs_or_zero_occ_residues.auth_seq_id 
_pdbx_unobs_or_zero_occ_residues.PDB_ins_code 
_pdbx_unobs_or_zero_occ_residues.label_asym_id 
_pdbx_unobs_or_zero_occ_residues.label_comp_id 
_pdbx_unobs_or_zero_occ_residues.label_seq_id 
1  1 Y 1 A MET 1292 ? A MET 1   
2  1 Y 1 A HIS 1293 ? A HIS 2   
3  1 Y 1 A HIS 1294 ? A HIS 3   
4  1 Y 1 A HIS 1295 ? A HIS 4   
5  1 Y 1 A HIS 1296 ? A HIS 5   
6  1 Y 1 A HIS 1297 ? A HIS 6   
7  1 Y 1 A HIS 1298 ? A HIS 7   
8  1 Y 1 A SER 1299 ? A SER 8   
9  1 Y 1 A SER 1300 ? A SER 9   
10 1 Y 1 A GLY 1301 ? A GLY 10  
11 1 Y 1 A VAL 1302 ? A VAL 11  
12 1 Y 1 A ASP 1303 ? A ASP 12  
13 1 Y 1 A LEU 1304 ? A LEU 13  
14 1 Y 1 A GLY 1305 ? A GLY 14  
15 1 Y 1 A THR 1306 ? A THR 15  
16 1 Y 1 A GLU 1307 ? A GLU 16  
17 1 Y 1 A ASN 1308 ? A ASN 17  
18 1 Y 1 A LEU 1309 ? A LEU 18  
19 1 Y 1 A TYR 1310 ? A TYR 19  
20 1 Y 1 A PHE 1311 ? A PHE 20  
21 1 Y 1 A GLN 1312 ? A GLN 21  
22 1 Y 1 A SER 1313 ? A SER 22  
23 1 Y 1 A MET 1314 ? A MET 23  
24 1 Y 1 A SER 1315 ? A SER 24  
25 1 Y 1 A ASN 1435 ? A ASN 144 
26 1 Y 1 A THR 1436 ? A THR 145 
27 1 Y 1 A ILE 1437 ? A ILE 146 
28 1 Y 1 A THR 1438 ? A THR 147 
29 1 Y 1 A LYS 1439 ? A LYS 148 
30 1 Y 1 A ARG 1440 ? A ARG 149 
# 
loop_
_chem_comp_atom.comp_id 
_chem_comp_atom.atom_id 
_chem_comp_atom.type_symbol 
_chem_comp_atom.pdbx_aromatic_flag 
_chem_comp_atom.pdbx_stereo_config 
_chem_comp_atom.pdbx_ordinal 
ALA N    N N N 1   
ALA CA   C N S 2   
ALA C    C N N 3   
ALA O    O N N 4   
ALA CB   C N N 5   
ALA OXT  O N N 6   
ALA H    H N N 7   
ALA H2   H N N 8   
ALA HA   H N N 9   
ALA HB1  H N N 10  
ALA HB2  H N N 11  
ALA HB3  H N N 12  
ALA HXT  H N N 13  
ARG N    N N N 14  
ARG CA   C N S 15  
ARG C    C N N 16  
ARG O    O N N 17  
ARG CB   C N N 18  
ARG CG   C N N 19  
ARG CD   C N N 20  
ARG NE   N N N 21  
ARG CZ   C N N 22  
ARG NH1  N N N 23  
ARG NH2  N N N 24  
ARG OXT  O N N 25  
ARG H    H N N 26  
ARG H2   H N N 27  
ARG HA   H N N 28  
ARG HB2  H N N 29  
ARG HB3  H N N 30  
ARG HG2  H N N 31  
ARG HG3  H N N 32  
ARG HD2  H N N 33  
ARG HD3  H N N 34  
ARG HE   H N N 35  
ARG HH11 H N N 36  
ARG HH12 H N N 37  
ARG HH21 H N N 38  
ARG HH22 H N N 39  
ARG HXT  H N N 40  
ASN N    N N N 41  
ASN CA   C N S 42  
ASN C    C N N 43  
ASN O    O N N 44  
ASN CB   C N N 45  
ASN CG   C N N 46  
ASN OD1  O N N 47  
ASN ND2  N N N 48  
ASN OXT  O N N 49  
ASN H    H N N 50  
ASN H2   H N N 51  
ASN HA   H N N 52  
ASN HB2  H N N 53  
ASN HB3  H N N 54  
ASN HD21 H N N 55  
ASN HD22 H N N 56  
ASN HXT  H N N 57  
ASP N    N N N 58  
ASP CA   C N S 59  
ASP C    C N N 60  
ASP O    O N N 61  
ASP CB   C N N 62  
ASP CG   C N N 63  
ASP OD1  O N N 64  
ASP OD2  O N N 65  
ASP OXT  O N N 66  
ASP H    H N N 67  
ASP H2   H N N 68  
ASP HA   H N N 69  
ASP HB2  H N N 70  
ASP HB3  H N N 71  
ASP HD2  H N N 72  
ASP HXT  H N N 73  
CYS N    N N N 74  
CYS CA   C N R 75  
CYS C    C N N 76  
CYS O    O N N 77  
CYS CB   C N N 78  
CYS SG   S N N 79  
CYS OXT  O N N 80  
CYS H    H N N 81  
CYS H2   H N N 82  
CYS HA   H N N 83  
CYS HB2  H N N 84  
CYS HB3  H N N 85  
CYS HG   H N N 86  
CYS HXT  H N N 87  
GLN N    N N N 88  
GLN CA   C N S 89  
GLN C    C N N 90  
GLN O    O N N 91  
GLN CB   C N N 92  
GLN CG   C N N 93  
GLN CD   C N N 94  
GLN OE1  O N N 95  
GLN NE2  N N N 96  
GLN OXT  O N N 97  
GLN H    H N N 98  
GLN H2   H N N 99  
GLN HA   H N N 100 
GLN HB2  H N N 101 
GLN HB3  H N N 102 
GLN HG2  H N N 103 
GLN HG3  H N N 104 
GLN HE21 H N N 105 
GLN HE22 H N N 106 
GLN HXT  H N N 107 
GLU N    N N N 108 
GLU CA   C N S 109 
GLU C    C N N 110 
GLU O    O N N 111 
GLU CB   C N N 112 
GLU CG   C N N 113 
GLU CD   C N N 114 
GLU OE1  O N N 115 
GLU OE2  O N N 116 
GLU OXT  O N N 117 
GLU H    H N N 118 
GLU H2   H N N 119 
GLU HA   H N N 120 
GLU HB2  H N N 121 
GLU HB3  H N N 122 
GLU HG2  H N N 123 
GLU HG3  H N N 124 
GLU HE2  H N N 125 
GLU HXT  H N N 126 
GLY N    N N N 127 
GLY CA   C N N 128 
GLY C    C N N 129 
GLY O    O N N 130 
GLY OXT  O N N 131 
GLY H    H N N 132 
GLY H2   H N N 133 
GLY HA2  H N N 134 
GLY HA3  H N N 135 
GLY HXT  H N N 136 
HIS N    N N N 137 
HIS CA   C N S 138 
HIS C    C N N 139 
HIS O    O N N 140 
HIS CB   C N N 141 
HIS CG   C Y N 142 
HIS ND1  N Y N 143 
HIS CD2  C Y N 144 
HIS CE1  C Y N 145 
HIS NE2  N Y N 146 
HIS OXT  O N N 147 
HIS H    H N N 148 
HIS H2   H N N 149 
HIS HA   H N N 150 
HIS HB2  H N N 151 
HIS HB3  H N N 152 
HIS HD1  H N N 153 
HIS HD2  H N N 154 
HIS HE1  H N N 155 
HIS HE2  H N N 156 
HIS HXT  H N N 157 
HOH O    O N N 158 
HOH H1   H N N 159 
HOH H2   H N N 160 
ILE N    N N N 161 
ILE CA   C N S 162 
ILE C    C N N 163 
ILE O    O N N 164 
ILE CB   C N S 165 
ILE CG1  C N N 166 
ILE CG2  C N N 167 
ILE CD1  C N N 168 
ILE OXT  O N N 169 
ILE H    H N N 170 
ILE H2   H N N 171 
ILE HA   H N N 172 
ILE HB   H N N 173 
ILE HG12 H N N 174 
ILE HG13 H N N 175 
ILE HG21 H N N 176 
ILE HG22 H N N 177 
ILE HG23 H N N 178 
ILE HD11 H N N 179 
ILE HD12 H N N 180 
ILE HD13 H N N 181 
ILE HXT  H N N 182 
LEU N    N N N 183 
LEU CA   C N S 184 
LEU C    C N N 185 
LEU O    O N N 186 
LEU CB   C N N 187 
LEU CG   C N N 188 
LEU CD1  C N N 189 
LEU CD2  C N N 190 
LEU OXT  O N N 191 
LEU H    H N N 192 
LEU H2   H N N 193 
LEU HA   H N N 194 
LEU HB2  H N N 195 
LEU HB3  H N N 196 
LEU HG   H N N 197 
LEU HD11 H N N 198 
LEU HD12 H N N 199 
LEU HD13 H N N 200 
LEU HD21 H N N 201 
LEU HD22 H N N 202 
LEU HD23 H N N 203 
LEU HXT  H N N 204 
LYS N    N N N 205 
LYS CA   C N S 206 
LYS C    C N N 207 
LYS O    O N N 208 
LYS CB   C N N 209 
LYS CG   C N N 210 
LYS CD   C N N 211 
LYS CE   C N N 212 
LYS NZ   N N N 213 
LYS OXT  O N N 214 
LYS H    H N N 215 
LYS H2   H N N 216 
LYS HA   H N N 217 
LYS HB2  H N N 218 
LYS HB3  H N N 219 
LYS HG2  H N N 220 
LYS HG3  H N N 221 
LYS HD2  H N N 222 
LYS HD3  H N N 223 
LYS HE2  H N N 224 
LYS HE3  H N N 225 
LYS HZ1  H N N 226 
LYS HZ2  H N N 227 
LYS HZ3  H N N 228 
LYS HXT  H N N 229 
MET N    N N N 230 
MET CA   C N S 231 
MET C    C N N 232 
MET O    O N N 233 
MET CB   C N N 234 
MET CG   C N N 235 
MET SD   S N N 236 
MET CE   C N N 237 
MET OXT  O N N 238 
MET H    H N N 239 
MET H2   H N N 240 
MET HA   H N N 241 
MET HB2  H N N 242 
MET HB3  H N N 243 
MET HG2  H N N 244 
MET HG3  H N N 245 
MET HE1  H N N 246 
MET HE2  H N N 247 
MET HE3  H N N 248 
MET HXT  H N N 249 
PHE N    N N N 250 
PHE CA   C N S 251 
PHE C    C N N 252 
PHE O    O N N 253 
PHE CB   C N N 254 
PHE CG   C Y N 255 
PHE CD1  C Y N 256 
PHE CD2  C Y N 257 
PHE CE1  C Y N 258 
PHE CE2  C Y N 259 
PHE CZ   C Y N 260 
PHE OXT  O N N 261 
PHE H    H N N 262 
PHE H2   H N N 263 
PHE HA   H N N 264 
PHE HB2  H N N 265 
PHE HB3  H N N 266 
PHE HD1  H N N 267 
PHE HD2  H N N 268 
PHE HE1  H N N 269 
PHE HE2  H N N 270 
PHE HZ   H N N 271 
PHE HXT  H N N 272 
PRO N    N N N 273 
PRO CA   C N S 274 
PRO C    C N N 275 
PRO O    O N N 276 
PRO CB   C N N 277 
PRO CG   C N N 278 
PRO CD   C N N 279 
PRO OXT  O N N 280 
PRO H    H N N 281 
PRO HA   H N N 282 
PRO HB2  H N N 283 
PRO HB3  H N N 284 
PRO HG2  H N N 285 
PRO HG3  H N N 286 
PRO HD2  H N N 287 
PRO HD3  H N N 288 
PRO HXT  H N N 289 
SER N    N N N 290 
SER CA   C N S 291 
SER C    C N N 292 
SER O    O N N 293 
SER CB   C N N 294 
SER OG   O N N 295 
SER OXT  O N N 296 
SER H    H N N 297 
SER H2   H N N 298 
SER HA   H N N 299 
SER HB2  H N N 300 
SER HB3  H N N 301 
SER HG   H N N 302 
SER HXT  H N N 303 
THR N    N N N 304 
THR CA   C N S 305 
THR C    C N N 306 
THR O    O N N 307 
THR CB   C N R 308 
THR OG1  O N N 309 
THR CG2  C N N 310 
THR OXT  O N N 311 
THR H    H N N 312 
THR H2   H N N 313 
THR HA   H N N 314 
THR HB   H N N 315 
THR HG1  H N N 316 
THR HG21 H N N 317 
THR HG22 H N N 318 
THR HG23 H N N 319 
THR HXT  H N N 320 
TRP N    N N N 321 
TRP CA   C N S 322 
TRP C    C N N 323 
TRP O    O N N 324 
TRP CB   C N N 325 
TRP CG   C Y N 326 
TRP CD1  C Y N 327 
TRP CD2  C Y N 328 
TRP NE1  N Y N 329 
TRP CE2  C Y N 330 
TRP CE3  C Y N 331 
TRP CZ2  C Y N 332 
TRP CZ3  C Y N 333 
TRP CH2  C Y N 334 
TRP OXT  O N N 335 
TRP H    H N N 336 
TRP H2   H N N 337 
TRP HA   H N N 338 
TRP HB2  H N N 339 
TRP HB3  H N N 340 
TRP HD1  H N N 341 
TRP HE1  H N N 342 
TRP HE3  H N N 343 
TRP HZ2  H N N 344 
TRP HZ3  H N N 345 
TRP HH2  H N N 346 
TRP HXT  H N N 347 
TYR N    N N N 348 
TYR CA   C N S 349 
TYR C    C N N 350 
TYR O    O N N 351 
TYR CB   C N N 352 
TYR CG   C Y N 353 
TYR CD1  C Y N 354 
TYR CD2  C Y N 355 
TYR CE1  C Y N 356 
TYR CE2  C Y N 357 
TYR CZ   C Y N 358 
TYR OH   O N N 359 
TYR OXT  O N N 360 
TYR H    H N N 361 
TYR H2   H N N 362 
TYR HA   H N N 363 
TYR HB2  H N N 364 
TYR HB3  H N N 365 
TYR HD1  H N N 366 
TYR HD2  H N N 367 
TYR HE1  H N N 368 
TYR HE2  H N N 369 
TYR HH   H N N 370 
TYR HXT  H N N 371 
VAL N    N N N 372 
VAL CA   C N S 373 
VAL C    C N N 374 
VAL O    O N N 375 
VAL CB   C N N 376 
VAL CG1  C N N 377 
VAL CG2  C N N 378 
VAL OXT  O N N 379 
VAL H    H N N 380 
VAL H2   H N N 381 
VAL HA   H N N 382 
VAL HB   H N N 383 
VAL HG11 H N N 384 
VAL HG12 H N N 385 
VAL HG13 H N N 386 
VAL HG21 H N N 387 
VAL HG22 H N N 388 
VAL HG23 H N N 389 
VAL HXT  H N N 390 
Y1J N1   N N N 391 
Y1J C4   C N N 392 
Y1J C5   C N N 393 
Y1J C6   C N N 394 
Y1J C7   C N N 395 
Y1J C8   C Y N 396 
Y1J C10  C Y N 397 
Y1J C13  C N N 398 
Y1J N    N N N 399 
Y1J C    C N N 400 
Y1J O    O N N 401 
Y1J C1   C N N 402 
Y1J C11  C Y N 403 
Y1J C12  C N N 404 
Y1J C2   C N N 405 
Y1J C3   C N N 406 
Y1J C9   C Y N 407 
Y1J N2   N N N 408 
Y1J O1   O N N 409 
Y1J O2   O Y N 410 
Y1J H6   H N N 411 
Y1J H7   H N N 412 
Y1J H8   H N N 413 
Y1J H9   H N N 414 
Y1J H11  H N N 415 
Y1J H10  H N N 416 
Y1J H13  H N N 417 
Y1J H18  H N N 418 
Y1J H17  H N N 419 
Y1J H    H N N 420 
Y1J H1   H N N 421 
Y1J H2   H N N 422 
Y1J H14  H N N 423 
Y1J H15  H N N 424 
Y1J H16  H N N 425 
Y1J H3   H N N 426 
Y1J H4   H N N 427 
Y1J H5   H N N 428 
Y1J H12  H N N 429 
# 
loop_
_chem_comp_bond.comp_id 
_chem_comp_bond.atom_id_1 
_chem_comp_bond.atom_id_2 
_chem_comp_bond.value_order 
_chem_comp_bond.pdbx_aromatic_flag 
_chem_comp_bond.pdbx_stereo_config 
_chem_comp_bond.pdbx_ordinal 
ALA N   CA   sing N N 1   
ALA N   H    sing N N 2   
ALA N   H2   sing N N 3   
ALA CA  C    sing N N 4   
ALA CA  CB   sing N N 5   
ALA CA  HA   sing N N 6   
ALA C   O    doub N N 7   
ALA C   OXT  sing N N 8   
ALA CB  HB1  sing N N 9   
ALA CB  HB2  sing N N 10  
ALA CB  HB3  sing N N 11  
ALA OXT HXT  sing N N 12  
ARG N   CA   sing N N 13  
ARG N   H    sing N N 14  
ARG N   H2   sing N N 15  
ARG CA  C    sing N N 16  
ARG CA  CB   sing N N 17  
ARG CA  HA   sing N N 18  
ARG C   O    doub N N 19  
ARG C   OXT  sing N N 20  
ARG CB  CG   sing N N 21  
ARG CB  HB2  sing N N 22  
ARG CB  HB3  sing N N 23  
ARG CG  CD   sing N N 24  
ARG CG  HG2  sing N N 25  
ARG CG  HG3  sing N N 26  
ARG CD  NE   sing N N 27  
ARG CD  HD2  sing N N 28  
ARG CD  HD3  sing N N 29  
ARG NE  CZ   sing N N 30  
ARG NE  HE   sing N N 31  
ARG CZ  NH1  sing N N 32  
ARG CZ  NH2  doub N N 33  
ARG NH1 HH11 sing N N 34  
ARG NH1 HH12 sing N N 35  
ARG NH2 HH21 sing N N 36  
ARG NH2 HH22 sing N N 37  
ARG OXT HXT  sing N N 38  
ASN N   CA   sing N N 39  
ASN N   H    sing N N 40  
ASN N   H2   sing N N 41  
ASN CA  C    sing N N 42  
ASN CA  CB   sing N N 43  
ASN CA  HA   sing N N 44  
ASN C   O    doub N N 45  
ASN C   OXT  sing N N 46  
ASN CB  CG   sing N N 47  
ASN CB  HB2  sing N N 48  
ASN CB  HB3  sing N N 49  
ASN CG  OD1  doub N N 50  
ASN CG  ND2  sing N N 51  
ASN ND2 HD21 sing N N 52  
ASN ND2 HD22 sing N N 53  
ASN OXT HXT  sing N N 54  
ASP N   CA   sing N N 55  
ASP N   H    sing N N 56  
ASP N   H2   sing N N 57  
ASP CA  C    sing N N 58  
ASP CA  CB   sing N N 59  
ASP CA  HA   sing N N 60  
ASP C   O    doub N N 61  
ASP C   OXT  sing N N 62  
ASP CB  CG   sing N N 63  
ASP CB  HB2  sing N N 64  
ASP CB  HB3  sing N N 65  
ASP CG  OD1  doub N N 66  
ASP CG  OD2  sing N N 67  
ASP OD2 HD2  sing N N 68  
ASP OXT HXT  sing N N 69  
CYS N   CA   sing N N 70  
CYS N   H    sing N N 71  
CYS N   H2   sing N N 72  
CYS CA  C    sing N N 73  
CYS CA  CB   sing N N 74  
CYS CA  HA   sing N N 75  
CYS C   O    doub N N 76  
CYS C   OXT  sing N N 77  
CYS CB  SG   sing N N 78  
CYS CB  HB2  sing N N 79  
CYS CB  HB3  sing N N 80  
CYS SG  HG   sing N N 81  
CYS OXT HXT  sing N N 82  
GLN N   CA   sing N N 83  
GLN N   H    sing N N 84  
GLN N   H2   sing N N 85  
GLN CA  C    sing N N 86  
GLN CA  CB   sing N N 87  
GLN CA  HA   sing N N 88  
GLN C   O    doub N N 89  
GLN C   OXT  sing N N 90  
GLN CB  CG   sing N N 91  
GLN CB  HB2  sing N N 92  
GLN CB  HB3  sing N N 93  
GLN CG  CD   sing N N 94  
GLN CG  HG2  sing N N 95  
GLN CG  HG3  sing N N 96  
GLN CD  OE1  doub N N 97  
GLN CD  NE2  sing N N 98  
GLN NE2 HE21 sing N N 99  
GLN NE2 HE22 sing N N 100 
GLN OXT HXT  sing N N 101 
GLU N   CA   sing N N 102 
GLU N   H    sing N N 103 
GLU N   H2   sing N N 104 
GLU CA  C    sing N N 105 
GLU CA  CB   sing N N 106 
GLU CA  HA   sing N N 107 
GLU C   O    doub N N 108 
GLU C   OXT  sing N N 109 
GLU CB  CG   sing N N 110 
GLU CB  HB2  sing N N 111 
GLU CB  HB3  sing N N 112 
GLU CG  CD   sing N N 113 
GLU CG  HG2  sing N N 114 
GLU CG  HG3  sing N N 115 
GLU CD  OE1  doub N N 116 
GLU CD  OE2  sing N N 117 
GLU OE2 HE2  sing N N 118 
GLU OXT HXT  sing N N 119 
GLY N   CA   sing N N 120 
GLY N   H    sing N N 121 
GLY N   H2   sing N N 122 
GLY CA  C    sing N N 123 
GLY CA  HA2  sing N N 124 
GLY CA  HA3  sing N N 125 
GLY C   O    doub N N 126 
GLY C   OXT  sing N N 127 
GLY OXT HXT  sing N N 128 
HIS N   CA   sing N N 129 
HIS N   H    sing N N 130 
HIS N   H2   sing N N 131 
HIS CA  C    sing N N 132 
HIS CA  CB   sing N N 133 
HIS CA  HA   sing N N 134 
HIS C   O    doub N N 135 
HIS C   OXT  sing N N 136 
HIS CB  CG   sing N N 137 
HIS CB  HB2  sing N N 138 
HIS CB  HB3  sing N N 139 
HIS CG  ND1  sing Y N 140 
HIS CG  CD2  doub Y N 141 
HIS ND1 CE1  doub Y N 142 
HIS ND1 HD1  sing N N 143 
HIS CD2 NE2  sing Y N 144 
HIS CD2 HD2  sing N N 145 
HIS CE1 NE2  sing Y N 146 
HIS CE1 HE1  sing N N 147 
HIS NE2 HE2  sing N N 148 
HIS OXT HXT  sing N N 149 
HOH O   H1   sing N N 150 
HOH O   H2   sing N N 151 
ILE N   CA   sing N N 152 
ILE N   H    sing N N 153 
ILE N   H2   sing N N 154 
ILE CA  C    sing N N 155 
ILE CA  CB   sing N N 156 
ILE CA  HA   sing N N 157 
ILE C   O    doub N N 158 
ILE C   OXT  sing N N 159 
ILE CB  CG1  sing N N 160 
ILE CB  CG2  sing N N 161 
ILE CB  HB   sing N N 162 
ILE CG1 CD1  sing N N 163 
ILE CG1 HG12 sing N N 164 
ILE CG1 HG13 sing N N 165 
ILE CG2 HG21 sing N N 166 
ILE CG2 HG22 sing N N 167 
ILE CG2 HG23 sing N N 168 
ILE CD1 HD11 sing N N 169 
ILE CD1 HD12 sing N N 170 
ILE CD1 HD13 sing N N 171 
ILE OXT HXT  sing N N 172 
LEU N   CA   sing N N 173 
LEU N   H    sing N N 174 
LEU N   H2   sing N N 175 
LEU CA  C    sing N N 176 
LEU CA  CB   sing N N 177 
LEU CA  HA   sing N N 178 
LEU C   O    doub N N 179 
LEU C   OXT  sing N N 180 
LEU CB  CG   sing N N 181 
LEU CB  HB2  sing N N 182 
LEU CB  HB3  sing N N 183 
LEU CG  CD1  sing N N 184 
LEU CG  CD2  sing N N 185 
LEU CG  HG   sing N N 186 
LEU CD1 HD11 sing N N 187 
LEU CD1 HD12 sing N N 188 
LEU CD1 HD13 sing N N 189 
LEU CD2 HD21 sing N N 190 
LEU CD2 HD22 sing N N 191 
LEU CD2 HD23 sing N N 192 
LEU OXT HXT  sing N N 193 
LYS N   CA   sing N N 194 
LYS N   H    sing N N 195 
LYS N   H2   sing N N 196 
LYS CA  C    sing N N 197 
LYS CA  CB   sing N N 198 
LYS CA  HA   sing N N 199 
LYS C   O    doub N N 200 
LYS C   OXT  sing N N 201 
LYS CB  CG   sing N N 202 
LYS CB  HB2  sing N N 203 
LYS CB  HB3  sing N N 204 
LYS CG  CD   sing N N 205 
LYS CG  HG2  sing N N 206 
LYS CG  HG3  sing N N 207 
LYS CD  CE   sing N N 208 
LYS CD  HD2  sing N N 209 
LYS CD  HD3  sing N N 210 
LYS CE  NZ   sing N N 211 
LYS CE  HE2  sing N N 212 
LYS CE  HE3  sing N N 213 
LYS NZ  HZ1  sing N N 214 
LYS NZ  HZ2  sing N N 215 
LYS NZ  HZ3  sing N N 216 
LYS OXT HXT  sing N N 217 
MET N   CA   sing N N 218 
MET N   H    sing N N 219 
MET N   H2   sing N N 220 
MET CA  C    sing N N 221 
MET CA  CB   sing N N 222 
MET CA  HA   sing N N 223 
MET C   O    doub N N 224 
MET C   OXT  sing N N 225 
MET CB  CG   sing N N 226 
MET CB  HB2  sing N N 227 
MET CB  HB3  sing N N 228 
MET CG  SD   sing N N 229 
MET CG  HG2  sing N N 230 
MET CG  HG3  sing N N 231 
MET SD  CE   sing N N 232 
MET CE  HE1  sing N N 233 
MET CE  HE2  sing N N 234 
MET CE  HE3  sing N N 235 
MET OXT HXT  sing N N 236 
PHE N   CA   sing N N 237 
PHE N   H    sing N N 238 
PHE N   H2   sing N N 239 
PHE CA  C    sing N N 240 
PHE CA  CB   sing N N 241 
PHE CA  HA   sing N N 242 
PHE C   O    doub N N 243 
PHE C   OXT  sing N N 244 
PHE CB  CG   sing N N 245 
PHE CB  HB2  sing N N 246 
PHE CB  HB3  sing N N 247 
PHE CG  CD1  doub Y N 248 
PHE CG  CD2  sing Y N 249 
PHE CD1 CE1  sing Y N 250 
PHE CD1 HD1  sing N N 251 
PHE CD2 CE2  doub Y N 252 
PHE CD2 HD2  sing N N 253 
PHE CE1 CZ   doub Y N 254 
PHE CE1 HE1  sing N N 255 
PHE CE2 CZ   sing Y N 256 
PHE CE2 HE2  sing N N 257 
PHE CZ  HZ   sing N N 258 
PHE OXT HXT  sing N N 259 
PRO N   CA   sing N N 260 
PRO N   CD   sing N N 261 
PRO N   H    sing N N 262 
PRO CA  C    sing N N 263 
PRO CA  CB   sing N N 264 
PRO CA  HA   sing N N 265 
PRO C   O    doub N N 266 
PRO C   OXT  sing N N 267 
PRO CB  CG   sing N N 268 
PRO CB  HB2  sing N N 269 
PRO CB  HB3  sing N N 270 
PRO CG  CD   sing N N 271 
PRO CG  HG2  sing N N 272 
PRO CG  HG3  sing N N 273 
PRO CD  HD2  sing N N 274 
PRO CD  HD3  sing N N 275 
PRO OXT HXT  sing N N 276 
SER N   CA   sing N N 277 
SER N   H    sing N N 278 
SER N   H2   sing N N 279 
SER CA  C    sing N N 280 
SER CA  CB   sing N N 281 
SER CA  HA   sing N N 282 
SER C   O    doub N N 283 
SER C   OXT  sing N N 284 
SER CB  OG   sing N N 285 
SER CB  HB2  sing N N 286 
SER CB  HB3  sing N N 287 
SER OG  HG   sing N N 288 
SER OXT HXT  sing N N 289 
THR N   CA   sing N N 290 
THR N   H    sing N N 291 
THR N   H2   sing N N 292 
THR CA  C    sing N N 293 
THR CA  CB   sing N N 294 
THR CA  HA   sing N N 295 
THR C   O    doub N N 296 
THR C   OXT  sing N N 297 
THR CB  OG1  sing N N 298 
THR CB  CG2  sing N N 299 
THR CB  HB   sing N N 300 
THR OG1 HG1  sing N N 301 
THR CG2 HG21 sing N N 302 
THR CG2 HG22 sing N N 303 
THR CG2 HG23 sing N N 304 
THR OXT HXT  sing N N 305 
TRP N   CA   sing N N 306 
TRP N   H    sing N N 307 
TRP N   H2   sing N N 308 
TRP CA  C    sing N N 309 
TRP CA  CB   sing N N 310 
TRP CA  HA   sing N N 311 
TRP C   O    doub N N 312 
TRP C   OXT  sing N N 313 
TRP CB  CG   sing N N 314 
TRP CB  HB2  sing N N 315 
TRP CB  HB3  sing N N 316 
TRP CG  CD1  doub Y N 317 
TRP CG  CD2  sing Y N 318 
TRP CD1 NE1  sing Y N 319 
TRP CD1 HD1  sing N N 320 
TRP CD2 CE2  doub Y N 321 
TRP CD2 CE3  sing Y N 322 
TRP NE1 CE2  sing Y N 323 
TRP NE1 HE1  sing N N 324 
TRP CE2 CZ2  sing Y N 325 
TRP CE3 CZ3  doub Y N 326 
TRP CE3 HE3  sing N N 327 
TRP CZ2 CH2  doub Y N 328 
TRP CZ2 HZ2  sing N N 329 
TRP CZ3 CH2  sing Y N 330 
TRP CZ3 HZ3  sing N N 331 
TRP CH2 HH2  sing N N 332 
TRP OXT HXT  sing N N 333 
TYR N   CA   sing N N 334 
TYR N   H    sing N N 335 
TYR N   H2   sing N N 336 
TYR CA  C    sing N N 337 
TYR CA  CB   sing N N 338 
TYR CA  HA   sing N N 339 
TYR C   O    doub N N 340 
TYR C   OXT  sing N N 341 
TYR CB  CG   sing N N 342 
TYR CB  HB2  sing N N 343 
TYR CB  HB3  sing N N 344 
TYR CG  CD1  doub Y N 345 
TYR CG  CD2  sing Y N 346 
TYR CD1 CE1  sing Y N 347 
TYR CD1 HD1  sing N N 348 
TYR CD2 CE2  doub Y N 349 
TYR CD2 HD2  sing N N 350 
TYR CE1 CZ   doub Y N 351 
TYR CE1 HE1  sing N N 352 
TYR CE2 CZ   sing Y N 353 
TYR CE2 HE2  sing N N 354 
TYR CZ  OH   sing N N 355 
TYR OH  HH   sing N N 356 
TYR OXT HXT  sing N N 357 
VAL N   CA   sing N N 358 
VAL N   H    sing N N 359 
VAL N   H2   sing N N 360 
VAL CA  C    sing N N 361 
VAL CA  CB   sing N N 362 
VAL CA  HA   sing N N 363 
VAL C   O    doub N N 364 
VAL C   OXT  sing N N 365 
VAL CB  CG1  sing N N 366 
VAL CB  CG2  sing N N 367 
VAL CB  HB   sing N N 368 
VAL CG1 HG11 sing N N 369 
VAL CG1 HG12 sing N N 370 
VAL CG1 HG13 sing N N 371 
VAL CG2 HG21 sing N N 372 
VAL CG2 HG22 sing N N 373 
VAL CG2 HG23 sing N N 374 
VAL OXT HXT  sing N N 375 
Y1J O   C    doub N N 376 
Y1J N   C    sing N N 377 
Y1J C1  N    sing N N 378 
Y1J C2  C1   sing N N 379 
Y1J C2  C3   sing N N 380 
Y1J C3  C4   sing N N 381 
Y1J C4  C2   sing N N 382 
Y1J C   N1   sing N N 383 
Y1J N1  C5   sing N N 384 
Y1J C5  C6   sing N N 385 
Y1J C6  N2   sing N N 386 
Y1J N2  C7   sing N N 387 
Y1J C7  O1   doub N N 388 
Y1J C8  C7   sing N N 389 
Y1J C8  C9   doub Y N 390 
Y1J C9  C10  sing Y N 391 
Y1J C10 C11  doub Y N 392 
Y1J C11 O2   sing Y N 393 
Y1J O2  C8   sing Y N 394 
Y1J C12 N2   sing N N 395 
Y1J C13 C12  sing N N 396 
Y1J N1  C13  sing N N 397 
Y1J C4  H6   sing N N 398 
Y1J C4  H7   sing N N 399 
Y1J C5  H8   sing N N 400 
Y1J C5  H9   sing N N 401 
Y1J C6  H11  sing N N 402 
Y1J C6  H10  sing N N 403 
Y1J C10 H13  sing N N 404 
Y1J C13 H18  sing N N 405 
Y1J C13 H17  sing N N 406 
Y1J N   H    sing N N 407 
Y1J C1  H1   sing N N 408 
Y1J C1  H2   sing N N 409 
Y1J C11 H14  sing N N 410 
Y1J C12 H15  sing N N 411 
Y1J C12 H16  sing N N 412 
Y1J C2  H3   sing N N 413 
Y1J C3  H4   sing N N 414 
Y1J C3  H5   sing N N 415 
Y1J C9  H12  sing N N 416 
# 
_pdbx_deposit_group.group_id            G_1002190 
_pdbx_deposit_group.group_description   
;XDomainX of XOrganismX PHIP screened against crude reaction mixtures by X-ray Crystallography at the XChem facility of Diamond Light Source beamline I04-1
;
_pdbx_deposit_group.group_title         'PanDDA analysis group deposition' 
_pdbx_deposit_group.group_type          'changed state' 
# 
_atom_sites.entry_id                    5S8Y 
_atom_sites.fract_transf_matrix[1][1]   -0.01080313 
_atom_sites.fract_transf_matrix[1][2]   0.00208992 
_atom_sites.fract_transf_matrix[1][3]   0.00601724 
_atom_sites.fract_transf_matrix[2][1]   -0.00585722 
_atom_sites.fract_transf_matrix[2][2]   -0.03621348 
_atom_sites.fract_transf_matrix[2][3]   0.00206193 
_atom_sites.fract_transf_matrix[3][1]   0.00593679 
_atom_sites.fract_transf_matrix[3][2]   0.00001750 
_atom_sites.fract_transf_matrix[3][3]   0.01717169 
_atom_sites.fract_transf_vector[1]      -0.147520 
_atom_sites.fract_transf_vector[2]      0.459340 
_atom_sites.fract_transf_vector[3]      0.231196 
# 
loop_
_atom_type.symbol 
C 
N 
O 
S 
# 
loop_
_atom_site.group_PDB 
_atom_site.id 
_atom_site.type_symbol 
_atom_site.label_atom_id 
_atom_site.label_alt_id 
_atom_site.label_comp_id 
_atom_site.label_asym_id 
_atom_site.label_entity_id 
_atom_site.label_seq_id 
_atom_site.pdbx_PDB_ins_code 
_atom_site.Cartn_x 
_atom_site.Cartn_y 
_atom_site.Cartn_z 
_atom_site.occupancy 
_atom_site.B_iso_or_equiv 
_atom_site.pdbx_formal_charge 
_atom_site.auth_seq_id 
_atom_site.auth_comp_id 
_atom_site.auth_asym_id 
_atom_site.auth_atom_id 
_atom_site.pdbx_PDB_model_num 
ATOM   1    N N   . TYR A 1 25  ? -13.352 1.237   -20.149 1.00 18.31 ? 1316 TYR A N   1 
ATOM   2    C CA  . TYR A 1 25  ? -13.703 2.578   -19.599 1.00 15.15 ? 1316 TYR A CA  1 
ATOM   3    C C   . TYR A 1 25  ? -14.589 2.362   -18.364 1.00 13.30 ? 1316 TYR A C   1 
ATOM   4    O O   . TYR A 1 25  ? -15.364 3.211   -18.031 1.00 12.51 ? 1316 TYR A O   1 
ATOM   5    C CB  . TYR A 1 25  ? -14.380 3.504   -20.595 1.00 17.57 ? 1316 TYR A CB  1 
ATOM   6    C CG  . TYR A 1 25  ? -13.577 3.817   -21.827 1.00 16.77 ? 1316 TYR A CG  1 
ATOM   7    C CD1 . TYR A 1 25  ? -12.312 4.378   -21.749 1.00 16.25 ? 1316 TYR A CD1 1 
ATOM   8    C CD2 . TYR A 1 25  ? -14.125 3.595   -23.072 1.00 16.45 ? 1316 TYR A CD2 1 
ATOM   9    C CE1 . TYR A 1 25  ? -11.581 4.651   -22.887 1.00 16.21 ? 1316 TYR A CE1 1 
ATOM   10   C CE2 . TYR A 1 25  ? -13.427 3.927   -24.228 1.00 17.46 ? 1316 TYR A CE2 1 
ATOM   11   C CZ  . TYR A 1 25  ? -12.152 4.444   -24.127 1.00 16.41 ? 1316 TYR A CZ  1 
ATOM   12   O OH  . TYR A 1 25  ? -11.441 4.784   -25.263 1.00 19.26 ? 1316 TYR A OH  1 
ATOM   13   N N   . ASP A 1 26  ? -14.332 1.274   -17.653 1.00 12.13 ? 1317 ASP A N   1 
ATOM   14   C CA  . ASP A 1 26  ? -15.116 0.922   -16.435 1.00 11.40 ? 1317 ASP A CA  1 
ATOM   15   C C   . ASP A 1 26  ? -14.536 1.708   -15.270 1.00 12.08 ? 1317 ASP A C   1 
ATOM   16   O O   . ASP A 1 26  ? -13.393 1.364   -14.818 1.00 11.91 ? 1317 ASP A O   1 
ATOM   17   C CB  . ASP A 1 26  ? -15.100 -0.571  -16.192 1.00 12.18 ? 1317 ASP A CB  1 
ATOM   18   C CG  . ASP A 1 26  ? -15.874 -1.040  -14.975 1.00 11.58 ? 1317 ASP A CG  1 
ATOM   19   O OD1 . ASP A 1 26  ? -16.163 -0.197  -14.100 1.00 12.38 ? 1317 ASP A OD1 1 
ATOM   20   O OD2 . ASP A 1 26  ? -16.250 -2.251  -14.976 1.00 15.57 ? 1317 ASP A OD2 1 
ATOM   21   N N   . ILE A 1 27  ? -15.278 2.708   -14.801 1.00 10.26 ? 1318 ILE A N   1 
ATOM   22   C CA  . ILE A 1 27  ? -14.857 3.649   -13.728 1.00 11.38 ? 1318 ILE A CA  1 
ATOM   23   C C   . ILE A 1 27  ? -14.743 2.884   -12.403 1.00 10.87 ? 1318 ILE A C   1 
ATOM   24   O O   . ILE A 1 27  ? -14.050 3.402   -11.546 1.00 11.69 ? 1318 ILE A O   1 
ATOM   25   C CB  . ILE A 1 27  ? -15.871 4.793   -13.610 1.00 13.57 ? 1318 ILE A CB  1 
ATOM   26   C CG1 . ILE A 1 27  ? -15.961 5.564   -14.930 1.00 15.46 ? 1318 ILE A CG1 1 
ATOM   27   C CG2 . ILE A 1 27  ? -15.594 5.702   -12.421 1.00 15.73 ? 1318 ILE A CG2 1 
ATOM   28   C CD1 . ILE A 1 27  ? -17.216 6.400   -15.027 1.00 17.21 ? 1318 ILE A CD1 1 
ATOM   29   N N   . GLN A 1 28  ? -15.391 1.731   -12.249 1.00 9.95  ? 1319 GLN A N   1 
ATOM   30   C CA  . GLN A 1 28  ? -15.390 0.992   -10.952 1.00 9.84  ? 1319 GLN A CA  1 
ATOM   31   C C   . GLN A 1 28  ? -14.346 -0.122  -10.944 1.00 10.39 ? 1319 GLN A C   1 
ATOM   32   O O   . GLN A 1 28  ? -14.151 -0.722  -9.882  1.00 10.78 ? 1319 GLN A O   1 
ATOM   33   C CB  . GLN A 1 28  ? -16.774 0.412   -10.635 1.00 10.61 ? 1319 GLN A CB  1 
ATOM   34   C CG  . GLN A 1 28  ? -17.763 1.456   -10.145 1.00 11.70 ? 1319 GLN A CG  1 
ATOM   35   C CD  . GLN A 1 28  ? -18.574 2.099   -11.247 1.00 11.08 ? 1319 GLN A CD  1 
ATOM   36   O OE1 . GLN A 1 28  ? -19.195 1.438   -12.074 1.00 12.34 ? 1319 GLN A OE1 1 
ATOM   37   N NE2 . GLN A 1 28  ? -18.661 3.396   -11.232 1.00 11.21 ? 1319 GLN A NE2 1 
ATOM   38   N N   . ALA A 1 29  ? -13.688 -0.434  -12.092 1.00 10.19 ? 1320 ALA A N   1 
ATOM   39   C CA  . ALA A 1 29  ? -12.917 -1.691  -12.193 1.00 10.24 ? 1320 ALA A CA  1 
ATOM   40   C C   . ALA A 1 29  ? -11.710 -1.675  -11.241 1.00 9.69  ? 1320 ALA A C   1 
ATOM   41   O O   . ALA A 1 29  ? -11.233 -2.755  -10.870 1.00 10.01 ? 1320 ALA A O   1 
ATOM   42   C CB  . ALA A 1 29  ? -12.470 -1.923  -13.631 1.00 10.82 ? 1320 ALA A CB  1 
ATOM   43   N N   . TRP A 1 30  ? -11.242 -0.498  -10.873 1.00 9.77  ? 1321 TRP A N   1 
ATOM   44   C CA  . TRP A 1 30  ? -10.032 -0.363  -10.017 1.00 9.95  ? 1321 TRP A CA  1 
ATOM   45   C C   . TRP A 1 30  ? -10.244 -1.106  -8.707  1.00 10.63 ? 1321 TRP A C   1 
ATOM   46   O O   . TRP A 1 30  ? -9.277  -1.610  -8.148  1.00 9.69  ? 1321 TRP A O   1 
ATOM   47   C CB  . TRP A 1 30  ? -9.716  1.102   -9.758  1.00 10.02 ? 1321 TRP A CB  1 
ATOM   48   C CG  . TRP A 1 30  ? -10.780 1.792   -8.980  1.00 10.22 ? 1321 TRP A CG  1 
ATOM   49   C CD1 . TRP A 1 30  ? -11.907 2.348   -9.485  1.00 10.34 ? 1321 TRP A CD1 1 
ATOM   50   C CD2 . TRP A 1 30  ? -10.878 1.883   -7.550  1.00 10.85 ? 1321 TRP A CD2 1 
ATOM   51   N NE1 . TRP A 1 30  ? -12.701 2.809   -8.465  1.00 10.98 ? 1321 TRP A NE1 1 
ATOM   52   C CE2 . TRP A 1 30  ? -12.070 2.569   -7.284  1.00 11.21 ? 1321 TRP A CE2 1 
ATOM   53   C CE3 . TRP A 1 30  ? -10.028 1.590   -6.494  1.00 11.29 ? 1321 TRP A CE3 1 
ATOM   54   C CZ2 . TRP A 1 30  ? -12.484 2.888   -5.995  1.00 11.53 ? 1321 TRP A CZ2 1 
ATOM   55   C CZ3 . TRP A 1 30  ? -10.435 1.888   -5.210  1.00 11.66 ? 1321 TRP A CZ3 1 
ATOM   56   C CH2 . TRP A 1 30  ? -11.644 2.540   -4.979  1.00 12.45 ? 1321 TRP A CH2 1 
ATOM   57   N N   . LYS A 1 31  ? -11.475 -1.217  -8.211  1.00 10.14 ? 1322 LYS A N   1 
ATOM   58   C CA  . LYS A 1 31  ? -11.662 -1.740  -6.854  1.00 10.74 ? 1322 LYS A CA  1 
ATOM   59   C C   . LYS A 1 31  ? -11.319 -3.221  -6.813  1.00 10.44 ? 1322 LYS A C   1 
ATOM   60   O O   . LYS A 1 31  ? -10.471 -3.633  -5.989  1.00 10.74 ? 1322 LYS A O   1 
ATOM   61   C CB  . LYS A 1 31  ? -13.057 -1.389  -6.346  1.00 10.67 ? 1322 LYS A CB  1 
ATOM   62   C CG  . LYS A 1 31  ? -13.355 -1.975  -4.974  1.00 11.58 ? 1322 LYS A CG  1 
ATOM   63   C CD  . LYS A 1 31  ? -14.635 -1.461  -4.421  1.00 11.27 ? 1322 LYS A CD  1 
ATOM   64   C CE  . LYS A 1 31  ? -14.878 -1.882  -2.989  1.00 11.88 ? 1322 LYS A CE  1 
ATOM   65   N NZ  . LYS A 1 31  ? -16.174 -1.306  -2.569  1.00 12.69 ? 1322 LYS A NZ  1 
ATOM   66   N N   . LYS A 1 32  ? -11.856 -4.006  -7.722  1.00 11.88 ? 1323 LYS A N   1 
ATOM   67   C CA  . LYS A 1 32  ? -11.518 -5.440  -7.748  1.00 12.16 ? 1323 LYS A CA  1 
ATOM   68   C C   . LYS A 1 32  ? -10.043 -5.623  -8.137  1.00 11.03 ? 1323 LYS A C   1 
ATOM   69   O O   . LYS A 1 32  ? -9.375  -6.499  -7.619  1.00 11.29 ? 1323 LYS A O   1 
ATOM   70   C CB  . LYS A 1 32  ? -12.434 -6.167  -8.722  1.00 14.57 ? 1323 LYS A CB  1 
ATOM   71   C CG  . LYS A 1 32  ? -12.209 -7.670  -8.783  1.00 19.58 ? 1323 LYS A CG  1 
ATOM   72   C CD  . LYS A 1 32  ? -13.409 -8.450  -9.370  1.00 22.62 ? 1323 LYS A CD  1 
ATOM   73   N N   . GLN A 1 33  ? -9.522  -4.764  -9.008  1.00 10.84 ? 1324 GLN A N   1 
ATOM   74   C CA  . GLN A 1 33  ? -8.093  -4.836  -9.387  1.00 10.96 ? 1324 GLN A CA  1 
ATOM   75   C C   . GLN A 1 33  ? -7.248  -4.627  -8.129  1.00 11.06 ? 1324 GLN A C   1 
ATOM   76   O O   . GLN A 1 33  ? -6.281  -5.341  -7.908  1.00 11.52 ? 1324 GLN A O   1 
ATOM   77   C CB  . GLN A 1 33  ? -7.744  -3.804  -10.444 1.00 10.95 ? 1324 GLN A CB  1 
ATOM   78   C CG  . GLN A 1 33  ? -8.320  -4.162  -11.808 1.00 11.54 ? 1324 GLN A CG  1 
ATOM   79   C CD  . GLN A 1 33  ? -8.400  -3.006  -12.755 1.00 12.41 ? 1324 GLN A CD  1 
ATOM   80   O OE1 . GLN A 1 33  ? -8.008  -1.892  -12.440 1.00 14.49 ? 1324 GLN A OE1 1 
ATOM   81   N NE2 . GLN A 1 33  ? -9.010  -3.233  -13.915 1.00 13.18 ? 1324 GLN A NE2 1 
ATOM   82   N N   . CYS A 1 34  ? -7.615  -3.658  -7.291  1.00 10.33 ? 1325 CYS A N   1 
ATOM   83   C CA  . CYS A 1 34  ? -6.871  -3.449  -6.036  1.00 10.40 ? 1325 CYS A CA  1 
ATOM   84   C C   . CYS A 1 34  ? -7.086  -4.590  -5.046  1.00 10.39 ? 1325 CYS A C   1 
ATOM   85   O O   . CYS A 1 34  ? -6.124  -4.958  -4.336  1.00 10.14 ? 1325 CYS A O   1 
ATOM   86   C CB  . CYS A 1 34  ? -7.279  -2.132  -5.423  1.00 10.51 ? 1325 CYS A CB  1 
ATOM   87   S SG  . CYS A 1 34  ? -6.663  -0.686  -6.304  1.00 10.96 ? 1325 CYS A SG  1 
ATOM   88   N N   . GLU A 1 35  ? -8.260  -5.182  -4.996  1.00 10.76 ? 1326 GLU A N   1 
ATOM   89   C CA  . GLU A 1 35  ? -8.481  -6.347  -4.120  1.00 11.84 ? 1326 GLU A CA  1 
ATOM   90   C C   . GLU A 1 35  ? -7.524  -7.466  -4.520  1.00 12.31 ? 1326 GLU A C   1 
ATOM   91   O O   . GLU A 1 35  ? -6.883  -8.080  -3.654  1.00 13.24 ? 1326 GLU A O   1 
ATOM   92   C CB  . GLU A 1 35  ? -9.929  -6.832  -4.205  1.00 13.31 ? 1326 GLU A CB  1 
ATOM   93   C CG  . GLU A 1 35  ? -10.946 -5.918  -3.583  1.00 16.63 ? 1326 GLU A CG  1 
ATOM   94   C CD  . GLU A 1 35  ? -12.401 -6.223  -3.946  1.00 20.04 ? 1326 GLU A CD  1 
ATOM   95   O OE1 . GLU A 1 35  ? -12.658 -7.216  -4.667  1.00 23.55 ? 1326 GLU A OE1 1 
ATOM   96   O OE2 . GLU A 1 35  ? -13.279 -5.478  -3.456  1.00 22.50 ? 1326 GLU A OE2 1 
ATOM   97   N N   . GLU A 1 36  ? -7.389  -7.711  -5.819  0.50 13.03 ? 1327 GLU A N   1 
ATOM   98   C CA  . GLU A 1 36  ? -6.554  -8.827  -6.310  0.50 13.60 ? 1327 GLU A CA  1 
ATOM   99   C C   . GLU A 1 36  ? -5.087  -8.478  -6.060  0.50 12.77 ? 1327 GLU A C   1 
ATOM   100  O O   . GLU A 1 36  ? -4.335  -9.378  -5.672  0.50 13.53 ? 1327 GLU A O   1 
ATOM   101  C CB  . GLU A 1 36  ? -6.898  -9.136  -7.764  0.50 15.37 ? 1327 GLU A CB  1 
ATOM   102  C CG  . GLU A 1 36  ? -8.228  -9.861  -7.882  0.50 17.70 ? 1327 GLU A CG  1 
ATOM   103  C CD  . GLU A 1 36  ? -8.387  -11.099 -7.013  0.50 19.24 ? 1327 GLU A CD  1 
ATOM   104  O OE1 . GLU A 1 36  ? -7.372  -11.797 -6.772  0.50 21.19 ? 1327 GLU A OE1 1 
ATOM   105  O OE2 . GLU A 1 36  ? -9.525  -11.362 -6.583  0.50 21.44 ? 1327 GLU A OE2 1 
ATOM   106  N N   . LEU A 1 37  ? -4.690  -7.226  -6.262  1.00 12.07 ? 1328 LEU A N   1 
ATOM   107  C CA  . LEU A 1 37  ? -3.285  -6.838  -5.981  1.00 11.12 ? 1328 LEU A CA  1 
ATOM   108  C C   . LEU A 1 37  ? -3.022  -6.995  -4.484  1.00 10.30 ? 1328 LEU A C   1 
ATOM   109  O O   . LEU A 1 37  ? -1.938  -7.479  -4.090  1.00 10.82 ? 1328 LEU A O   1 
ATOM   110  C CB  . LEU A 1 37  ? -3.023  -5.430  -6.470  1.00 11.65 ? 1328 LEU A CB  1 
ATOM   111  C CG  . LEU A 1 37  ? -1.629  -4.882  -6.187  1.00 11.74 ? 1328 LEU A CG  1 
ATOM   112  C CD1 . LEU A 1 37  ? -0.540  -5.870  -6.631  1.00 12.34 ? 1328 LEU A CD1 1 
ATOM   113  C CD2 . LEU A 1 37  ? -1.474  -3.554  -6.839  1.00 13.24 ? 1328 LEU A CD2 1 
ATOM   114  N N   . LEU A 1 38  ? -3.948  -6.608  -3.620  1.00 11.84 ? 1329 LEU A N   1 
ATOM   115  C CA  . LEU A 1 38  ? -3.737  -6.823  -2.170  1.00 11.80 ? 1329 LEU A CA  1 
ATOM   116  C C   . LEU A 1 38  ? -3.621  -8.306  -1.868  1.00 13.22 ? 1329 LEU A C   1 
ATOM   117  O O   . LEU A 1 38  ? -2.795  -8.677  -1.050  1.00 13.79 ? 1329 LEU A O   1 
ATOM   118  C CB  . LEU A 1 38  ? -4.872  -6.162  -1.388  1.00 12.28 ? 1329 LEU A CB  1 
ATOM   119  C CG  . LEU A 1 38  ? -4.804  -4.648  -1.330  1.00 12.83 ? 1329 LEU A CG  1 
ATOM   120  C CD1 . LEU A 1 38  ? -6.112  -4.071  -0.811  1.00 14.27 ? 1329 LEU A CD1 1 
ATOM   121  C CD2 . LEU A 1 38  ? -3.646  -4.169  -0.491  1.00 13.88 ? 1329 LEU A CD2 1 
ATOM   122  N N   . ASN A 1 39  ? -4.434  -9.139  -2.482  1.00 13.72 ? 1330 ASN A N   1 
ATOM   123  C CA  . ASN A 1 39  ? -4.303  -10.599 -2.305  1.00 16.40 ? 1330 ASN A CA  1 
ATOM   124  C C   . ASN A 1 39  ? -2.871  -11.024 -2.672  1.00 14.45 ? 1330 ASN A C   1 
ATOM   125  O O   . ASN A 1 39  ? -2.229  -11.789 -1.869  1.00 16.43 ? 1330 ASN A O   1 
ATOM   126  C CB  . ASN A 1 39  ? -5.378  -11.323 -3.103  1.00 18.17 ? 1330 ASN A CB  1 
ATOM   127  C CG  . ASN A 1 39  ? -6.769  -11.207 -2.515  1.00 20.54 ? 1330 ASN A CG  1 
ATOM   128  O OD1 . ASN A 1 39  ? -6.954  -10.847 -1.361  1.00 26.19 ? 1330 ASN A OD1 1 
ATOM   129  N ND2 . ASN A 1 39  ? -7.770  -11.522 -3.318  1.00 23.34 ? 1330 ASN A ND2 1 
ATOM   130  N N   . LEU A 1 40  ? -2.349  -10.590 -3.799  1.00 13.37 ? 1331 LEU A N   1 
ATOM   131  C CA  . LEU A 1 40  ? -0.975  -10.953 -4.231  1.00 14.13 ? 1331 LEU A CA  1 
ATOM   132  C C   . LEU A 1 40  ? 0.015   -10.437 -3.186  1.00 14.22 ? 1331 LEU A C   1 
ATOM   133  O O   . LEU A 1 40  ? 0.953   -11.186 -2.804  1.00 16.04 ? 1331 LEU A O   1 
ATOM   134  C CB  . LEU A 1 40  ? -0.655  -10.352 -5.588  1.00 14.58 ? 1331 LEU A CB  1 
ATOM   135  C CG  . LEU A 1 40  ? -1.420  -10.937 -6.771  1.00 14.25 ? 1331 LEU A CG  1 
ATOM   136  C CD1 . LEU A 1 40  ? -1.121  -10.137 -8.028  1.00 17.21 ? 1331 LEU A CD1 1 
ATOM   137  C CD2 . LEU A 1 40  ? -1.110  -12.437 -6.923  1.00 17.04 ? 1331 LEU A CD2 1 
ATOM   138  N N   . ILE A 1 41  ? -0.216  -9.242  -2.632  1.00 13.14 ? 1332 ILE A N   1 
ATOM   139  C CA  . ILE A 1 41  ? 0.743   -8.669  -1.651  1.00 12.59 ? 1332 ILE A CA  1 
ATOM   140  C C   . ILE A 1 41  ? 0.699   -9.536  -0.388  1.00 13.05 ? 1332 ILE A C   1 
ATOM   141  O O   . ILE A 1 41  ? 1.782   -9.848  0.157   1.00 12.28 ? 1332 ILE A O   1 
ATOM   142  C CB  . ILE A 1 41  ? 0.398   -7.204  -1.377  1.00 12.30 ? 1332 ILE A CB  1 
ATOM   143  C CG1 . ILE A 1 41  ? 0.853   -6.373  -2.581  1.00 12.86 ? 1332 ILE A CG1 1 
ATOM   144  C CG2 . ILE A 1 41  ? 1.011   -6.746  -0.065  1.00 11.85 ? 1332 ILE A CG2 1 
ATOM   145  C CD1 . ILE A 1 41  ? 0.349   -4.987  -2.587  1.00 14.00 ? 1332 ILE A CD1 1 
ATOM   146  N N   . PHE A 1 42  ? -0.489  -9.943  0.052   1.00 14.52 ? 1333 PHE A N   1 
ATOM   147  C CA  . PHE A 1 42  ? -0.630  -10.849 1.224   1.00 17.36 ? 1333 PHE A CA  1 
ATOM   148  C C   . PHE A 1 42  ? 0.031   -12.207 0.943   1.00 18.17 ? 1333 PHE A C   1 
ATOM   149  O O   . PHE A 1 42  ? 0.607   -12.725 1.934   1.00 25.88 ? 1333 PHE A O   1 
ATOM   150  C CB  . PHE A 1 42  ? -2.083  -10.930 1.684   1.00 17.26 ? 1333 PHE A CB  1 
ATOM   151  C CG  . PHE A 1 42  ? -2.492  -9.820  2.616   1.00 16.02 ? 1333 PHE A CG  1 
ATOM   152  C CD1 . PHE A 1 42  ? -2.977  -8.618  2.129   1.00 17.62 ? 1333 PHE A CD1 1 
ATOM   153  C CD2 . PHE A 1 42  ? -2.402  -9.970  3.994   1.00 17.23 ? 1333 PHE A CD2 1 
ATOM   154  C CE1 . PHE A 1 42  ? -3.401  -7.617  2.998   1.00 18.28 ? 1333 PHE A CE1 1 
ATOM   155  C CE2 . PHE A 1 42  ? -2.795  -8.948  4.851   1.00 19.39 ? 1333 PHE A CE2 1 
ATOM   156  C CZ  . PHE A 1 42  ? -3.294  -7.782  4.352   1.00 18.48 ? 1333 PHE A CZ  1 
ATOM   157  N N   . GLN A 1 43  ? 0.189   -12.657 -0.299  1.00 17.93 ? 1334 GLN A N   1 
ATOM   158  C CA  . GLN A 1 43  ? 0.894   -13.954 -0.600  1.00 19.53 ? 1334 GLN A CA  1 
ATOM   159  C C   . GLN A 1 43  ? 2.418   -13.789 -0.601  1.00 19.87 ? 1334 GLN A C   1 
ATOM   160  O O   . GLN A 1 43  ? 3.141   -14.786 -0.469  1.00 21.29 ? 1334 GLN A O   1 
ATOM   161  C CB  . GLN A 1 43  ? 0.385   -14.530 -1.925  1.00 22.70 ? 1334 GLN A CB  1 
ATOM   162  C CG  . GLN A 1 43  ? -0.973  -15.213 -1.779  1.00 26.13 ? 1334 GLN A CG  1 
ATOM   163  C CD  . GLN A 1 43  ? -0.954  -16.402 -0.831  1.00 29.16 ? 1334 GLN A CD  1 
ATOM   164  O OE1 . GLN A 1 43  ? -0.018  -17.235 -0.831  1.00 27.26 ? 1334 GLN A OE1 1 
ATOM   165  N NE2 . GLN A 1 43  ? -2.009  -16.516 -0.013  1.00 30.74 ? 1334 GLN A NE2 1 
ATOM   166  N N   A CYS A 1 44  ? 2.883   -12.552 -0.755  0.28 17.83 ? 1335 CYS A N   1 
ATOM   167  N N   B CYS A 1 44  ? 2.908   -12.558 -0.790  0.25 18.37 ? 1335 CYS A N   1 
ATOM   168  C CA  A CYS A 1 44  ? 4.320   -12.193 -0.742  0.28 16.63 ? 1335 CYS A CA  1 
ATOM   169  C CA  B CYS A 1 44  ? 4.357   -12.212 -0.841  0.25 17.39 ? 1335 CYS A CA  1 
ATOM   170  C C   A CYS A 1 44  ? 4.866   -12.346 0.676   0.28 15.91 ? 1335 CYS A C   1 
ATOM   171  C C   B CYS A 1 44  ? 4.935   -12.268 0.583   0.25 16.32 ? 1335 CYS A C   1 
ATOM   172  O O   A CYS A 1 44  ? 4.309   -11.737 1.616   0.28 14.57 ? 1335 CYS A O   1 
ATOM   173  O O   B CYS A 1 44  ? 4.465   -11.502 1.438   0.25 14.63 ? 1335 CYS A O   1 
ATOM   174  C CB  A CYS A 1 44  ? 4.525   -10.772 -1.242  0.28 16.06 ? 1335 CYS A CB  1 
ATOM   175  C CB  B CYS A 1 44  ? 4.568   -10.829 -1.456  0.25 17.57 ? 1335 CYS A CB  1 
ATOM   176  S SG  A CYS A 1 44  ? 4.202   -10.664 -3.013  0.28 16.69 ? 1335 CYS A SG  1 
ATOM   177  S SG  B CYS A 1 44  ? 6.280   -10.486 -1.952  0.25 19.48 ? 1335 CYS A SG  1 
ATOM   178  N N   . GLU A 1 45  ? 5.946   -13.113 0.834   1.00 15.76 ? 1336 GLU A N   1 
ATOM   179  C CA  . GLU A 1 45  ? 6.617   -13.179 2.148   1.00 15.23 ? 1336 GLU A CA  1 
ATOM   180  C C   . GLU A 1 45  ? 7.102   -11.788 2.552   1.00 14.38 ? 1336 GLU A C   1 
ATOM   181  O O   . GLU A 1 45  ? 7.126   -11.488 3.751   1.00 14.67 ? 1336 GLU A O   1 
ATOM   182  C CB  . GLU A 1 45  ? 7.782   -14.150 2.057   1.00 15.57 ? 1336 GLU A CB  1 
ATOM   183  C CG  . GLU A 1 45  ? 7.291   -15.565 1.963   1.00 17.14 ? 1336 GLU A CG  1 
ATOM   184  C CD  . GLU A 1 45  ? 8.372   -16.614 1.895   1.00 19.90 ? 1336 GLU A CD  1 
ATOM   185  O OE1 . GLU A 1 45  ? 9.561   -16.249 1.977   1.00 20.26 ? 1336 GLU A OE1 1 
ATOM   186  O OE2 . GLU A 1 45  ? 7.996   -17.777 1.782   1.00 20.21 ? 1336 GLU A OE2 1 
ATOM   187  N N   . ASP A 1 46  ? 7.451   -10.981 1.575   1.00 13.89 ? 1337 ASP A N   1 
ATOM   188  C CA  . ASP A 1 46  ? 7.943   -9.609  1.828   1.00 13.57 ? 1337 ASP A CA  1 
ATOM   189  C C   . ASP A 1 46  ? 6.879   -8.716  2.482   1.00 12.75 ? 1337 ASP A C   1 
ATOM   190  O O   . ASP A 1 46  ? 7.261   -7.716  3.066   1.00 12.55 ? 1337 ASP A O   1 
ATOM   191  C CB  . ASP A 1 46  ? 8.494   -8.912  0.600   1.00 13.98 ? 1337 ASP A CB  1 
ATOM   192  C CG  . ASP A 1 46  ? 9.848   -9.447  0.149   1.00 14.77 ? 1337 ASP A CG  1 
ATOM   193  O OD1 . ASP A 1 46  ? 10.571  -10.016 1.013   1.00 16.38 ? 1337 ASP A OD1 1 
ATOM   194  O OD2 . ASP A 1 46  ? 10.172  -9.214  -1.010  1.00 14.78 ? 1337 ASP A OD2 1 
ATOM   195  N N   . SER A 1 47  ? 5.608   -9.067  2.451   1.00 11.96 ? 1338 SER A N   1 
ATOM   196  C CA  . SER A 1 47  ? 4.608   -8.240  3.150   1.00 12.34 ? 1338 SER A CA  1 
ATOM   197  C C   . SER A 1 47  ? 4.463   -8.540  4.635   1.00 12.14 ? 1338 SER A C   1 
ATOM   198  O O   . SER A 1 47  ? 3.769   -7.809  5.302   1.00 12.05 ? 1338 SER A O   1 
ATOM   199  C CB  . SER A 1 47  ? 3.278   -8.328  2.487   1.00 12.15 ? 1338 SER A CB  1 
ATOM   200  O OG  . SER A 1 47  ? 2.640   -9.577  2.693   1.00 13.07 ? 1338 SER A OG  1 
ATOM   201  N N   . GLU A 1 48  ? 5.122   -9.598  5.123   0.53 13.13 ? 1339 GLU A N   1 
ATOM   202  C CA  . GLU A 1 48  ? 4.962   -10.105 6.515   0.53 14.12 ? 1339 GLU A CA  1 
ATOM   203  C C   . GLU A 1 48  ? 4.974   -8.937  7.500   0.53 12.85 ? 1339 GLU A C   1 
ATOM   204  O O   . GLU A 1 48  ? 4.039   -8.796  8.286   0.53 13.78 ? 1339 GLU A O   1 
ATOM   205  C CB  . GLU A 1 48  ? 6.035   -11.140 6.876   0.53 16.23 ? 1339 GLU A CB  1 
ATOM   206  C CG  . GLU A 1 48  ? 5.872   -11.678 8.292   0.53 18.21 ? 1339 GLU A CG  1 
ATOM   207  C CD  . GLU A 1 48  ? 6.930   -12.662 8.766   0.53 20.04 ? 1339 GLU A CD  1 
ATOM   208  O OE1 . GLU A 1 48  ? 7.783   -13.058 7.956   0.53 22.35 ? 1339 GLU A OE1 1 
ATOM   209  O OE2 . GLU A 1 48  ? 6.893   -13.034 9.948   0.53 23.38 ? 1339 GLU A OE2 1 
ATOM   210  N N   . PRO A 1 49  ? 5.996   -8.046  7.472   1.00 12.43 ? 1340 PRO A N   1 
ATOM   211  C CA  . PRO A 1 49  ? 6.096   -6.980  8.455   1.00 11.76 ? 1340 PRO A CA  1 
ATOM   212  C C   . PRO A 1 49  ? 5.021   -5.903  8.354   1.00 10.33 ? 1340 PRO A C   1 
ATOM   213  O O   . PRO A 1 49  ? 4.867   -5.144  9.295   1.00 11.58 ? 1340 PRO A O   1 
ATOM   214  C CB  . PRO A 1 49  ? 7.449   -6.315  8.116   1.00 11.80 ? 1340 PRO A CB  1 
ATOM   215  C CG  . PRO A 1 49  ? 8.204   -7.394  7.369   1.00 12.25 ? 1340 PRO A CG  1 
ATOM   216  C CD  . PRO A 1 49  ? 7.119   -8.029  6.522   1.00 11.89 ? 1340 PRO A CD  1 
ATOM   217  N N   . PHE A 1 50  ? 4.261   -5.912  7.281   1.00 10.56 ? 1341 PHE A N   1 
ATOM   218  C CA  . PHE A 1 50  ? 3.378   -4.779  6.928   1.00 10.43 ? 1341 PHE A CA  1 
ATOM   219  C C   . PHE A 1 50  ? 1.901   -5.161  6.889   1.00 12.43 ? 1341 PHE A C   1 
ATOM   220  O O   . PHE A 1 50  ? 1.081   -4.390  6.425   1.00 12.36 ? 1341 PHE A O   1 
ATOM   221  C CB  . PHE A 1 50  ? 3.814   -4.256  5.559   1.00 9.17  ? 1341 PHE A CB  1 
ATOM   222  C CG  . PHE A 1 50  ? 5.295   -3.956  5.480   1.00 9.70  ? 1341 PHE A CG  1 
ATOM   223  C CD1 . PHE A 1 50  ? 5.831   -2.981  6.271   1.00 10.98 ? 1341 PHE A CD1 1 
ATOM   224  C CD2 . PHE A 1 50  ? 6.144   -4.724  4.710   1.00 10.77 ? 1341 PHE A CD2 1 
ATOM   225  C CE1 . PHE A 1 50  ? 7.189   -2.718  6.264   1.00 10.95 ? 1341 PHE A CE1 1 
ATOM   226  C CE2 . PHE A 1 50  ? 7.509   -4.504  4.744   1.00 10.56 ? 1341 PHE A CE2 1 
ATOM   227  C CZ  . PHE A 1 50  ? 8.010   -3.481  5.493   1.00 10.80 ? 1341 PHE A CZ  1 
ATOM   228  N N   . ARG A 1 51  ? 1.557   -6.311  7.464   0.53 12.74 ? 1342 ARG A N   1 
ATOM   229  C CA  . ARG A 1 51  ? 0.184   -6.875  7.396   0.53 13.86 ? 1342 ARG A CA  1 
ATOM   230  C C   . ARG A 1 51  ? -0.667  -6.472  8.596   0.53 14.99 ? 1342 ARG A C   1 
ATOM   231  O O   . ARG A 1 51  ? -1.880  -6.799  8.552   0.53 16.71 ? 1342 ARG A O   1 
ATOM   232  C CB  . ARG A 1 51  ? 0.217   -8.401  7.383   0.53 14.33 ? 1342 ARG A CB  1 
ATOM   233  C CG  . ARG A 1 51  ? 0.712   -8.983  6.074   0.53 14.77 ? 1342 ARG A CG  1 
ATOM   234  C CD  . ARG A 1 51  ? 1.020   -10.447 6.247   0.53 15.66 ? 1342 ARG A CD  1 
ATOM   235  N NE  . ARG A 1 51  ? 1.594   -10.973 5.029   0.53 16.47 ? 1342 ARG A NE  1 
ATOM   236  C CZ  . ARG A 1 51  ? 2.320   -12.087 4.941   0.53 17.31 ? 1342 ARG A CZ  1 
ATOM   237  N NH1 . ARG A 1 51  ? 2.578   -12.836 6.009   0.53 18.52 ? 1342 ARG A NH1 1 
ATOM   238  N NH2 . ARG A 1 51  ? 2.791   -12.445 3.765   0.53 17.40 ? 1342 ARG A NH2 1 
ATOM   239  N N   . GLN A 1 52  ? -0.057  -5.891  9.639   0.53 16.38 ? 1343 GLN A N   1 
ATOM   240  C CA  . GLN A 1 52  ? -0.721  -5.499  10.908  0.53 18.34 ? 1343 GLN A CA  1 
ATOM   241  C C   . GLN A 1 52  ? 0.057   -4.337  11.517  0.53 18.13 ? 1343 GLN A C   1 
ATOM   242  O O   . GLN A 1 52  ? 1.204   -4.083  11.135  0.53 17.73 ? 1343 GLN A O   1 
ATOM   243  C CB  . GLN A 1 52  ? -0.788  -6.660  11.910  0.53 20.68 ? 1343 GLN A CB  1 
ATOM   244  C CG  . GLN A 1 52  ? -1.212  -8.004  11.333  0.53 24.22 ? 1343 GLN A CG  1 
ATOM   245  C CD  . GLN A 1 52  ? -2.705  -8.256  11.321  0.53 26.75 ? 1343 GLN A CD  1 
ATOM   246  O OE1 . GLN A 1 52  ? -3.479  -7.578  10.642  0.53 30.39 ? 1343 GLN A OE1 1 
ATOM   247  N NE2 . GLN A 1 52  ? -3.121  -9.282  12.050  0.53 28.04 ? 1343 GLN A NE2 1 
ATOM   248  N N   . PRO A 1 53  ? -0.541  -3.576  12.465  0.53 18.62 ? 1344 PRO A N   1 
ATOM   249  C CA  . PRO A 1 53  ? 0.145   -2.438  13.071  0.53 18.96 ? 1344 PRO A CA  1 
ATOM   250  C C   . PRO A 1 53  ? 1.388   -2.846  13.874  0.53 19.65 ? 1344 PRO A C   1 
ATOM   251  O O   . PRO A 1 53  ? 1.505   -3.992  14.273  0.53 18.60 ? 1344 PRO A O   1 
ATOM   252  C CB  . PRO A 1 53  ? -0.910  -1.828  14.002  0.53 19.11 ? 1344 PRO A CB  1 
ATOM   253  C CG  . PRO A 1 53  ? -2.222  -2.312  13.423  0.53 18.90 ? 1344 PRO A CG  1 
ATOM   254  C CD  . PRO A 1 53  ? -1.923  -3.718  12.950  0.53 18.77 ? 1344 PRO A CD  1 
ATOM   255  N N   . VAL A 1 54  ? 2.287   -1.888  14.079  0.53 19.50 ? 1345 VAL A N   1 
ATOM   256  C CA  . VAL A 1 54  ? 3.518   -2.053  14.899  0.53 20.52 ? 1345 VAL A CA  1 
ATOM   257  C C   . VAL A 1 54  ? 3.115   -2.118  16.374  0.53 21.09 ? 1345 VAL A C   1 
ATOM   258  O O   . VAL A 1 54  ? 2.422   -1.189  16.844  0.53 23.48 ? 1345 VAL A O   1 
ATOM   259  C CB  . VAL A 1 54  ? 4.512   -0.909  14.641  0.53 19.80 ? 1345 VAL A CB  1 
ATOM   260  C CG1 . VAL A 1 54  ? 5.736   -1.042  15.536  0.53 19.64 ? 1345 VAL A CG1 1 
ATOM   261  C CG2 . VAL A 1 54  ? 4.908   -0.846  13.174  0.53 19.71 ? 1345 VAL A CG2 1 
ATOM   262  N N   . ASP A 1 55  ? 3.560   -3.159  17.078  0.53 21.27 ? 1346 ASP A N   1 
ATOM   263  C CA  . ASP A 1 55  ? 3.361   -3.321  18.541  0.53 22.05 ? 1346 ASP A CA  1 
ATOM   264  C C   . ASP A 1 55  ? 4.386   -2.427  19.244  0.53 21.85 ? 1346 ASP A C   1 
ATOM   265  O O   . ASP A 1 55  ? 5.581   -2.541  18.925  0.53 21.22 ? 1346 ASP A O   1 
ATOM   266  C CB  . ASP A 1 55  ? 3.495   -4.787  18.959  0.53 23.13 ? 1346 ASP A CB  1 
ATOM   267  C CG  . ASP A 1 55  ? 2.913   -5.060  20.335  0.53 25.03 ? 1346 ASP A CG  1 
ATOM   268  O OD1 . ASP A 1 55  ? 3.329   -4.372  21.287  0.53 24.50 ? 1346 ASP A OD1 1 
ATOM   269  O OD2 . ASP A 1 55  ? 2.028   -5.936  20.438  0.53 26.23 ? 1346 ASP A OD2 1 
ATOM   270  N N   . LEU A 1 56  ? 3.943   -1.559  20.156  0.53 22.50 ? 1347 LEU A N   1 
ATOM   271  C CA  . LEU A 1 56  ? 4.829   -0.576  20.831  0.53 22.19 ? 1347 LEU A CA  1 
ATOM   272  C C   . LEU A 1 56  ? 5.662   -1.256  21.929  0.53 21.82 ? 1347 LEU A C   1 
ATOM   273  O O   . LEU A 1 56  ? 6.701   -0.694  22.295  0.53 21.62 ? 1347 LEU A O   1 
ATOM   274  C CB  . LEU A 1 56  ? 3.970   0.575   21.363  0.53 21.90 ? 1347 LEU A CB  1 
ATOM   275  C CG  . LEU A 1 56  ? 3.501   1.568   20.296  0.53 22.55 ? 1347 LEU A CG  1 
ATOM   276  C CD1 . LEU A 1 56  ? 2.540   2.590   20.883  0.53 23.06 ? 1347 LEU A CD1 1 
ATOM   277  C CD2 . LEU A 1 56  ? 4.685   2.267   19.648  0.53 22.78 ? 1347 LEU A CD2 1 
ATOM   278  N N   . LEU A 1 57  ? 5.253   -2.425  22.437  0.53 21.74 ? 1348 LEU A N   1 
ATOM   279  C CA  . LEU A 1 57  ? 6.087   -3.212  23.390  0.53 22.17 ? 1348 LEU A CA  1 
ATOM   280  C C   . LEU A 1 57  ? 7.333   -3.726  22.664  0.53 21.71 ? 1348 LEU A C   1 
ATOM   281  O O   . LEU A 1 57  ? 8.390   -3.841  23.312  0.53 21.80 ? 1348 LEU A O   1 
ATOM   282  C CB  . LEU A 1 57  ? 5.263   -4.365  23.965  0.53 22.27 ? 1348 LEU A CB  1 
ATOM   283  C CG  . LEU A 1 57  ? 4.105   -3.917  24.851  0.53 23.21 ? 1348 LEU A CG  1 
ATOM   284  C CD1 . LEU A 1 57  ? 3.096   -5.037  25.036  0.53 24.35 ? 1348 LEU A CD1 1 
ATOM   285  C CD2 . LEU A 1 57  ? 4.616   -3.415  26.193  0.53 23.95 ? 1348 LEU A CD2 1 
ATOM   286  N N   . GLU A 1 58  ? 7.209   -3.981  21.358  0.53 21.07 ? 1349 GLU A N   1 
ATOM   287  C CA  . GLU A 1 58  ? 8.341   -4.381  20.488  0.53 21.22 ? 1349 GLU A CA  1 
ATOM   288  C C   . GLU A 1 58  ? 9.082   -3.142  19.975  0.53 19.78 ? 1349 GLU A C   1 
ATOM   289  O O   . GLU A 1 58  ? 10.318  -3.212  19.934  0.53 20.88 ? 1349 GLU A O   1 
ATOM   290  C CB  . GLU A 1 58  ? 7.838   -5.230  19.331  0.53 21.41 ? 1349 GLU A CB  1 
ATOM   291  C CG  . GLU A 1 58  ? 7.326   -6.581  19.779  0.53 22.10 ? 1349 GLU A CG  1 
ATOM   292  C CD  . GLU A 1 58  ? 6.820   -7.450  18.646  0.53 23.60 ? 1349 GLU A CD  1 
ATOM   293  O OE1 . GLU A 1 58  ? 6.805   -6.970  17.488  0.53 23.28 ? 1349 GLU A OE1 1 
ATOM   294  O OE2 . GLU A 1 58  ? 6.455   -8.612  18.920  0.53 24.60 ? 1349 GLU A OE2 1 
ATOM   295  N N   . TYR A 1 59  ? 8.373   -2.077  19.567  1.00 20.40 ? 1350 TYR A N   1 
ATOM   296  C CA  . TYR A 1 59  ? 9.046   -0.857  19.027  1.00 19.08 ? 1350 TYR A CA  1 
ATOM   297  C C   . TYR A 1 59  ? 8.502   0.329   19.808  1.00 19.30 ? 1350 TYR A C   1 
ATOM   298  O O   . TYR A 1 59  ? 7.674   1.080   19.313  1.00 18.03 ? 1350 TYR A O   1 
ATOM   299  C CB  . TYR A 1 59  ? 8.753   -0.722  17.527  1.00 18.59 ? 1350 TYR A CB  1 
ATOM   300  C CG  . TYR A 1 59  ? 9.284   -1.886  16.737  1.00 16.26 ? 1350 TYR A CG  1 
ATOM   301  C CD1 . TYR A 1 59  ? 10.594  -1.930  16.345  1.00 15.89 ? 1350 TYR A CD1 1 
ATOM   302  C CD2 . TYR A 1 59  ? 8.468   -2.969  16.429  1.00 17.90 ? 1350 TYR A CD2 1 
ATOM   303  C CE1 . TYR A 1 59  ? 11.102  -3.003  15.640  1.00 17.47 ? 1350 TYR A CE1 1 
ATOM   304  C CE2 . TYR A 1 59  ? 8.974   -4.080  15.764  1.00 17.67 ? 1350 TYR A CE2 1 
ATOM   305  C CZ  . TYR A 1 59  ? 10.292  -4.081  15.349  1.00 16.63 ? 1350 TYR A CZ  1 
ATOM   306  O OH  . TYR A 1 59  ? 10.781  -5.132  14.607  1.00 18.21 ? 1350 TYR A OH  1 
ATOM   307  N N   . PRO A 1 60  ? 8.982   0.538   21.057  0.53 19.89 ? 1351 PRO A N   1 
ATOM   308  C CA  . PRO A 1 60  ? 8.355   1.503   21.960  0.53 19.72 ? 1351 PRO A CA  1 
ATOM   309  C C   . PRO A 1 60  ? 8.374   2.960   21.465  0.53 18.97 ? 1351 PRO A C   1 
ATOM   310  O O   . PRO A 1 60  ? 7.510   3.734   21.847  0.53 19.52 ? 1351 PRO A O   1 
ATOM   311  C CB  . PRO A 1 60  ? 9.150   1.328   23.271  0.53 20.67 ? 1351 PRO A CB  1 
ATOM   312  C CG  . PRO A 1 60  ? 10.454  0.682   22.877  0.53 21.42 ? 1351 PRO A CG  1 
ATOM   313  C CD  . PRO A 1 60  ? 10.132  -0.156  21.661  0.53 21.37 ? 1351 PRO A CD  1 
ATOM   314  N N   . ASP A 1 61  ? 9.324   3.296   20.596  0.53 18.35 ? 1352 ASP A N   1 
ATOM   315  C CA  . ASP A 1 61  ? 9.507   4.680   20.089  0.53 18.08 ? 1352 ASP A CA  1 
ATOM   316  C C   . ASP A 1 61  ? 8.778   4.875   18.752  0.53 16.66 ? 1352 ASP A C   1 
ATOM   317  O O   . ASP A 1 61  ? 8.919   5.958   18.157  0.53 14.79 ? 1352 ASP A O   1 
ATOM   318  C CB  . ASP A 1 61  ? 10.993  4.991   19.911  0.53 19.25 ? 1352 ASP A CB  1 
ATOM   319  C CG  . ASP A 1 61  ? 11.655  4.136   18.849  0.53 20.08 ? 1352 ASP A CG  1 
ATOM   320  O OD1 . ASP A 1 61  ? 11.129  3.034   18.576  0.53 22.23 ? 1352 ASP A OD1 1 
ATOM   321  O OD2 . ASP A 1 61  ? 12.682  4.576   18.297  0.53 24.01 ? 1352 ASP A OD2 1 
ATOM   322  N N   . TYR A 1 62  ? 8.006   3.891   18.287  1.00 15.18 ? 1353 TYR A N   1 
ATOM   323  C CA  . TYR A 1 62  ? 7.501   3.941   16.888  1.00 15.15 ? 1353 TYR A CA  1 
ATOM   324  C C   . TYR A 1 62  ? 6.726   5.228   16.637  1.00 14.70 ? 1353 TYR A C   1 
ATOM   325  O O   . TYR A 1 62  ? 6.915   5.940   15.618  1.00 13.21 ? 1353 TYR A O   1 
ATOM   326  C CB  . TYR A 1 62  ? 6.675   2.707   16.579  1.00 13.86 ? 1353 TYR A CB  1 
ATOM   327  C CG  . TYR A 1 62  ? 6.311   2.617   15.119  1.00 12.92 ? 1353 TYR A CG  1 
ATOM   328  C CD1 . TYR A 1 62  ? 7.292   2.299   14.206  1.00 12.48 ? 1353 TYR A CD1 1 
ATOM   329  C CD2 . TYR A 1 62  ? 5.034   2.911   14.658  1.00 13.34 ? 1353 TYR A CD2 1 
ATOM   330  C CE1 . TYR A 1 62  ? 7.012   2.223   12.856  1.00 11.49 ? 1353 TYR A CE1 1 
ATOM   331  C CE2 . TYR A 1 62  ? 4.712   2.762   13.314  1.00 12.84 ? 1353 TYR A CE2 1 
ATOM   332  C CZ  . TYR A 1 62  ? 5.717   2.466   12.414  1.00 11.68 ? 1353 TYR A CZ  1 
ATOM   333  O OH  . TYR A 1 62  ? 5.432   2.432   11.069  1.00 11.58 ? 1353 TYR A OH  1 
ATOM   334  N N   . ARG A 1 63  ? 5.815   5.588   17.534  1.00 13.96 ? 1354 ARG A N   1 
ATOM   335  C CA  . ARG A 1 63  ? 4.952   6.762   17.348  1.00 13.69 ? 1354 ARG A CA  1 
ATOM   336  C C   . ARG A 1 63  ? 5.659   8.092   17.650  1.00 13.77 ? 1354 ARG A C   1 
ATOM   337  O O   . ARG A 1 63  ? 5.119   9.134   17.300  1.00 15.54 ? 1354 ARG A O   1 
ATOM   338  C CB  . ARG A 1 63  ? 3.689   6.625   18.188  1.00 16.36 ? 1354 ARG A CB  1 
ATOM   339  C CG  . ARG A 1 63  ? 2.791   5.488   17.725  1.00 18.36 ? 1354 ARG A CG  1 
ATOM   340  C CD  . ARG A 1 63  ? 2.400   5.536   16.255  1.00 19.72 ? 1354 ARG A CD  1 
ATOM   341  N NE  . ARG A 1 63  ? 1.706   6.762   16.016  1.00 21.20 ? 1354 ARG A NE  1 
ATOM   342  C CZ  . ARG A 1 63  ? 0.415   6.956   16.275  1.00 24.48 ? 1354 ARG A CZ  1 
ATOM   343  N NH1 . ARG A 1 63  ? -0.330  5.971   16.754  1.00 24.44 ? 1354 ARG A NH1 1 
ATOM   344  N NH2 . ARG A 1 63  ? -0.115  8.138   16.066  1.00 26.78 ? 1354 ARG A NH2 1 
ATOM   345  N N   . ASP A 1 64  ? 6.874   8.050   18.196  1.00 13.76 ? 1355 ASP A N   1 
ATOM   346  C CA  . ASP A 1 64  ? 7.722   9.260   18.297  1.00 15.18 ? 1355 ASP A CA  1 
ATOM   347  C C   . ASP A 1 64  ? 8.245   9.644   16.908  1.00 14.84 ? 1355 ASP A C   1 
ATOM   348  O O   . ASP A 1 64  ? 8.563   10.807  16.673  1.00 19.27 ? 1355 ASP A O   1 
ATOM   349  C CB  . ASP A 1 64  ? 8.945   9.033   19.195  1.00 16.81 ? 1355 ASP A CB  1 
ATOM   350  C CG  . ASP A 1 64  ? 8.634   8.528   20.594  1.00 19.52 ? 1355 ASP A CG  1 
ATOM   351  O OD1 . ASP A 1 64  ? 7.510   8.709   21.043  1.00 23.17 ? 1355 ASP A OD1 1 
ATOM   352  O OD2 . ASP A 1 64  ? 9.556   7.961   21.225  1.00 23.85 ? 1355 ASP A OD2 1 
ATOM   353  N N   . ILE A 1 65  ? 8.373   8.644   16.029  0.53 14.32 ? 1356 ILE A N   1 
ATOM   354  C CA  . ILE A 1 65  ? 8.956   8.777   14.664  0.53 13.90 ? 1356 ILE A CA  1 
ATOM   355  C C   . ILE A 1 65  ? 7.828   8.868   13.633  0.53 13.49 ? 1356 ILE A C   1 
ATOM   356  O O   . ILE A 1 65  ? 7.938   9.707   12.720  0.53 14.44 ? 1356 ILE A O   1 
ATOM   357  C CB  . ILE A 1 65  ? 9.887   7.591   14.352  0.53 13.72 ? 1356 ILE A CB  1 
ATOM   358  C CG1 . ILE A 1 65  ? 10.887  7.305   15.480  0.53 14.19 ? 1356 ILE A CG1 1 
ATOM   359  C CG2 . ILE A 1 65  ? 10.581  7.808   13.024  0.53 13.57 ? 1356 ILE A CG2 1 
ATOM   360  C CD1 . ILE A 1 65  ? 11.727  8.489   15.895  0.53 14.30 ? 1356 ILE A CD1 1 
ATOM   361  N N   . ILE A 1 66  ? 6.810   8.017   13.762  1.00 13.14 ? 1357 ILE A N   1 
ATOM   362  C CA  . ILE A 1 66  ? 5.749   7.839   12.734  1.00 13.53 ? 1357 ILE A CA  1 
ATOM   363  C C   . ILE A 1 66  ? 4.456   8.469   13.241  1.00 13.39 ? 1357 ILE A C   1 
ATOM   364  O O   . ILE A 1 66  ? 3.864   7.919   14.196  1.00 15.28 ? 1357 ILE A O   1 
ATOM   365  C CB  . ILE A 1 66  ? 5.617   6.347   12.408  1.00 11.51 ? 1357 ILE A CB  1 
ATOM   366  C CG1 . ILE A 1 66  ? 6.946   5.783   11.883  1.00 12.54 ? 1357 ILE A CG1 1 
ATOM   367  C CG2 . ILE A 1 66  ? 4.436   6.114   11.487  1.00 12.87 ? 1357 ILE A CG2 1 
ATOM   368  C CD1 . ILE A 1 66  ? 7.507   6.464   10.686  1.00 13.04 ? 1357 ILE A CD1 1 
ATOM   369  N N   . ASP A 1 67  ? 4.035   9.498   12.525  1.00 15.92 ? 1358 ASP A N   1 
ATOM   370  C CA  . ASP A 1 67  ? 2.806   10.255  12.856  1.00 19.09 ? 1358 ASP A CA  1 
ATOM   371  C C   . ASP A 1 67  ? 1.564   9.479   12.416  1.00 15.78 ? 1358 ASP A C   1 
ATOM   372  O O   . ASP A 1 67  ? 0.521   9.580   13.066  1.00 16.43 ? 1358 ASP A O   1 
ATOM   373  C CB  . ASP A 1 67  ? 2.768   11.569  12.094  1.00 22.45 ? 1358 ASP A CB  1 
ATOM   374  C CG  . ASP A 1 67  ? 3.793   12.593  12.542  1.00 30.97 ? 1358 ASP A CG  1 
ATOM   375  O OD1 . ASP A 1 67  ? 4.310   12.442  13.656  1.00 33.65 ? 1358 ASP A OD1 1 
ATOM   376  O OD2 . ASP A 1 67  ? 4.090   13.512  11.756  1.00 36.11 ? 1358 ASP A OD2 1 
ATOM   377  N N   . THR A 1 68  ? 1.627   8.790   11.271  1.00 14.19 ? 1359 THR A N   1 
ATOM   378  C CA  . THR A 1 68  ? 0.421   8.137   10.710  1.00 14.62 ? 1359 THR A CA  1 
ATOM   379  C C   . THR A 1 68  ? 0.756   6.692   10.351  1.00 13.04 ? 1359 THR A C   1 
ATOM   380  O O   . THR A 1 68  ? 1.201   6.416   9.234   1.00 13.91 ? 1359 THR A O   1 
ATOM   381  C CB  . THR A 1 68  ? -0.103  8.858   9.470   1.00 15.05 ? 1359 THR A CB  1 
ATOM   382  O OG1 . THR A 1 68  ? -0.175  10.244  9.809   1.00 18.37 ? 1359 THR A OG1 1 
ATOM   383  C CG2 . THR A 1 68  ? -1.455  8.327   9.024   1.00 16.83 ? 1359 THR A CG2 1 
ATOM   384  N N   . PRO A 1 69  ? 0.513   5.756   11.265  1.00 13.63 ? 1360 PRO A N   1 
ATOM   385  C CA  . PRO A 1 69  ? 0.736   4.345   10.994  1.00 13.97 ? 1360 PRO A CA  1 
ATOM   386  C C   . PRO A 1 69  ? -0.183  3.888   9.857   1.00 12.27 ? 1360 PRO A C   1 
ATOM   387  O O   . PRO A 1 69  ? -1.249  4.445   9.604   1.00 13.07 ? 1360 PRO A O   1 
ATOM   388  C CB  . PRO A 1 69  ? 0.344   3.645   12.288  1.00 15.27 ? 1360 PRO A CB  1 
ATOM   389  C CG  . PRO A 1 69  ? 0.516   4.716   13.333  1.00 17.44 ? 1360 PRO A CG  1 
ATOM   390  C CD  . PRO A 1 69  ? 0.067   6.001   12.665  1.00 15.18 ? 1360 PRO A CD  1 
ATOM   391  N N   . MET A 1 70  ? 0.307   2.927   9.097   1.00 10.63 ? 1361 MET A N   1 
ATOM   392  C CA  . MET A 1 70  ? -0.496  2.323   8.019   1.00 10.47 ? 1361 MET A CA  1 
ATOM   393  C C   . MET A 1 70  ? 0.045   0.921   7.757   1.00 9.37  ? 1361 MET A C   1 
ATOM   394  O O   . MET A 1 70  ? 1.201   0.660   7.959   1.00 9.57  ? 1361 MET A O   1 
ATOM   395  C CB  . MET A 1 70  ? -0.411  3.147   6.734   1.00 11.17 ? 1361 MET A CB  1 
ATOM   396  C CG  . MET A 1 70  ? -1.334  2.711   5.641   1.00 11.60 ? 1361 MET A CG  1 
ATOM   397  S SD  . MET A 1 70  ? -3.093  2.590   6.104   1.00 11.52 ? 1361 MET A SD  1 
ATOM   398  C CE  . MET A 1 70  ? -3.466  4.233   6.688   1.00 12.38 ? 1361 MET A CE  1 
ATOM   399  N N   . ASP A 1 71  ? -0.858  0.038   7.381   1.00 9.58  ? 1362 ASP A N   1 
ATOM   400  C CA  . ASP A 1 71  ? -0.503  -1.359  7.107   1.00 9.98  ? 1362 ASP A CA  1 
ATOM   401  C C   . ASP A 1 71  ? -1.515  -1.889  6.099   1.00 9.41  ? 1362 ASP A C   1 
ATOM   402  O O   . ASP A 1 71  ? -2.530  -1.253  5.828   1.00 9.88  ? 1362 ASP A O   1 
ATOM   403  C CB  . ASP A 1 71  ? -0.574  -2.142  8.412   1.00 12.12 ? 1362 ASP A CB  1 
ATOM   404  C CG  . ASP A 1 71  ? -2.005  -2.175  8.927   1.00 14.67 ? 1362 ASP A CG  1 
ATOM   405  O OD1 . ASP A 1 71  ? -2.421  -1.199  9.606   1.00 17.40 ? 1362 ASP A OD1 1 
ATOM   406  O OD2 . ASP A 1 71  ? -2.725  -3.093  8.521   1.00 13.78 ? 1362 ASP A OD2 1 
ATOM   407  N N   . PHE A 1 72  ? -1.233  -3.046  5.518   1.00 9.25  ? 1363 PHE A N   1 
ATOM   408  C CA  . PHE A 1 72  ? -2.057  -3.563  4.411   1.00 9.63  ? 1363 PHE A CA  1 
ATOM   409  C C   . PHE A 1 72  ? -3.404  -4.064  4.889   1.00 10.64 ? 1363 PHE A C   1 
ATOM   410  O O   . PHE A 1 72  ? -4.340  -4.062  4.083   1.00 10.51 ? 1363 PHE A O   1 
ATOM   411  C CB  . PHE A 1 72  ? -1.315  -4.669  3.671   1.00 9.45  ? 1363 PHE A CB  1 
ATOM   412  C CG  . PHE A 1 72  ? -0.269  -4.110  2.760   1.00 9.33  ? 1363 PHE A CG  1 
ATOM   413  C CD1 . PHE A 1 72  ? -0.619  -3.457  1.609   1.00 10.22 ? 1363 PHE A CD1 1 
ATOM   414  C CD2 . PHE A 1 72  ? 1.066   -4.222  3.066   1.00 10.18 ? 1363 PHE A CD2 1 
ATOM   415  C CE1 . PHE A 1 72  ? 0.334   -2.933  0.772   1.00 10.79 ? 1363 PHE A CE1 1 
ATOM   416  C CE2 . PHE A 1 72  ? 2.016   -3.734  2.209   1.00 9.97  ? 1363 PHE A CE2 1 
ATOM   417  C CZ  . PHE A 1 72  ? 1.654   -3.026  1.107   1.00 9.71  ? 1363 PHE A CZ  1 
ATOM   418  N N   . ALA A 1 73  ? -3.535  -4.506  6.139   1.00 10.35 ? 1364 ALA A N   1 
ATOM   419  C CA  . ALA A 1 73  ? -4.865  -4.886  6.640   1.00 10.99 ? 1364 ALA A CA  1 
ATOM   420  C C   . ALA A 1 73  ? -5.753  -3.641  6.718   1.00 10.91 ? 1364 ALA A C   1 
ATOM   421  O O   . ALA A 1 73  ? -6.919  -3.686  6.298   1.00 11.30 ? 1364 ALA A O   1 
ATOM   422  C CB  . ALA A 1 73  ? -4.772  -5.536  7.986   1.00 11.49 ? 1364 ALA A CB  1 
ATOM   423  N N   . THR A 1 74  ? -5.219  -2.524  7.174   1.00 10.70 ? 1365 THR A N   1 
ATOM   424  C CA  . THR A 1 74  ? -5.983  -1.269  7.207   1.00 10.74 ? 1365 THR A CA  1 
ATOM   425  C C   . THR A 1 74  ? -6.366  -0.854  5.790   1.00 9.57  ? 1365 THR A C   1 
ATOM   426  O O   . THR A 1 74  ? -7.505  -0.475  5.541   1.00 10.00 ? 1365 THR A O   1 
ATOM   427  C CB  . THR A 1 74  ? -5.204  -0.181  7.915   1.00 11.81 ? 1365 THR A CB  1 
ATOM   428  O OG1 . THR A 1 74  ? -4.996  -0.599  9.267   1.00 13.88 ? 1365 THR A OG1 1 
ATOM   429  C CG2 . THR A 1 74  ? -5.906  1.145   7.903   1.00 12.14 ? 1365 THR A CG2 1 
ATOM   430  N N   . VAL A 1 75  ? -5.459  -0.982  4.844   1.00 9.49  ? 1366 VAL A N   1 
ATOM   431  C CA  . VAL A 1 75  ? -5.780  -0.602  3.441   1.00 9.27  ? 1366 VAL A CA  1 
ATOM   432  C C   . VAL A 1 75  ? -6.900  -1.504  2.918   1.00 10.21 ? 1366 VAL A C   1 
ATOM   433  O O   . VAL A 1 75  ? -7.892  -1.032  2.313   1.00 10.03 ? 1366 VAL A O   1 
ATOM   434  C CB  . VAL A 1 75  ? -4.524  -0.668  2.560   1.00 10.32 ? 1366 VAL A CB  1 
ATOM   435  C CG1 . VAL A 1 75  ? -4.889  -0.490  1.108   1.00 11.32 ? 1366 VAL A CG1 1 
ATOM   436  C CG2 . VAL A 1 75  ? -3.490  0.331   2.969   1.00 10.78 ? 1366 VAL A CG2 1 
ATOM   437  N N   . ARG A 1 76  ? -6.775  -2.814  3.095   1.00 9.94  ? 1367 ARG A N   1 
ATOM   438  C CA  . ARG A 1 76  ? -7.814  -3.754  2.650   1.00 11.79 ? 1367 ARG A CA  1 
ATOM   439  C C   . ARG A 1 76  ? -9.154  -3.442  3.311   1.00 10.90 ? 1367 ARG A C   1 
ATOM   440  O O   . ARG A 1 76  ? -10.200 -3.491  2.619   1.00 11.39 ? 1367 ARG A O   1 
ATOM   441  C CB  . ARG A 1 76  ? -7.390  -5.180  3.003   1.00 13.78 ? 1367 ARG A CB  1 
ATOM   442  C CG  . ARG A 1 76  ? -8.344  -6.230  2.493   1.00 16.87 ? 1367 ARG A CG  1 
ATOM   443  C CD  . ARG A 1 76  ? -7.815  -7.568  2.993   1.00 21.09 ? 1367 ARG A CD  1 
ATOM   444  N NE  . ARG A 1 76  ? -7.154  -8.264  1.932   1.00 22.40 ? 1367 ARG A NE  1 
ATOM   445  C CZ  . ARG A 1 76  ? -6.372  -9.346  2.070   1.00 22.57 ? 1367 ARG A CZ  1 
ATOM   446  N NH1 . ARG A 1 76  ? -6.045  -9.809  3.263   1.00 21.11 ? 1367 ARG A NH1 1 
ATOM   447  N NH2 . ARG A 1 76  ? -5.896  -9.907  0.983   1.00 26.28 ? 1367 ARG A NH2 1 
ATOM   448  N N   . GLU A 1 77  ? -9.166  -3.189  4.613   1.00 10.80 ? 1368 GLU A N   1 
ATOM   449  C CA  . GLU A 1 77  ? -10.432 -2.897  5.308   1.00 12.66 ? 1368 GLU A CA  1 
ATOM   450  C C   . GLU A 1 77  ? -11.030 -1.596  4.783   1.00 11.36 ? 1368 GLU A C   1 
ATOM   451  O O   . GLU A 1 77  ? -12.246 -1.484  4.663   1.00 11.07 ? 1368 GLU A O   1 
ATOM   452  C CB  . GLU A 1 77  ? -10.132 -2.797  6.786   1.00 15.49 ? 1368 GLU A CB  1 
ATOM   453  C CG  . GLU A 1 77  ? -9.938  -4.161  7.417   1.00 18.96 ? 1368 GLU A CG  1 
ATOM   454  C CD  . GLU A 1 77  ? -9.212  -4.168  8.751   1.00 28.44 ? 1368 GLU A CD  1 
ATOM   455  O OE1 . GLU A 1 77  ? -9.105  -3.075  9.383   1.00 31.44 ? 1368 GLU A OE1 1 
ATOM   456  O OE2 . GLU A 1 77  ? -8.755  -5.287  9.158   1.00 36.45 ? 1368 GLU A OE2 1 
ATOM   457  N N   . THR A 1 78  ? -10.211 -0.593  4.542   1.00 10.74 ? 1369 THR A N   1 
ATOM   458  C CA  . THR A 1 78  ? -10.701 0.710   4.024   1.00 10.08 ? 1369 THR A CA  1 
ATOM   459  C C   . THR A 1 78  ? -11.348 0.492   2.653   1.00 10.54 ? 1369 THR A C   1 
ATOM   460  O O   . THR A 1 78  ? -12.478 0.979   2.366   1.00 11.30 ? 1369 THR A O   1 
ATOM   461  C CB  . THR A 1 78  ? -9.541  1.710   3.964   1.00 10.50 ? 1369 THR A CB  1 
ATOM   462  O OG1 . THR A 1 78  ? -8.974  1.864   5.259   1.00 11.57 ? 1369 THR A OG1 1 
ATOM   463  C CG2 . THR A 1 78  ? -9.993  3.051   3.445   1.00 10.64 ? 1369 THR A CG2 1 
ATOM   464  N N   . LEU A 1 79  ? -10.676 -0.274  1.805   1.00 9.81  ? 1370 LEU A N   1 
ATOM   465  C CA  . LEU A 1 79  ? -11.220 -0.618  0.475   1.00 10.64 ? 1370 LEU A CA  1 
ATOM   466  C C   . LEU A 1 79  ? -12.551 -1.368  0.620   1.00 10.47 ? 1370 LEU A C   1 
ATOM   467  O O   . LEU A 1 79  ? -13.585 -0.968  -0.040  1.00 11.20 ? 1370 LEU A O   1 
ATOM   468  C CB  . LEU A 1 79  ? -10.176 -1.469  -0.256  1.00 10.55 ? 1370 LEU A CB  1 
ATOM   469  C CG  . LEU A 1 79  ? -10.537 -1.780  -1.710  1.00 11.02 ? 1370 LEU A CG  1 
ATOM   470  C CD1 . LEU A 1 79  ? -10.592 -0.518  -2.557  1.00 11.06 ? 1370 LEU A CD1 1 
ATOM   471  C CD2 . LEU A 1 79  ? -9.523  -2.754  -2.274  1.00 11.53 ? 1370 LEU A CD2 1 
ATOM   472  N N   . GLU A 1 80  ? -12.598 -2.400  1.447   1.00 10.88 ? 1371 GLU A N   1 
ATOM   473  C CA  . GLU A 1 80  ? -13.792 -3.262  1.546   1.00 13.51 ? 1371 GLU A CA  1 
ATOM   474  C C   . GLU A 1 80  ? -14.916 -2.499  2.234   1.00 12.10 ? 1371 GLU A C   1 
ATOM   475  O O   . GLU A 1 80  ? -16.060 -2.827  1.935   1.00 13.37 ? 1371 GLU A O   1 
ATOM   476  C CB  . GLU A 1 80  ? -13.408 -4.551  2.263   1.00 14.95 ? 1371 GLU A CB  1 
ATOM   477  C CG  . GLU A 1 80  ? -12.401 -5.359  1.431   1.00 20.63 ? 1371 GLU A CG  1 
ATOM   478  C CD  . GLU A 1 80  ? -12.872 -5.666  0.012   1.00 27.91 ? 1371 GLU A CD  1 
ATOM   479  O OE1 . GLU A 1 80  ? -13.498 -6.753  -0.114  1.00 35.56 ? 1371 GLU A OE1 1 
ATOM   480  O OE2 . GLU A 1 80  ? -12.689 -4.808  -0.963  1.00 22.80 ? 1371 GLU A OE2 1 
ATOM   481  N N   . ALA A 1 81  ? -14.622 -1.521  3.065   1.00 11.50 ? 1372 ALA A N   1 
ATOM   482  C CA  . ALA A 1 81  ? -15.641 -0.635  3.696   1.00 12.81 ? 1372 ALA A CA  1 
ATOM   483  C C   . ALA A 1 81  ? -16.251 0.310   2.666   1.00 13.38 ? 1372 ALA A C   1 
ATOM   484  O O   . ALA A 1 81  ? -17.216 1.048   2.974   1.00 13.52 ? 1372 ALA A O   1 
ATOM   485  C CB  . ALA A 1 81  ? -15.046 0.124   4.842   1.00 13.87 ? 1372 ALA A CB  1 
ATOM   486  N N   . GLY A 1 82  ? -15.664 0.415   1.460   1.00 12.35 ? 1373 GLY A N   1 
ATOM   487  C CA  . GLY A 1 82  ? -16.126 1.444   0.532   1.00 11.13 ? 1373 GLY A CA  1 
ATOM   488  C C   . GLY A 1 82  ? -15.694 2.812   0.968   1.00 10.36 ? 1373 GLY A C   1 
ATOM   489  O O   . GLY A 1 82  ? -16.418 3.773   0.769   1.00 12.02 ? 1373 GLY A O   1 
ATOM   490  N N   . ASN A 1 83  ? -14.488 2.967   1.536   1.00 10.66 ? 1374 ASN A N   1 
ATOM   491  C CA  . ASN A 1 83  ? -13.982 4.262   2.030   1.00 10.49 ? 1374 ASN A CA  1 
ATOM   492  C C   . ASN A 1 83  ? -12.773 4.765   1.227   1.00 10.10 ? 1374 ASN A C   1 
ATOM   493  O O   . ASN A 1 83  ? -12.171 5.748   1.606   1.00 11.08 ? 1374 ASN A O   1 
ATOM   494  C CB  . ASN A 1 83  ? -13.665 4.165   3.505   1.00 11.52 ? 1374 ASN A CB  1 
ATOM   495  C CG  . ASN A 1 83  ? -14.893 4.032   4.365   1.00 14.26 ? 1374 ASN A CG  1 
ATOM   496  O OD1 . ASN A 1 83  ? -16.055 4.190   3.930   1.00 14.44 ? 1374 ASN A OD1 1 
ATOM   497  N ND2 . ASN A 1 83  ? -14.627 3.752   5.618   1.00 14.64 ? 1374 ASN A ND2 1 
ATOM   498  N N   . TYR A 1 84  ? -12.505 4.136   0.088   1.00 10.58 ? 1375 TYR A N   1 
ATOM   499  C CA  . TYR A 1 84  ? -11.680 4.770   -0.964  1.00 10.75 ? 1375 TYR A CA  1 
ATOM   500  C C   . TYR A 1 84  ? -12.593 5.207   -2.102  1.00 10.81 ? 1375 TYR A C   1 
ATOM   501  O O   . TYR A 1 84  ? -13.373 4.409   -2.550  1.00 11.67 ? 1375 TYR A O   1 
ATOM   502  C CB  . TYR A 1 84  ? -10.585 3.843   -1.478  1.00 10.32 ? 1375 TYR A CB  1 
ATOM   503  C CG  . TYR A 1 84  ? -9.472  3.577   -0.508  1.00 9.28  ? 1375 TYR A CG  1 
ATOM   504  C CD1 . TYR A 1 84  ? -8.757  4.609   0.090   1.00 9.19  ? 1375 TYR A CD1 1 
ATOM   505  C CD2 . TYR A 1 84  ? -9.091  2.289   -0.232  1.00 9.26  ? 1375 TYR A CD2 1 
ATOM   506  C CE1 . TYR A 1 84  ? -7.718  4.323   0.958   1.00 8.92  ? 1375 TYR A CE1 1 
ATOM   507  C CE2 . TYR A 1 84  ? -8.064  1.992   0.628   1.00 9.26  ? 1375 TYR A CE2 1 
ATOM   508  C CZ  . TYR A 1 84  ? -7.382  3.013   1.244   1.00 9.49  ? 1375 TYR A CZ  1 
ATOM   509  O OH  . TYR A 1 84  ? -6.380  2.672   2.106   1.00 10.18 ? 1375 TYR A OH  1 
ATOM   510  N N   . GLU A 1 85  ? -12.407 6.443   -2.554  1.00 12.61 ? 1376 GLU A N   1 
ATOM   511  C CA  . GLU A 1 85  ? -13.126 6.928   -3.749  1.00 12.89 ? 1376 GLU A CA  1 
ATOM   512  C C   . GLU A 1 85  ? -12.354 6.639   -5.033  1.00 13.14 ? 1376 GLU A C   1 
ATOM   513  O O   . GLU A 1 85  ? -12.975 6.599   -6.090  1.00 15.79 ? 1376 GLU A O   1 
ATOM   514  C CB  . GLU A 1 85  ? -13.322 8.430   -3.678  1.00 14.72 ? 1376 GLU A CB  1 
ATOM   515  C CG  . GLU A 1 85  ? -14.237 8.861   -4.797  1.00 19.96 ? 1376 GLU A CG  1 
ATOM   516  C CD  . GLU A 1 85  ? -14.625 10.309  -4.716  1.00 23.36 ? 1376 GLU A CD  1 
ATOM   517  O OE1 . GLU A 1 85  ? -13.996 11.032  -3.909  1.00 28.62 ? 1376 GLU A OE1 1 
ATOM   518  O OE2 . GLU A 1 85  ? -15.625 10.668  -5.443  1.00 30.16 ? 1376 GLU A OE2 1 
ATOM   519  N N   . SER A 1 86  ? -11.058 6.368   -4.972  1.00 11.93 ? 1377 SER A N   1 
ATOM   520  C CA  . SER A 1 86  ? -10.248 6.228   -6.198  1.00 11.66 ? 1377 SER A CA  1 
ATOM   521  C C   . SER A 1 86  ? -9.047  5.381   -5.848  1.00 11.36 ? 1377 SER A C   1 
ATOM   522  O O   . SER A 1 86  ? -8.649  5.281   -4.685  1.00 11.33 ? 1377 SER A O   1 
ATOM   523  C CB  . SER A 1 86  ? -9.775  7.554   -6.701  1.00 11.29 ? 1377 SER A CB  1 
ATOM   524  O OG  . SER A 1 86  ? -8.827  8.089   -5.810  1.00 12.00 ? 1377 SER A OG  1 
ATOM   525  N N   . PRO A 1 87  ? -8.404  4.769   -6.859  1.00 10.98 ? 1378 PRO A N   1 
ATOM   526  C CA  . PRO A 1 87  ? -7.186  4.018   -6.578  1.00 10.90 ? 1378 PRO A CA  1 
ATOM   527  C C   . PRO A 1 87  ? -6.043  4.938   -6.179  1.00 10.16 ? 1378 PRO A C   1 
ATOM   528  O O   . PRO A 1 87  ? -5.138  4.436   -5.552  1.00 9.72  ? 1378 PRO A O   1 
ATOM   529  C CB  . PRO A 1 87  ? -6.891  3.353   -7.926  1.00 10.60 ? 1378 PRO A CB  1 
ATOM   530  C CG  . PRO A 1 87  ? -7.569  4.248   -8.974  1.00 11.22 ? 1378 PRO A CG  1 
ATOM   531  C CD  . PRO A 1 87  ? -8.819  4.707   -8.276  1.00 11.75 ? 1378 PRO A CD  1 
ATOM   532  N N   . MET A 1 88  ? -6.108  6.219   -6.521  1.00 8.87  ? 1379 MET A N   1 
ATOM   533  C CA  . MET A 1 88  ? -5.096  7.200   -6.081  1.00 9.09  ? 1379 MET A CA  1 
ATOM   534  C C   . MET A 1 88  ? -5.080  7.257   -4.547  1.00 8.92  ? 1379 MET A C   1 
ATOM   535  O O   . MET A 1 88  ? -4.025  7.334   -3.937  1.00 9.23  ? 1379 MET A O   1 
ATOM   536  C CB  . MET A 1 88  ? -5.318  8.590   -6.695  1.00 10.26 ? 1379 MET A CB  1 
ATOM   537  C CG  . MET A 1 88  ? -5.132  8.582   -8.184  1.00 10.41 ? 1379 MET A CG  1 
ATOM   538  S SD  . MET A 1 88  ? -6.617  8.133   -9.086  1.00 12.75 ? 1379 MET A SD  1 
ATOM   539  C CE  . MET A 1 88  ? -7.516  9.671   -8.941  1.00 13.74 ? 1379 MET A CE  1 
ATOM   540  N N   . GLU A 1 89  ? -6.234  7.222   -3.888  1.00 9.20  ? 1380 GLU A N   1 
ATOM   541  C CA  . GLU A 1 89  ? -6.277  7.299   -2.426  1.00 10.01 ? 1380 GLU A CA  1 
ATOM   542  C C   . GLU A 1 89  ? -5.643  6.027   -1.859  1.00 9.05  ? 1380 GLU A C   1 
ATOM   543  O O   . GLU A 1 89  ? -4.915  6.095   -0.862  1.00 9.75  ? 1380 GLU A O   1 
ATOM   544  C CB  . GLU A 1 89  ? -7.709  7.420   -1.959  1.00 10.70 ? 1380 GLU A CB  1 
ATOM   545  C CG  . GLU A 1 89  ? -8.338  8.726   -2.299  1.00 12.14 ? 1380 GLU A CG  1 
ATOM   546  C CD  . GLU A 1 89  ? -9.767  8.787   -1.814  1.00 12.47 ? 1380 GLU A CD  1 
ATOM   547  O OE1 . GLU A 1 89  ? -10.303 7.772   -1.427  1.00 13.37 ? 1380 GLU A OE1 1 
ATOM   548  O OE2 . GLU A 1 89  ? -10.346 9.908   -1.888  1.00 17.81 ? 1380 GLU A OE2 1 
ATOM   549  N N   . LEU A 1 90  ? -5.978  4.857   -2.406  1.00 9.03  ? 1381 LEU A N   1 
ATOM   550  C CA  . LEU A 1 90  ? -5.397  3.590   -1.935  1.00 9.76  ? 1381 LEU A CA  1 
ATOM   551  C C   . LEU A 1 90  ? -3.883  3.643   -2.099  1.00 10.07 ? 1381 LEU A C   1 
ATOM   552  O O   . LEU A 1 90  ? -3.122  3.226   -1.214  1.00 9.45  ? 1381 LEU A O   1 
ATOM   553  C CB  . LEU A 1 90  ? -6.020  2.420   -2.707  1.00 10.09 ? 1381 LEU A CB  1 
ATOM   554  C CG  . LEU A 1 90  ? -5.457  1.054   -2.364  1.00 9.98  ? 1381 LEU A CG  1 
ATOM   555  C CD1 . LEU A 1 90  ? -6.569  0.011   -2.398  1.00 9.58  ? 1381 LEU A CD1 1 
ATOM   556  C CD2 . LEU A 1 90  ? -4.280  0.705   -3.266  1.00 10.29 ? 1381 LEU A CD2 1 
ATOM   557  N N   . CYS A 1 91  ? -3.437  4.146   -3.247  0.50 10.29 ? 1382 CYS A N   1 
ATOM   558  C CA  . CYS A 1 91  ? -2.003  4.233   -3.582  0.50 10.72 ? 1382 CYS A CA  1 
ATOM   559  C C   . CYS A 1 91  ? -1.297  5.118   -2.545  0.50 10.38 ? 1382 CYS A C   1 
ATOM   560  O O   . CYS A 1 91  ? -0.189  4.758   -2.123  0.50 10.41 ? 1382 CYS A O   1 
ATOM   561  C CB  . CYS A 1 91  ? -1.856  4.744   -5.009  0.50 11.37 ? 1382 CYS A CB  1 
ATOM   562  S SG  . CYS A 1 91  ? -0.174  4.579   -5.651  0.50 13.04 ? 1382 CYS A SG  1 
ATOM   563  N N   . LYS A 1 92  ? -1.921  6.225   -2.133  1.00 10.19 ? 1383 LYS A N   1 
ATOM   564  C CA  . LYS A 1 92  ? -1.320  7.125   -1.152  1.00 11.24 ? 1383 LYS A CA  1 
ATOM   565  C C   . LYS A 1 92  ? -1.119  6.375   0.167   1.00 10.06 ? 1383 LYS A C   1 
ATOM   566  O O   . LYS A 1 92  ? -0.057  6.474   0.764   1.00 10.54 ? 1383 LYS A O   1 
ATOM   567  C CB  . LYS A 1 92  ? -2.220  8.340   -1.011  1.00 12.85 ? 1383 LYS A CB  1 
ATOM   568  C CG  . LYS A 1 92  ? -1.692  9.363   -0.036  1.00 15.50 ? 1383 LYS A CG  1 
ATOM   569  C CD  . LYS A 1 92  ? -2.514  10.626  -0.011  1.00 19.20 ? 1383 LYS A CD  1 
ATOM   570  C CE  . LYS A 1 92  ? -2.419  11.291  1.351   1.00 25.51 ? 1383 LYS A CE  1 
ATOM   571  N NZ  . LYS A 1 92  ? -2.905  12.698  1.341   1.00 28.52 ? 1383 LYS A NZ  1 
ATOM   572  N N   . ASP A 1 93  ? -2.105  5.612   0.606   1.00 10.26 ? 1384 ASP A N   1 
ATOM   573  C CA  . ASP A 1 93  ? -1.966  4.860   1.865   1.00 9.99  ? 1384 ASP A CA  1 
ATOM   574  C C   . ASP A 1 93  ? -0.914  3.736   1.713   1.00 9.08  ? 1384 ASP A C   1 
ATOM   575  O O   . ASP A 1 93  ? -0.125  3.524   2.643   1.00 9.00  ? 1384 ASP A O   1 
ATOM   576  C CB  . ASP A 1 93  ? -3.286  4.259   2.303   1.00 9.98  ? 1384 ASP A CB  1 
ATOM   577  C CG  . ASP A 1 93  ? -4.230  5.239   2.954   1.00 12.43 ? 1384 ASP A CG  1 
ATOM   578  O OD1 . ASP A 1 93  ? -3.780  6.372   3.222   1.00 15.09 ? 1384 ASP A OD1 1 
ATOM   579  O OD2 . ASP A 1 93  ? -5.393  4.839   3.192   1.00 12.28 ? 1384 ASP A OD2 1 
ATOM   580  N N   . VAL A 1 94  ? -0.846  3.052   0.565   1.00 8.29  ? 1385 VAL A N   1 
ATOM   581  C CA  . VAL A 1 94  ? 0.174   2.001   0.399   1.00 8.62  ? 1385 VAL A CA  1 
ATOM   582  C C   . VAL A 1 94  ? 1.532   2.674   0.436   1.00 8.70  ? 1385 VAL A C   1 
ATOM   583  O O   . VAL A 1 94  ? 2.451   2.177   1.078   1.00 9.18  ? 1385 VAL A O   1 
ATOM   584  C CB  . VAL A 1 94  ? -0.048  1.194   -0.877  1.00 9.16  ? 1385 VAL A CB  1 
ATOM   585  C CG1 . VAL A 1 94  ? 1.143   0.298   -1.132  1.00 9.04  ? 1385 VAL A CG1 1 
ATOM   586  C CG2 . VAL A 1 94  ? -1.296  0.317   -0.742  1.00 9.33  ? 1385 VAL A CG2 1 
ATOM   587  N N   . ARG A 1 95  ? 1.678   3.806   -0.245  1.00 9.26  ? 1386 ARG A N   1 
ATOM   588  C CA  . ARG A 1 95  ? 2.984   4.487   -0.278  1.00 9.01  ? 1386 ARG A CA  1 
ATOM   589  C C   . ARG A 1 95  ? 3.377   4.949   1.119   1.00 9.28  ? 1386 ARG A C   1 
ATOM   590  O O   . ARG A 1 95  ? 4.562   4.938   1.448   1.00 8.83  ? 1386 ARG A O   1 
ATOM   591  C CB  . ARG A 1 95  ? 2.960   5.596   -1.315  1.00 10.16 ? 1386 ARG A CB  1 
ATOM   592  C CG  . ARG A 1 95  ? 3.039   5.060   -2.720  1.00 10.94 ? 1386 ARG A CG  1 
ATOM   593  C CD  . ARG A 1 95  ? 2.683   6.117   -3.718  1.00 12.45 ? 1386 ARG A CD  1 
ATOM   594  N NE  . ARG A 1 95  ? 2.852   5.615   -5.065  1.00 13.26 ? 1386 ARG A NE  1 
ATOM   595  C CZ  . ARG A 1 95  ? 2.539   6.311   -6.149  1.00 16.40 ? 1386 ARG A CZ  1 
ATOM   596  N NH1 . ARG A 1 95  ? 2.021   7.530   -6.056  1.00 17.22 ? 1386 ARG A NH1 1 
ATOM   597  N NH2 . ARG A 1 95  ? 2.729   5.774   -7.339  1.00 18.73 ? 1386 ARG A NH2 1 
ATOM   598  N N   . LEU A 1 96  ? 2.417   5.290   1.963   1.00 9.28  ? 1387 LEU A N   1 
ATOM   599  C CA  . LEU A 1 96  ? 2.668   5.631   3.387   1.00 9.51  ? 1387 LEU A CA  1 
ATOM   600  C C   . LEU A 1 96  ? 3.241   4.441   4.149   1.00 9.31  ? 1387 LEU A C   1 
ATOM   601  O O   . LEU A 1 96  ? 4.116   4.630   4.986   1.00 8.54  ? 1387 LEU A O   1 
ATOM   602  C CB  . LEU A 1 96  ? 1.352   6.076   4.011   1.00 10.25 ? 1387 LEU A CB  1 
ATOM   603  C CG  . LEU A 1 96  ? 1.398   6.512   5.466   1.00 11.22 ? 1387 LEU A CG  1 
ATOM   604  C CD1 . LEU A 1 96  ? 2.363   7.649   5.673   1.00 11.34 ? 1387 LEU A CD1 1 
ATOM   605  C CD2 . LEU A 1 96  ? 0.012   6.922   5.939   1.00 11.44 ? 1387 LEU A CD2 1 
ATOM   606  N N   . ILE A 1 97  ? 2.776   3.216   3.865   1.00 9.35  ? 1388 ILE A N   1 
ATOM   607  C CA  . ILE A 1 97  ? 3.396   2.019   4.495   1.00 9.04  ? 1388 ILE A CA  1 
ATOM   608  C C   . ILE A 1 97  ? 4.894   2.103   4.226   1.00 8.76  ? 1388 ILE A C   1 
ATOM   609  O O   . ILE A 1 97  ? 5.713   1.846   5.127   1.00 9.02  ? 1388 ILE A O   1 
ATOM   610  C CB  . ILE A 1 97  ? 2.778   0.703   3.993   1.00 9.74  ? 1388 ILE A CB  1 
ATOM   611  C CG1 . ILE A 1 97  ? 1.273   0.656   4.285   1.00 9.57  ? 1388 ILE A CG1 1 
ATOM   612  C CG2 . ILE A 1 97  ? 3.512   -0.492  4.579   1.00 10.32 ? 1388 ILE A CG2 1 
ATOM   613  C CD1 . ILE A 1 97  ? 0.507   -0.474  3.638   1.00 9.69  ? 1388 ILE A CD1 1 
ATOM   614  N N   . PHE A 1 98  ? 5.247   2.326   2.972   1.00 8.31  ? 1389 PHE A N   1 
ATOM   615  C CA  . PHE A 1 98  ? 6.667   2.220   2.580   1.00 9.86  ? 1389 PHE A CA  1 
ATOM   616  C C   . PHE A 1 98  ? 7.430   3.420   3.121   1.00 9.25  ? 1389 PHE A C   1 
ATOM   617  O O   . PHE A 1 98  ? 8.565   3.262   3.581   1.00 9.34  ? 1389 PHE A O   1 
ATOM   618  C CB  . PHE A 1 98  ? 6.772   2.056   1.066   1.00 9.53  ? 1389 PHE A CB  1 
ATOM   619  C CG  . PHE A 1 98  ? 6.086   0.815   0.550   1.00 10.01 ? 1389 PHE A CG  1 
ATOM   620  C CD1 . PHE A 1 98  ? 6.245   -0.404  1.187   1.00 12.15 ? 1389 PHE A CD1 1 
ATOM   621  C CD2 . PHE A 1 98  ? 5.245   0.900   -0.544  1.00 10.41 ? 1389 PHE A CD2 1 
ATOM   622  C CE1 . PHE A 1 98  ? 5.609   -1.529  0.684   1.00 12.32 ? 1389 PHE A CE1 1 
ATOM   623  C CE2 . PHE A 1 98  ? 4.621   -0.252  -1.019  1.00 11.30 ? 1389 PHE A CE2 1 
ATOM   624  C CZ  . PHE A 1 98  ? 4.822   -1.429  -0.404  1.00 12.11 ? 1389 PHE A CZ  1 
ATOM   625  N N   . SER A 1 99  ? 6.860   4.630   3.089   1.00 9.86  ? 1390 SER A N   1 
ATOM   626  C CA  . SER A 1 99  ? 7.604   5.781   3.626   1.00 9.85  ? 1390 SER A CA  1 
ATOM   627  C C   . SER A 1 99  ? 7.766   5.634   5.126   1.00 10.08 ? 1390 SER A C   1 
ATOM   628  O O   . SER A 1 99  ? 8.816   6.055   5.659   1.00 9.63  ? 1390 SER A O   1 
ATOM   629  C CB  . SER A 1 99  ? 6.977   7.090   3.222   1.00 10.80 ? 1390 SER A CB  1 
ATOM   630  O OG  . SER A 1 99  ? 5.671   7.216   3.693   1.00 12.81 ? 1390 SER A OG  1 
ATOM   631  N N   . ASN A 1 100 ? 6.789   5.094   5.819   1.00 9.14  ? 1391 ASN A N   1 
ATOM   632  C CA  . ASN A 1 100 ? 6.945   4.862   7.269   1.00 9.67  ? 1391 ASN A CA  1 
ATOM   633  C C   . ASN A 1 100 ? 8.120   3.914   7.495   1.00 9.19  ? 1391 ASN A C   1 
ATOM   634  O O   . ASN A 1 100 ? 8.902   4.129   8.438   1.00 9.59  ? 1391 ASN A O   1 
ATOM   635  C CB  . ASN A 1 100 ? 5.695   4.269   7.900   1.00 9.63  ? 1391 ASN A CB  1 
ATOM   636  C CG  . ASN A 1 100 ? 4.594   5.301   8.046   1.00 9.14  ? 1391 ASN A CG  1 
ATOM   637  O OD1 . ASN A 1 100 ? 4.796   6.504   7.935   1.00 10.57 ? 1391 ASN A OD1 1 
ATOM   638  N ND2 . ASN A 1 100 ? 3.413   4.836   8.358   1.00 10.56 ? 1391 ASN A ND2 1 
ATOM   639  N N   . SER A 1 101 ? 8.262   2.863   6.694   1.00 9.66  ? 1392 SER A N   1 
ATOM   640  C CA  . SER A 1 101 ? 9.369   1.906   6.888   1.00 9.95  ? 1392 SER A CA  1 
ATOM   641  C C   . SER A 1 101 ? 10.691  2.643   6.655   1.00 9.92  ? 1392 SER A C   1 
ATOM   642  O O   . SER A 1 101 ? 11.661  2.470   7.431   1.00 10.51 ? 1392 SER A O   1 
ATOM   643  C CB  . SER A 1 101 ? 9.169   0.705   6.003   1.00 9.33  ? 1392 SER A CB  1 
ATOM   644  O OG  . SER A 1 101 ? 10.206  -0.241  6.224   1.00 10.61 ? 1392 SER A OG  1 
ATOM   645  N N   . LYS A 1 102 ? 10.756  3.469   5.635   1.00 9.39  ? 1393 LYS A N   1 
ATOM   646  C CA  . LYS A 1 102 ? 12.000  4.222   5.333   1.00 10.89 ? 1393 LYS A CA  1 
ATOM   647  C C   . LYS A 1 102 ? 12.324  5.211   6.451   1.00 11.38 ? 1393 LYS A C   1 
ATOM   648  O O   . LYS A 1 102 ? 13.513  5.352   6.823   1.00 11.77 ? 1393 LYS A O   1 
ATOM   649  C CB  . LYS A 1 102 ? 11.817  4.942   4.016   1.00 11.54 ? 1393 LYS A CB  1 
ATOM   650  C CG  . LYS A 1 102 ? 13.069  5.599   3.478   1.00 11.49 ? 1393 LYS A CG  1 
ATOM   651  C CD  . LYS A 1 102 ? 12.902  6.106   2.104   1.00 13.73 ? 1393 LYS A CD  1 
ATOM   652  C CE  . LYS A 1 102 ? 14.226  6.543   1.522   1.00 14.87 ? 1393 LYS A CE  1 
ATOM   653  N NZ  . LYS A 1 102 ? 14.045  6.980   0.124   1.00 16.91 ? 1393 LYS A NZ  1 
ATOM   654  N N   . ALA A 1 103 ? 11.312  5.821   7.045   1.00 10.76 ? 1394 ALA A N   1 
ATOM   655  C CA  . ALA A 1 103 ? 11.511  6.784   8.138   1.00 11.91 ? 1394 ALA A CA  1 
ATOM   656  C C   . ALA A 1 103 ? 11.926  6.052   9.401   1.00 11.74 ? 1394 ALA A C   1 
ATOM   657  O O   . ALA A 1 103 ? 12.723  6.623   10.197  1.00 13.02 ? 1394 ALA A O   1 
ATOM   658  C CB  . ALA A 1 103 ? 10.248  7.577   8.319   1.00 11.09 ? 1394 ALA A CB  1 
ATOM   659  N N   . TYR A 1 104 ? 11.369  4.891   9.674   1.00 10.90 ? 1395 TYR A N   1 
ATOM   660  C CA  . TYR A 1 104 ? 11.645  4.180   10.939  1.00 11.95 ? 1395 TYR A CA  1 
ATOM   661  C C   . TYR A 1 104 ? 12.961  3.415   10.885  1.00 11.60 ? 1395 TYR A C   1 
ATOM   662  O O   . TYR A 1 104 ? 13.547  3.166   11.941  1.00 11.94 ? 1395 TYR A O   1 
ATOM   663  C CB  . TYR A 1 104 ? 10.488  3.303   11.357  1.00 11.97 ? 1395 TYR A CB  1 
ATOM   664  C CG  . TYR A 1 104 ? 10.689  2.837   12.757  1.00 12.68 ? 1395 TYR A CG  1 
ATOM   665  C CD1 . TYR A 1 104 ? 10.577  3.690   13.834  1.00 13.38 ? 1395 TYR A CD1 1 
ATOM   666  C CD2 . TYR A 1 104 ? 10.987  1.509   12.971  1.00 14.34 ? 1395 TYR A CD2 1 
ATOM   667  C CE1 . TYR A 1 104 ? 10.831  3.245   15.127  1.00 13.95 ? 1395 TYR A CE1 1 
ATOM   668  C CE2 . TYR A 1 104 ? 11.261  1.050   14.238  1.00 15.39 ? 1395 TYR A CE2 1 
ATOM   669  C CZ  . TYR A 1 104 ? 11.131  1.907   15.310  1.00 14.26 ? 1395 TYR A CZ  1 
ATOM   670  O OH  . TYR A 1 104 ? 11.374  1.431   16.560  1.00 16.91 ? 1395 TYR A OH  1 
ATOM   671  N N   . THR A 1 105 ? 13.476  3.070   9.719   1.00 11.39 ? 1396 THR A N   1 
ATOM   672  C CA  . THR A 1 105 ? 14.600  2.140   9.671   1.00 11.04 ? 1396 THR A CA  1 
ATOM   673  C C   . THR A 1 105 ? 15.866  2.818   10.190  1.00 12.72 ? 1396 THR A C   1 
ATOM   674  O O   . THR A 1 105 ? 16.137  3.971   9.860   1.00 12.64 ? 1396 THR A O   1 
ATOM   675  C CB  . THR A 1 105 ? 14.794  1.568   8.275   1.00 10.94 ? 1396 THR A CB  1 
ATOM   676  O OG1 . THR A 1 105 ? 15.709  0.484   8.406   1.00 11.87 ? 1396 THR A OG1 1 
ATOM   677  C CG2 . THR A 1 105 ? 15.341  2.579   7.299   1.00 11.57 ? 1396 THR A CG2 1 
ATOM   678  N N   . PRO A 1 106 ? 16.680  2.109   10.996  1.00 12.48 ? 1397 PRO A N   1 
ATOM   679  C CA  . PRO A 1 106 ? 17.938  2.691   11.473  1.00 13.45 ? 1397 PRO A CA  1 
ATOM   680  C C   . PRO A 1 106 ? 19.030  2.580   10.424  1.00 13.36 ? 1397 PRO A C   1 
ATOM   681  O O   . PRO A 1 106 ? 20.100  3.140   10.606  1.00 14.51 ? 1397 PRO A O   1 
ATOM   682  C CB  . PRO A 1 106 ? 18.228  1.853   12.719  1.00 13.90 ? 1397 PRO A CB  1 
ATOM   683  C CG  . PRO A 1 106 ? 17.633  0.500   12.407  1.00 13.92 ? 1397 PRO A CG  1 
ATOM   684  C CD  . PRO A 1 106 ? 16.401  0.781   11.565  1.00 12.64 ? 1397 PRO A CD  1 
ATOM   685  N N   . SER A 1 107 ? 18.797  1.790   9.383   1.00 12.26 ? 1398 SER A N   1 
ATOM   686  C CA  . SER A 1 107 ? 19.779  1.470   8.344   1.00 13.42 ? 1398 SER A CA  1 
ATOM   687  C C   . SER A 1 107 ? 19.055  1.200   7.035   1.00 13.02 ? 1398 SER A C   1 
ATOM   688  O O   . SER A 1 107 ? 18.020  0.543   7.042   1.00 12.06 ? 1398 SER A O   1 
ATOM   689  C CB  . SER A 1 107 ? 20.581  0.265   8.738   1.00 13.17 ? 1398 SER A CB  1 
ATOM   690  O OG  . SER A 1 107 ? 21.391  -0.096  7.658   1.00 14.23 ? 1398 SER A OG  1 
ATOM   691  N N   . LYS A 1 108 ? 19.656  1.583   5.927   1.00 14.84 ? 1399 LYS A N   1 
ATOM   692  C CA  . LYS A 1 108 ? 19.073  1.278   4.615   1.00 16.17 ? 1399 LYS A CA  1 
ATOM   693  C C   . LYS A 1 108 ? 19.318  -0.186  4.279   1.00 16.37 ? 1399 LYS A C   1 
ATOM   694  O O   . LYS A 1 108 ? 18.755  -0.643  3.270   1.00 17.43 ? 1399 LYS A O   1 
ATOM   695  C CB  . LYS A 1 108 ? 19.565  2.323   3.627   1.00 18.90 ? 1399 LYS A CB  1 
ATOM   696  C CG  . LYS A 1 108 ? 18.823  3.629   3.891   1.00 20.68 ? 1399 LYS A CG  1 
ATOM   697  C CD  . LYS A 1 108 ? 19.151  4.760   2.953   1.00 22.20 ? 1399 LYS A CD  1 
ATOM   698  C CE  . LYS A 1 108 ? 18.248  5.956   3.090   1.00 23.60 ? 1399 LYS A CE  1 
ATOM   699  N NZ  . LYS A 1 108 ? 18.368  6.872   1.930   1.00 26.00 ? 1399 LYS A NZ  1 
ATOM   700  N N   . ARG A 1 109 ? 20.076  -0.908  5.097   1.00 14.85 ? 1400 ARG A N   1 
ATOM   701  C CA  . ARG A 1 109 ? 20.326  -2.349  4.857   1.00 17.31 ? 1400 ARG A CA  1 
ATOM   702  C C   . ARG A 1 109 ? 19.581  -3.200  5.875   1.00 16.11 ? 1400 ARG A C   1 
ATOM   703  O O   . ARG A 1 109 ? 19.893  -4.370  6.014   1.00 19.33 ? 1400 ARG A O   1 
ATOM   704  C CB  . ARG A 1 109 ? 21.833  -2.640  4.924   1.00 20.75 ? 1400 ARG A CB  1 
ATOM   705  C CG  . ARG A 1 109 ? 22.679  -1.906  3.893   1.00 26.40 ? 1400 ARG A CG  1 
ATOM   706  C CD  . ARG A 1 109 ? 24.162  -2.059  4.216   1.00 32.62 ? 1400 ARG A CD  1 
ATOM   707  N NE  . ARG A 1 109 ? 24.635  -3.420  3.977   1.00 38.99 ? 1400 ARG A NE  1 
ATOM   708  C CZ  . ARG A 1 109 ? 25.010  -4.295  4.918   1.00 42.04 ? 1400 ARG A CZ  1 
ATOM   709  N NH1 . ARG A 1 109 ? 24.949  -3.980  6.201   1.00 50.77 ? 1400 ARG A NH1 1 
ATOM   710  N NH2 . ARG A 1 109 ? 25.415  -5.506  4.570   1.00 42.45 ? 1400 ARG A NH2 1 
ATOM   711  N N   . SER A 1 110 ? 18.627  -2.620  6.599   0.53 15.01 ? 1401 SER A N   1 
ATOM   712  C CA  . SER A 1 110 ? 17.806  -3.397  7.553   0.53 13.43 ? 1401 SER A CA  1 
ATOM   713  C C   . SER A 1 110 ? 16.959  -4.428  6.796   0.53 12.73 ? 1401 SER A C   1 
ATOM   714  O O   . SER A 1 110 ? 16.624  -4.220  5.606   0.53 12.40 ? 1401 SER A O   1 
ATOM   715  C CB  . SER A 1 110 ? 16.963  -2.520  8.416   0.53 13.80 ? 1401 SER A CB  1 
ATOM   716  O OG  . SER A 1 110 ? 15.692  -2.323  7.830   0.53 13.98 ? 1401 SER A OG  1 
ATOM   717  N N   . ARG A 1 111 ? 16.634  -5.526  7.469   1.00 12.28 ? 1402 ARG A N   1 
ATOM   718  C CA  . ARG A 1 111 ? 15.821  -6.593  6.874   1.00 11.81 ? 1402 ARG A CA  1 
ATOM   719  C C   . ARG A 1 111 ? 14.462  -6.021  6.500   1.00 11.76 ? 1402 ARG A C   1 
ATOM   720  O O   . ARG A 1 111 ? 14.020  -6.206  5.372   1.00 11.46 ? 1402 ARG A O   1 
ATOM   721  C CB  . ARG A 1 111 ? 15.645  -7.725  7.879   1.00 12.87 ? 1402 ARG A CB  1 
ATOM   722  C CG  . ARG A 1 111 ? 14.763  -8.844  7.362   1.00 13.70 ? 1402 ARG A CG  1 
ATOM   723  C CD  . ARG A 1 111 ? 15.517  -9.632  6.331   1.00 15.63 ? 1402 ARG A CD  1 
ATOM   724  N NE  . ARG A 1 111 ? 14.660  -10.465 5.532   1.00 19.82 ? 1402 ARG A NE  1 
ATOM   725  C CZ  . ARG A 1 111 ? 14.125  -11.621 5.927   1.00 18.39 ? 1402 ARG A CZ  1 
ATOM   726  N NH1 . ARG A 1 111 ? 14.473  -12.195 7.056   1.00 17.41 ? 1402 ARG A NH1 1 
ATOM   727  N NH2 . ARG A 1 111 ? 13.309  -12.290 5.119   1.00 24.98 ? 1402 ARG A NH2 1 
ATOM   728  N N   . ILE A 1 112 ? 13.779  -5.424  7.440   1.00 10.99 ? 1403 ILE A N   1 
ATOM   729  C CA  . ILE A 1 112 ? 12.348  -5.032  7.185   1.00 10.73 ? 1403 ILE A CA  1 
ATOM   730  C C   . ILE A 1 112 ? 12.304  -3.923  6.141   1.00 10.95 ? 1403 ILE A C   1 
ATOM   731  O O   . ILE A 1 112 ? 11.491  -3.989  5.203   1.00 10.10 ? 1403 ILE A O   1 
ATOM   732  C CB  . ILE A 1 112 ? 11.658  -4.637  8.489   1.00 11.20 ? 1403 ILE A CB  1 
ATOM   733  C CG1 . ILE A 1 112 ? 11.522  -5.860  9.379   1.00 12.14 ? 1403 ILE A CG1 1 
ATOM   734  C CG2 . ILE A 1 112 ? 10.302  -3.989  8.218   1.00 11.35 ? 1403 ILE A CG2 1 
ATOM   735  C CD1 . ILE A 1 112 ? 11.037  -5.624  10.803  1.00 13.64 ? 1403 ILE A CD1 1 
ATOM   736  N N   . TYR A 1 113 ? 13.234  -2.967  6.171   1.00 9.57  ? 1404 TYR A N   1 
ATOM   737  C CA  . TYR A 1 113 ? 13.269  -1.923  5.141   1.00 10.26 ? 1404 TYR A CA  1 
ATOM   738  C C   . TYR A 1 113 ? 13.564  -2.526  3.784   1.00 10.37 ? 1404 TYR A C   1 
ATOM   739  O O   . TYR A 1 113 ? 12.945  -2.155  2.796   1.00 10.67 ? 1404 TYR A O   1 
ATOM   740  C CB  . TYR A 1 113 ? 14.292  -0.847  5.470   1.00 10.63 ? 1404 TYR A CB  1 
ATOM   741  C CG  . TYR A 1 113 ? 14.447  0.193   4.392   1.00 10.54 ? 1404 TYR A CG  1 
ATOM   742  C CD1 . TYR A 1 113 ? 13.380  1.009   4.019   1.00 11.70 ? 1404 TYR A CD1 1 
ATOM   743  C CD2 . TYR A 1 113 ? 15.655  0.377   3.731   1.00 10.80 ? 1404 TYR A CD2 1 
ATOM   744  C CE1 . TYR A 1 113 ? 13.536  1.977   3.038   1.00 11.54 ? 1404 TYR A CE1 1 
ATOM   745  C CE2 . TYR A 1 113 ? 15.820  1.335   2.761   1.00 12.52 ? 1404 TYR A CE2 1 
ATOM   746  C CZ  . TYR A 1 113 ? 14.756  2.158   2.418   1.00 12.59 ? 1404 TYR A CZ  1 
ATOM   747  O OH  . TYR A 1 113 ? 14.981  3.077   1.421   1.00 13.88 ? 1404 TYR A OH  1 
ATOM   748  N N   A SER A 1 114 ? 14.490  -3.485  3.719   0.28 10.76 ? 1405 SER A N   1 
ATOM   749  N N   B SER A 1 114 ? 14.493  -3.480  3.718   0.25 10.65 ? 1405 SER A N   1 
ATOM   750  C CA  A SER A 1 114 ? 14.853  -4.145  2.441   0.28 11.30 ? 1405 SER A CA  1 
ATOM   751  C CA  B SER A 1 114 ? 14.853  -4.140  2.440   0.25 11.08 ? 1405 SER A CA  1 
ATOM   752  C C   A SER A 1 114 ? 13.614  -4.851  1.867   0.28 11.15 ? 1405 SER A C   1 
ATOM   753  C C   B SER A 1 114 ? 13.620  -4.858  1.867   0.25 11.04 ? 1405 SER A C   1 
ATOM   754  O O   A SER A 1 114 ? 13.415  -4.830  0.627   0.28 11.17 ? 1405 SER A O   1 
ATOM   755  O O   B SER A 1 114 ? 13.429  -4.846  0.625   0.25 11.09 ? 1405 SER A O   1 
ATOM   756  C CB  A SER A 1 114 ? 16.001  -5.107  2.595   0.28 11.77 ? 1405 SER A CB  1 
ATOM   757  C CB  B SER A 1 114 ? 16.007  -5.086  2.607   0.25 11.39 ? 1405 SER A CB  1 
ATOM   758  O OG  A SER A 1 114 ? 15.579  -6.329  3.187   0.28 12.74 ? 1405 SER A OG  1 
ATOM   759  O OG  B SER A 1 114 ? 17.185  -4.383  2.969   0.25 11.94 ? 1405 SER A OG  1 
ATOM   760  N N   . MET A 1 115 ? 12.815  -5.465  2.734   1.00 10.76 ? 1406 MET A N   1 
ATOM   761  C CA  . MET A 1 115 ? 11.557  -6.125  2.330   1.00 11.03 ? 1406 MET A CA  1 
ATOM   762  C C   . MET A 1 115 ? 10.600  -5.064  1.771   1.00 10.17 ? 1406 MET A C   1 
ATOM   763  O O   . MET A 1 115 ? 9.952   -5.305  0.720   1.00 10.81 ? 1406 MET A O   1 
ATOM   764  C CB  . MET A 1 115 ? 10.932  -6.866  3.503   1.00 10.77 ? 1406 MET A CB  1 
ATOM   765  C CG  . MET A 1 115 ? 11.736  -8.083  3.943   1.00 12.57 ? 1406 MET A CG  1 
ATOM   766  S SD  . MET A 1 115 ? 11.228  -8.702  5.533   1.00 15.04 ? 1406 MET A SD  1 
ATOM   767  C CE  . MET A 1 115 ? 9.796   -9.578  5.032   1.00 16.10 ? 1406 MET A CE  1 
ATOM   768  N N   . SER A 1 116 ? 10.544  -3.900  2.408   1.00 10.28 ? 1407 SER A N   1 
ATOM   769  C CA  . SER A 1 116 ? 9.662   -2.810  1.973   1.00 9.77  ? 1407 SER A CA  1 
ATOM   770  C C   . SER A 1 116 ? 10.050  -2.398  0.551   1.00 10.03 ? 1407 SER A C   1 
ATOM   771  O O   . SER A 1 116 ? 9.167   -2.075  -0.228  1.00 10.12 ? 1407 SER A O   1 
ATOM   772  C CB  . SER A 1 116 ? 9.676   -1.619  2.919   1.00 10.10 ? 1407 SER A CB  1 
ATOM   773  O OG  . SER A 1 116 ? 10.747  -0.739  2.682   1.00 10.32 ? 1407 SER A OG  1 
ATOM   774  N N   . LEU A 1 117 ? 11.335  -2.315  0.234   1.00 10.23 ? 1408 LEU A N   1 
ATOM   775  C CA  . LEU A 1 117 ? 11.721  -1.822  -1.093  1.00 10.80 ? 1408 LEU A CA  1 
ATOM   776  C C   . LEU A 1 117 ? 11.303  -2.813  -2.168  1.00 10.24 ? 1408 LEU A C   1 
ATOM   777  O O   . LEU A 1 117 ? 10.879  -2.360  -3.243  1.00 10.12 ? 1408 LEU A O   1 
ATOM   778  C CB  . LEU A 1 117 ? 13.215  -1.568  -1.136  1.00 11.34 ? 1408 LEU A CB  1 
ATOM   779  C CG  . LEU A 1 117 ? 13.723  -0.430  -0.274  1.00 12.07 ? 1408 LEU A CG  1 
ATOM   780  C CD1 . LEU A 1 117 ? 15.229  -0.304  -0.454  1.00 13.70 ? 1408 LEU A CD1 1 
ATOM   781  C CD2 . LEU A 1 117 ? 13.026  0.878   -0.587  1.00 13.80 ? 1408 LEU A CD2 1 
ATOM   782  N N   . ARG A 1 118 ? 11.452  -4.119  -1.913  1.00 10.59 ? 1409 ARG A N   1 
ATOM   783  C CA  . ARG A 1 118 ? 11.039  -5.104  -2.934  1.00 10.03 ? 1409 ARG A CA  1 
ATOM   784  C C   . ARG A 1 118 ? 9.524   -5.070  -3.080  1.00 10.60 ? 1409 ARG A C   1 
ATOM   785  O O   . ARG A 1 118 ? 9.004   -5.104  -4.197  1.00 10.44 ? 1409 ARG A O   1 
ATOM   786  C CB  . ARG A 1 118 ? 11.447  -6.527  -2.569  1.00 10.83 ? 1409 ARG A CB  1 
ATOM   787  C CG  . ARG A 1 118 ? 12.958  -6.745  -2.638  1.00 11.06 ? 1409 ARG A CG  1 
ATOM   788  C CD  . ARG A 1 118 ? 13.290  -8.229  -2.498  1.00 11.71 ? 1409 ARG A CD  1 
ATOM   789  N NE  . ARG A 1 118 ? 12.965  -8.744  -1.197  1.00 11.91 ? 1409 ARG A NE  1 
ATOM   790  C CZ  . ARG A 1 118 ? 13.795  -8.860  -0.164  1.00 12.88 ? 1409 ARG A CZ  1 
ATOM   791  N NH1 . ARG A 1 118 ? 15.030  -8.414  -0.241  1.00 14.73 ? 1409 ARG A NH1 1 
ATOM   792  N NH2 . ARG A 1 118 ? 13.336  -9.327  0.996   1.00 14.78 ? 1409 ARG A NH2 1 
ATOM   793  N N   . LEU A 1 119 ? 8.823   -4.983  -1.967  1.00 10.18 ? 1410 LEU A N   1 
ATOM   794  C CA  . LEU A 1 119 ? 7.359   -4.980  -2.029  1.00 9.55  ? 1410 LEU A CA  1 
ATOM   795  C C   . LEU A 1 119 ? 6.871   -3.726  -2.734  1.00 9.29  ? 1410 LEU A C   1 
ATOM   796  O O   . LEU A 1 119 ? 5.882   -3.792  -3.472  1.00 9.10  ? 1410 LEU A O   1 
ATOM   797  C CB  . LEU A 1 119 ? 6.789   -5.072  -0.627  1.00 10.94 ? 1410 LEU A CB  1 
ATOM   798  C CG  . LEU A 1 119 ? 5.319   -5.462  -0.578  1.00 12.31 ? 1410 LEU A CG  1 
ATOM   799  C CD1 . LEU A 1 119 ? 5.134   -6.873  -1.123  1.00 12.69 ? 1410 LEU A CD1 1 
ATOM   800  C CD2 . LEU A 1 119 ? 4.825   -5.399  0.838   1.00 12.18 ? 1410 LEU A CD2 1 
ATOM   801  N N   . SER A 1 120 ? 7.534   -2.594  -2.484  1.00 9.13  ? 1411 SER A N   1 
ATOM   802  C CA  . SER A 1 120 ? 7.202   -1.328  -3.141  1.00 9.42  ? 1411 SER A CA  1 
ATOM   803  C C   . SER A 1 120 ? 7.375   -1.495  -4.651  1.00 9.70  ? 1411 SER A C   1 
ATOM   804  O O   . SER A 1 120 ? 6.510   -1.017  -5.413  1.00 9.52  ? 1411 SER A O   1 
ATOM   805  C CB  . SER A 1 120 ? 8.074   -0.228  -2.606  1.00 9.79  ? 1411 SER A CB  1 
ATOM   806  O OG  . SER A 1 120 ? 7.836   0.978   -3.302  1.00 10.66 ? 1411 SER A OG  1 
ATOM   807  N N   . ALA A 1 121 ? 8.477   -2.067  -5.110  1.00 9.00  ? 1412 ALA A N   1 
ATOM   808  C CA  . ALA A 1 121 ? 8.708   -2.233  -6.550  1.00 9.40  ? 1412 ALA A CA  1 
ATOM   809  C C   . ALA A 1 121 ? 7.589   -3.050  -7.127  1.00 9.66  ? 1412 ALA A C   1 
ATOM   810  O O   . ALA A 1 121 ? 7.083   -2.724  -8.215  1.00 10.20 ? 1412 ALA A O   1 
ATOM   811  C CB  . ALA A 1 121 ? 10.023  -2.905  -6.790  1.00 10.27 ? 1412 ALA A CB  1 
ATOM   812  N N   . PHE A 1 122 ? 7.221   -4.139  -6.449  1.00 9.52  ? 1413 PHE A N   1 
ATOM   813  C CA  . PHE A 1 122 ? 6.132   -5.031  -6.912  1.00 9.92  ? 1413 PHE A CA  1 
ATOM   814  C C   . PHE A 1 122 ? 4.819   -4.259  -6.993  1.00 9.94  ? 1413 PHE A C   1 
ATOM   815  O O   . PHE A 1 122 ? 4.063   -4.332  -7.955  1.00 10.57 ? 1413 PHE A O   1 
ATOM   816  C CB  . PHE A 1 122 ? 6.020   -6.237  -5.984  1.00 10.19 ? 1413 PHE A CB  1 
ATOM   817  C CG  . PHE A 1 122 ? 4.874   -7.146  -6.312  1.00 11.38 ? 1413 PHE A CG  1 
ATOM   818  C CD1 . PHE A 1 122 ? 4.976   -8.088  -7.318  1.00 12.55 ? 1413 PHE A CD1 1 
ATOM   819  C CD2 . PHE A 1 122 ? 3.695   -7.078  -5.607  1.00 12.04 ? 1413 PHE A CD2 1 
ATOM   820  C CE1 . PHE A 1 122 ? 3.909   -8.901  -7.637  1.00 14.01 ? 1413 PHE A CE1 1 
ATOM   821  C CE2 . PHE A 1 122 ? 2.640   -7.947  -5.888  1.00 13.63 ? 1413 PHE A CE2 1 
ATOM   822  C CZ  . PHE A 1 122 ? 2.773   -8.869  -6.891  1.00 14.26 ? 1413 PHE A CZ  1 
ATOM   823  N N   . PHE A 1 123 ? 4.542   -3.498  -5.931  1.00 10.04 ? 1414 PHE A N   1 
ATOM   824  C CA  . PHE A 1 123 ? 3.292   -2.738  -5.886  1.00 9.95  ? 1414 PHE A CA  1 
ATOM   825  C C   . PHE A 1 123 ? 3.244   -1.716  -7.021  1.00 9.01  ? 1414 PHE A C   1 
ATOM   826  O O   . PHE A 1 123 ? 2.245   -1.628  -7.762  1.00 9.26  ? 1414 PHE A O   1 
ATOM   827  C CB  . PHE A 1 123 ? 3.110   -2.074  -4.521  1.00 9.88  ? 1414 PHE A CB  1 
ATOM   828  C CG  . PHE A 1 123 ? 1.967   -1.083  -4.510  1.00 10.75 ? 1414 PHE A CG  1 
ATOM   829  C CD1 . PHE A 1 123 ? 0.663   -1.548  -4.409  1.00 10.49 ? 1414 PHE A CD1 1 
ATOM   830  C CD2 . PHE A 1 123 ? 2.201   0.283   -4.663  1.00 10.25 ? 1414 PHE A CD2 1 
ATOM   831  C CE1 . PHE A 1 123 ? -0.399  -0.643  -4.412  1.00 10.62 ? 1414 PHE A CE1 1 
ATOM   832  C CE2 . PHE A 1 123 ? 1.133   1.174   -4.648  1.00 11.61 ? 1414 PHE A CE2 1 
ATOM   833  C CZ  . PHE A 1 123 ? -0.145  0.694   -4.547  1.00 10.61 ? 1414 PHE A CZ  1 
ATOM   834  N N   . GLU A 1 124 ? 4.311   -0.954  -7.212  1.00 9.06  ? 1415 GLU A N   1 
ATOM   835  C CA  . GLU A 1 124 ? 4.346   0.102   -8.258  1.00 10.54 ? 1415 GLU A CA  1 
ATOM   836  C C   . GLU A 1 124 ? 4.184   -0.544  -9.630  1.00 10.58 ? 1415 GLU A C   1 
ATOM   837  O O   . GLU A 1 124 ? 3.504   0.008   -10.470 1.00 11.90 ? 1415 GLU A O   1 
ATOM   838  C CB  . GLU A 1 124 ? 5.623   0.937   -8.140  1.00 11.23 ? 1415 GLU A CB  1 
ATOM   839  C CG  . GLU A 1 124 ? 5.623   1.755   -6.848  1.00 11.97 ? 1415 GLU A CG  1 
ATOM   840  C CD  . GLU A 1 124 ? 4.543   2.837   -6.720  1.00 13.94 ? 1415 GLU A CD  1 
ATOM   841  O OE1 . GLU A 1 124 ? 4.077   3.334   -7.753  1.00 14.01 ? 1415 GLU A OE1 1 
ATOM   842  O OE2 . GLU A 1 124 ? 4.173   3.185   -5.576  1.00 12.99 ? 1415 GLU A OE2 1 
ATOM   843  N N   . GLU A 1 125 ? 4.791   -1.692  -9.857  1.00 10.24 ? 1416 GLU A N   1 
ATOM   844  C CA  . GLU A 1 125 ? 4.728   -2.363  -11.176 1.00 10.70 ? 1416 GLU A CA  1 
ATOM   845  C C   . GLU A 1 125 ? 3.281   -2.716  -11.480 1.00 10.74 ? 1416 GLU A C   1 
ATOM   846  O O   . GLU A 1 125 ? 2.883   -2.577  -12.642 1.00 11.51 ? 1416 GLU A O   1 
ATOM   847  C CB  . GLU A 1 125 ? 5.541   -3.639  -11.041 1.00 11.51 ? 1416 GLU A CB  1 
ATOM   848  C CG  . GLU A 1 125 ? 5.490   -4.590  -12.221 1.00 12.12 ? 1416 GLU A CG  1 
ATOM   849  C CD  . GLU A 1 125 ? 6.445   -5.740  -11.968 1.00 12.66 ? 1416 GLU A CD  1 
ATOM   850  O OE1 . GLU A 1 125 ? 7.687   -5.432  -11.897 1.00 12.91 ? 1416 GLU A OE1 1 
ATOM   851  O OE2 . GLU A 1 125 ? 5.965   -6.864  -11.708 1.00 14.35 ? 1416 GLU A OE2 1 
ATOM   852  N N   . HIS A 1 126 ? 2.525   -3.137  -10.479 1.00 10.91 ? 1417 HIS A N   1 
ATOM   853  C CA  . HIS A 1 126 ? 1.130   -3.582  -10.667 1.00 12.28 ? 1417 HIS A CA  1 
ATOM   854  C C   . HIS A 1 126 ? 0.105   -2.449  -10.584 1.00 12.32 ? 1417 HIS A C   1 
ATOM   855  O O   . HIS A 1 126 ? -0.927  -2.545  -11.288 1.00 13.10 ? 1417 HIS A O   1 
ATOM   856  C CB  . HIS A 1 126 ? 0.825   -4.676  -9.657  1.00 12.93 ? 1417 HIS A CB  1 
ATOM   857  C CG  . HIS A 1 126 ? 1.469   -5.957  -10.036 1.00 16.06 ? 1417 HIS A CG  1 
ATOM   858  N ND1 . HIS A 1 126 ? 2.798   -6.201  -9.869  1.00 17.02 ? 1417 HIS A ND1 1 
ATOM   859  C CD2 . HIS A 1 126 ? 0.930   -7.050  -10.610 1.00 21.37 ? 1417 HIS A CD2 1 
ATOM   860  C CE1 . HIS A 1 126 ? 3.071   -7.380  -10.418 1.00 19.98 ? 1417 HIS A CE1 1 
ATOM   861  N NE2 . HIS A 1 126 ? 1.958   -7.937  -10.788 1.00 23.47 ? 1417 HIS A NE2 1 
ATOM   862  N N   . ILE A 1 127 ? 0.338   -1.406  -9.793  1.00 11.93 ? 1418 ILE A N   1 
ATOM   863  C CA  . ILE A 1 127 ? -0.681  -0.352  -9.644  1.00 11.24 ? 1418 ILE A CA  1 
ATOM   864  C C   . ILE A 1 127 ? -0.700  0.594   -10.845 1.00 11.43 ? 1418 ILE A C   1 
ATOM   865  O O   . ILE A 1 127 ? -1.695  1.269   -11.062 1.00 10.64 ? 1418 ILE A O   1 
ATOM   866  C CB  . ILE A 1 127 ? -0.456  0.437   -8.339  1.00 11.22 ? 1418 ILE A CB  1 
ATOM   867  C CG1 . ILE A 1 127 ? -1.743  1.100   -7.822  1.00 11.95 ? 1418 ILE A CG1 1 
ATOM   868  C CG2 . ILE A 1 127 ? 0.648   1.493   -8.491  1.00 10.69 ? 1418 ILE A CG2 1 
ATOM   869  C CD1 . ILE A 1 127 ? -2.831  0.177   -7.493  1.00 13.06 ? 1418 ILE A CD1 1 
ATOM   870  N N   A SER A 1 128 ? 0.385   0.672   -11.608 0.25 11.39 ? 1419 SER A N   1 
ATOM   871  N N   B SER A 1 128 ? 0.390   0.656   -11.613 0.25 11.72 ? 1419 SER A N   1 
ATOM   872  C CA  A SER A 1 128 ? 0.506   1.647   -12.720 0.25 11.72 ? 1419 SER A CA  1 
ATOM   873  C CA  B SER A 1 128 ? 0.528   1.601   -12.753 0.25 12.27 ? 1419 SER A CA  1 
ATOM   874  C C   A SER A 1 128 ? -0.674  1.485   -13.701 0.25 11.30 ? 1419 SER A C   1 
ATOM   875  C C   B SER A 1 128 ? -0.689  1.477   -13.684 0.25 11.61 ? 1419 SER A C   1 
ATOM   876  O O   A SER A 1 128 ? -1.293  2.506   -14.040 0.25 11.04 ? 1419 SER A O   1 
ATOM   877  O O   B SER A 1 128 ? -1.313  2.505   -13.989 0.25 11.33 ? 1419 SER A O   1 
ATOM   878  C CB  A SER A 1 128 ? 1.849   1.521   -13.383 0.25 12.54 ? 1419 SER A CB  1 
ATOM   879  C CB  B SER A 1 128 ? 1.815   1.405   -13.515 0.25 13.54 ? 1419 SER A CB  1 
ATOM   880  O OG  A SER A 1 128 ? 2.085   0.174   -13.723 0.25 13.33 ? 1419 SER A OG  1 
ATOM   881  O OG  B SER A 1 128 ? 1.907   2.379   -14.551 0.25 15.23 ? 1419 SER A OG  1 
ATOM   882  N N   . SER A 1 129 ? -1.033  0.258   -14.086 1.00 11.01 ? 1420 SER A N   1 
ATOM   883  C CA  . SER A 1 129 ? -2.118  0.034   -15.073 1.00 12.17 ? 1420 SER A CA  1 
ATOM   884  C C   . SER A 1 129 ? -3.466  0.333   -14.418 1.00 11.07 ? 1420 SER A C   1 
ATOM   885  O O   . SER A 1 129 ? -4.373  0.816   -15.082 1.00 11.09 ? 1420 SER A O   1 
ATOM   886  C CB  . SER A 1 129 ? -2.098  -1.315  -15.681 1.00 13.63 ? 1420 SER A CB  1 
ATOM   887  O OG  . SER A 1 129 ? -2.265  -2.320  -14.704 1.00 18.63 ? 1420 SER A OG  1 
ATOM   888  N N   . VAL A 1 130 ? -3.576  0.057   -13.120 1.00 9.90  ? 1421 VAL A N   1 
ATOM   889  C CA  . VAL A 1 130 ? -4.836  0.344   -12.387 1.00 10.45 ? 1421 VAL A CA  1 
ATOM   890  C C   . VAL A 1 130 ? -5.100  1.836   -12.402 1.00 10.84 ? 1421 VAL A C   1 
ATOM   891  O O   . VAL A 1 130 ? -6.235  2.254   -12.712 1.00 10.98 ? 1421 VAL A O   1 
ATOM   892  C CB  . VAL A 1 130 ? -4.774  -0.172  -10.961 1.00 10.29 ? 1421 VAL A CB  1 
ATOM   893  C CG1 . VAL A 1 130 ? -6.069  0.176   -10.221 1.00 10.87 ? 1421 VAL A CG1 1 
ATOM   894  C CG2 . VAL A 1 130 ? -4.519  -1.644  -10.947 1.00 10.35 ? 1421 VAL A CG2 1 
ATOM   895  N N   . LEU A 1 131 ? -4.089  2.640   -12.118 1.00 10.01 ? 1422 LEU A N   1 
ATOM   896  C CA  . LEU A 1 131 ? -4.223  4.104   -12.122 1.00 10.11 ? 1422 LEU A CA  1 
ATOM   897  C C   . LEU A 1 131 ? -4.485  4.613   -13.528 1.00 10.03 ? 1422 LEU A C   1 
ATOM   898  O O   . LEU A 1 131 ? -5.380  5.428   -13.712 1.00 10.59 ? 1422 LEU A O   1 
ATOM   899  C CB  . LEU A 1 131 ? -2.947  4.749   -11.568 1.00 10.97 ? 1422 LEU A CB  1 
ATOM   900  C CG  . LEU A 1 131 ? -2.674  4.445   -10.101 1.00 11.30 ? 1422 LEU A CG  1 
ATOM   901  C CD1 . LEU A 1 131 ? -1.270  4.825   -9.752  1.00 12.70 ? 1422 LEU A CD1 1 
ATOM   902  C CD2 . LEU A 1 131 ? -3.679  5.142   -9.211  1.00 13.62 ? 1422 LEU A CD2 1 
ATOM   903  N N   . SER A 1 132 ? -3.734  4.096   -14.473 1.00 10.97 ? 1423 SER A N   1 
ATOM   904  C CA  . SER A 1 132 ? -3.868  4.570   -15.870 1.00 11.97 ? 1423 SER A CA  1 
ATOM   905  C C   . SER A 1 132 ? -5.284  4.293   -16.380 1.00 11.28 ? 1423 SER A C   1 
ATOM   906  O O   . SER A 1 132 ? -5.921  5.184   -16.965 1.00 11.36 ? 1423 SER A O   1 
ATOM   907  C CB  . SER A 1 132 ? -2.879  3.850   -16.774 1.00 12.34 ? 1423 SER A CB  1 
ATOM   908  O OG  . SER A 1 132 ? -1.589  4.335   -16.502 1.00 15.45 ? 1423 SER A OG  1 
ATOM   909  N N   . ASP A 1 133 ? -5.768  3.088   -16.101 1.00 10.84 ? 1424 ASP A N   1 
ATOM   910  C CA  . ASP A 1 133 ? -7.092  2.686   -16.615 1.00 11.19 ? 1424 ASP A CA  1 
ATOM   911  C C   . ASP A 1 133 ? -8.160  3.529   -15.948 1.00 11.08 ? 1424 ASP A C   1 
ATOM   912  O O   . ASP A 1 133 ? -9.128  3.950   -16.613 1.00 11.91 ? 1424 ASP A O   1 
ATOM   913  C CB  . ASP A 1 133 ? -7.356  1.204   -16.415 1.00 12.73 ? 1424 ASP A CB  1 
ATOM   914  C CG  . ASP A 1 133 ? -6.607  0.283   -17.357 1.00 16.82 ? 1424 ASP A CG  1 
ATOM   915  O OD1 . ASP A 1 133 ? -5.850  0.763   -18.207 1.00 16.49 ? 1424 ASP A OD1 1 
ATOM   916  O OD2 . ASP A 1 133 ? -6.791  -0.938  -17.188 1.00 23.47 ? 1424 ASP A OD2 1 
ATOM   917  N N   . TYR A 1 134 ? -8.078  3.718   -14.638 1.00 10.30 ? 1425 TYR A N   1 
ATOM   918  C CA  . TYR A 1 134 ? -9.072  4.535   -13.926 1.00 10.17 ? 1425 TYR A CA  1 
ATOM   919  C C   . TYR A 1 134 ? -9.090  5.944   -14.490 1.00 10.34 ? 1425 TYR A C   1 
ATOM   920  O O   . TYR A 1 134 ? -10.143 6.526   -14.777 1.00 11.30 ? 1425 TYR A O   1 
ATOM   921  C CB  . TYR A 1 134 ? -8.772  4.563   -12.430 1.00 10.07 ? 1425 TYR A CB  1 
ATOM   922  C CG  . TYR A 1 134 ? -9.667  5.453   -11.655 1.00 10.48 ? 1425 TYR A CG  1 
ATOM   923  C CD1 . TYR A 1 134 ? -10.949 5.036   -11.376 1.00 11.98 ? 1425 TYR A CD1 1 
ATOM   924  C CD2 . TYR A 1 134 ? -9.270  6.726   -11.305 1.00 11.93 ? 1425 TYR A CD2 1 
ATOM   925  C CE1 . TYR A 1 134 ? -11.816 5.857   -10.689 1.00 13.41 ? 1425 TYR A CE1 1 
ATOM   926  C CE2 . TYR A 1 134 ? -10.096 7.536   -10.574 1.00 12.14 ? 1425 TYR A CE2 1 
ATOM   927  C CZ  . TYR A 1 134 ? -11.369 7.090   -10.268 1.00 12.84 ? 1425 TYR A CZ  1 
ATOM   928  O OH  . TYR A 1 134 ? -12.232 7.885   -9.572  1.00 16.43 ? 1425 TYR A OH  1 
ATOM   929  N N   . LYS A 1 135 ? -7.916  6.549   -14.611 1.00 10.77 ? 1426 LYS A N   1 
ATOM   930  C CA  . LYS A 1 135 ? -7.890  7.961   -15.036 1.00 10.54 ? 1426 LYS A CA  1 
ATOM   931  C C   . LYS A 1 135 ? -8.393  8.050   -16.480 1.00 9.98  ? 1426 LYS A C   1 
ATOM   932  O O   . LYS A 1 135 ? -9.096  9.009   -16.788 1.00 9.85  ? 1426 LYS A O   1 
ATOM   933  C CB  . LYS A 1 135 ? -6.472  8.527   -14.880 1.00 12.03 ? 1426 LYS A CB  1 
ATOM   934  C CG  . LYS A 1 135 ? -6.059  8.643   -13.424 1.00 12.40 ? 1426 LYS A CG  1 
ATOM   935  C CD  . LYS A 1 135 ? -4.652  9.147   -13.263 1.00 14.23 ? 1426 LYS A CD  1 
ATOM   936  C CE  . LYS A 1 135 ? -4.136  8.998   -11.852 1.00 18.39 ? 1426 LYS A CE  1 
ATOM   937  N NZ  . LYS A 1 135 ? -2.692  9.293   -11.880 1.00 22.43 ? 1426 LYS A NZ  1 
ATOM   938  N N   . SER A 1 136 ? -8.068  7.091   -17.300 1.00 10.28 ? 1427 SER A N   1 
ATOM   939  C CA  . SER A 1 136 ? -8.583  7.036   -18.690 1.00 11.47 ? 1427 SER A CA  1 
ATOM   940  C C   . SER A 1 136 ? -10.102 6.910   -18.686 1.00 11.63 ? 1427 SER A C   1 
ATOM   941  O O   . SER A 1 136 ? -10.772 7.599   -19.460 1.00 11.03 ? 1427 SER A O   1 
ATOM   942  C CB  . SER A 1 136 ? -7.960  5.917   -19.430 1.00 12.97 ? 1427 SER A CB  1 
ATOM   943  O OG  . SER A 1 136 ? -8.672  5.703   -20.639 1.00 18.99 ? 1427 SER A OG  1 
ATOM   944  N N   . ALA A 1 137 ? -10.640 6.048   -17.840 1.00 12.59 ? 1428 ALA A N   1 
ATOM   945  C CA  . ALA A 1 137 ? -12.103 5.831   -17.716 1.00 12.58 ? 1428 ALA A CA  1 
ATOM   946  C C   . ALA A 1 137 ? -12.793 7.098   -17.307 1.00 12.32 ? 1428 ALA A C   1 
ATOM   947  O O   . ALA A 1 137 ? -13.841 7.424   -17.831 1.00 12.91 ? 1428 ALA A O   1 
ATOM   948  C CB  . ALA A 1 137 ? -12.427 4.774   -16.690 1.00 13.54 ? 1428 ALA A CB  1 
ATOM   949  N N   . LEU A 1 138 ? -12.226 7.822   -16.351 0.50 12.75 ? 1429 LEU A N   1 
ATOM   950  C CA  . LEU A 1 138 ? -12.821 9.076   -15.856 0.50 13.80 ? 1429 LEU A CA  1 
ATOM   951  C C   . LEU A 1 138 ? -12.768 10.129  -16.963 0.50 12.44 ? 1429 LEU A C   1 
ATOM   952  O O   . LEU A 1 138 ? -13.756 10.862  -17.136 0.50 12.48 ? 1429 LEU A O   1 
ATOM   953  C CB  . LEU A 1 138 ? -12.060 9.508   -14.608 0.50 15.99 ? 1429 LEU A CB  1 
ATOM   954  C CG  . LEU A 1 138 ? -12.929 9.980   -13.456 0.50 17.34 ? 1429 LEU A CG  1 
ATOM   955  C CD1 . LEU A 1 138 ? -14.003 8.960   -13.105 0.50 17.49 ? 1429 LEU A CD1 1 
ATOM   956  C CD2 . LEU A 1 138 ? -12.057 10.287  -12.258 0.50 17.41 ? 1429 LEU A CD2 1 
ATOM   957  N N   . ARG A 1 139 ? -11.662 10.196  -17.709 1.00 10.95 ? 1430 ARG A N   1 
ATOM   958  C CA  . ARG A 1 139 ? -11.595 11.153  -18.826 1.00 11.44 ? 1430 ARG A CA  1 
ATOM   959  C C   . ARG A 1 139 ? -12.695 10.809  -19.845 1.00 10.23 ? 1430 ARG A C   1 
ATOM   960  O O   . ARG A 1 139 ? -13.356 11.711  -20.368 1.00 11.45 ? 1430 ARG A O   1 
ATOM   961  C CB  . ARG A 1 139 ? -10.233 11.166  -19.494 1.00 11.34 ? 1430 ARG A CB  1 
ATOM   962  C CG  . ARG A 1 139 ? -9.141  11.744  -18.609 1.00 11.60 ? 1430 ARG A CG  1 
ATOM   963  C CD  . ARG A 1 139 ? -7.867  11.962  -19.385 1.00 12.07 ? 1430 ARG A CD  1 
ATOM   964  N NE  . ARG A 1 139 ? -7.232  10.730  -19.781 1.00 11.79 ? 1430 ARG A NE  1 
ATOM   965  C CZ  . ARG A 1 139 ? -6.295  10.078  -19.106 1.00 11.07 ? 1430 ARG A CZ  1 
ATOM   966  N NH1 . ARG A 1 139 ? -5.938  10.473  -17.896 1.00 12.46 ? 1430 ARG A NH1 1 
ATOM   967  N NH2 . ARG A 1 139 ? -5.713  9.049   -19.668 1.00 10.98 ? 1430 ARG A NH2 1 
ATOM   968  N N   . PHE A 1 140 ? -12.861 9.532   -20.150 1.00 10.23 ? 1431 PHE A N   1 
ATOM   969  C CA  . PHE A 1 140 ? -13.873 9.109   -21.138 1.00 10.87 ? 1431 PHE A CA  1 
ATOM   970  C C   . PHE A 1 140 ? -15.244 9.524   -20.624 1.00 11.36 ? 1431 PHE A C   1 
ATOM   971  O O   . PHE A 1 140 ? -16.073 10.089  -21.359 1.00 11.31 ? 1431 PHE A O   1 
ATOM   972  C CB  . PHE A 1 140 ? -13.761 7.628   -21.427 1.00 11.35 ? 1431 PHE A CB  1 
ATOM   973  C CG  . PHE A 1 140 ? -14.646 7.204   -22.565 1.00 12.96 ? 1431 PHE A CG  1 
ATOM   974  C CD1 . PHE A 1 140 ? -14.270 7.438   -23.873 1.00 15.02 ? 1431 PHE A CD1 1 
ATOM   975  C CD2 . PHE A 1 140 ? -15.858 6.593   -22.325 1.00 13.48 ? 1431 PHE A CD2 1 
ATOM   976  C CE1 . PHE A 1 140 ? -15.088 7.039   -24.920 1.00 15.09 ? 1431 PHE A CE1 1 
ATOM   977  C CE2 . PHE A 1 140 ? -16.699 6.256   -23.375 1.00 14.56 ? 1431 PHE A CE2 1 
ATOM   978  C CZ  . PHE A 1 140 ? -16.290 6.454   -24.670 1.00 15.57 ? 1431 PHE A CZ  1 
ATOM   979  N N   . HIS A 1 141 ? -15.463 9.314   -19.336 1.00 12.44 ? 1432 HIS A N   1 
ATOM   980  C CA  . HIS A 1 141 ? -16.778 9.644   -18.735 1.00 14.17 ? 1432 HIS A CA  1 
ATOM   981  C C   . HIS A 1 141 ? -17.075 11.132  -18.912 1.00 15.65 ? 1432 HIS A C   1 
ATOM   982  O O   . HIS A 1 141 ? -18.250 11.489  -19.148 1.00 17.63 ? 1432 HIS A O   1 
ATOM   983  C CB  . HIS A 1 141 ? -16.767 9.220   -17.277 1.00 14.16 ? 1432 HIS A CB  1 
ATOM   984  C CG  . HIS A 1 141 ? -18.105 9.429   -16.651 1.00 13.70 ? 1432 HIS A CG  1 
ATOM   985  N ND1 . HIS A 1 141 ? -19.141 8.594   -16.960 1.00 13.83 ? 1432 HIS A ND1 1 
ATOM   986  C CD2 . HIS A 1 141 ? -18.566 10.323  -15.764 1.00 16.28 ? 1432 HIS A CD2 1 
ATOM   987  C CE1 . HIS A 1 141 ? -20.198 8.948   -16.277 1.00 14.68 ? 1432 HIS A CE1 1 
ATOM   988  N NE2 . HIS A 1 141 ? -19.887 10.004  -15.534 1.00 15.63 ? 1432 HIS A NE2 1 
ATOM   989  N N   . LYS A 1 142 ? -16.074 11.993  -18.831 1.00 16.29 ? 1433 LYS A N   1 
ATOM   990  C CA  . LYS A 1 142 ? -16.222 13.478  -18.921 1.00 19.85 ? 1433 LYS A CA  1 
ATOM   991  C C   . LYS A 1 142 ? -15.978 14.014  -20.333 1.00 22.92 ? 1433 LYS A C   1 
ATOM   992  O O   . LYS A 1 142 ? -15.956 15.245  -20.465 1.00 31.38 ? 1433 LYS A O   1 
ATOM   993  C CB  . LYS A 1 142 ? -15.247 14.116  -17.929 1.00 26.34 ? 1433 LYS A CB  1 
ATOM   994  C CG  . LYS A 1 142 ? -15.444 13.678  -16.486 1.00 28.71 ? 1433 LYS A CG  1 
ATOM   995  C CD  . LYS A 1 142 ? -14.466 14.316  -15.507 1.00 34.73 ? 1433 LYS A CD  1 
ATOM   996  C CE  . LYS A 1 142 ? -14.155 13.480  -14.283 1.00 38.34 ? 1433 LYS A CE  1 
ATOM   997  N NZ  . LYS A 1 142 ? -15.253 12.541  -13.939 1.00 42.53 ? 1433 LYS A NZ  1 
ATOM   998  N N   . ARG A 1 143 ? -15.841 13.177  -21.366 1.00 20.41 ? 1434 ARG A N   1 
ATOM   999  C CA  . ARG A 1 143 ? -15.382 13.565  -22.727 1.00 20.86 ? 1434 ARG A CA  1 
ATOM   1000 C C   . ARG A 1 143 ? -16.288 14.650  -23.351 1.00 25.36 ? 1434 ARG A C   1 
ATOM   1001 O O   . ARG A 1 143 ? -17.475 14.631  -23.092 1.00 26.41 ? 1434 ARG A O   1 
ATOM   1002 C CB  . ARG A 1 143 ? -15.271 12.325  -23.600 1.00 19.77 ? 1434 ARG A CB  1 
ATOM   1003 C CG  . ARG A 1 143 ? -16.607 11.682  -23.934 1.00 18.53 ? 1434 ARG A CG  1 
ATOM   1004 C CD  . ARG A 1 143 ? -16.415 10.309  -24.504 1.00 18.70 ? 1434 ARG A CD  1 
ATOM   1005 N NE  . ARG A 1 143 ? -17.638 9.688   -24.957 1.00 18.78 ? 1434 ARG A NE  1 
ATOM   1006 C CZ  . ARG A 1 143 ? -18.528 9.099   -24.199 1.00 20.11 ? 1434 ARG A CZ  1 
ATOM   1007 N NH1 . ARG A 1 143 ? -18.392 9.052   -22.885 1.00 17.77 ? 1434 ARG A NH1 1 
ATOM   1008 N NH2 . ARG A 1 143 ? -19.598 8.549   -24.754 1.00 21.87 ? 1434 ARG A NH2 1 
HETATM 1009 N N1  . Y1J B 2 .   ? 7.040   -3.438  11.962  0.53 11.05 ? 1501 Y1J A N1  1 
HETATM 1010 C C4  . Y1J B 2 .   ? 5.108   -7.847  11.702  0.53 12.65 ? 1501 Y1J A C4  1 
HETATM 1011 C C5  . Y1J B 2 .   ? 8.352   -3.057  12.515  0.53 10.66 ? 1501 Y1J A C5  1 
HETATM 1012 C C6  . Y1J B 2 .   ? 8.677   -1.600  12.190  0.53 10.73 ? 1501 Y1J A C6  1 
HETATM 1013 C C7  . Y1J B 2 .   ? 9.494   -0.995  9.856   0.53 11.06 ? 1501 Y1J A C7  1 
HETATM 1014 C C8  . Y1J B 2 .   ? 10.928  -1.091  10.171  0.53 10.69 ? 1501 Y1J A C8  1 
HETATM 1015 C C10 . Y1J B 2 .   ? 13.141  -1.136  10.167  0.53 10.08 ? 1501 Y1J A C10 1 
HETATM 1016 C C13 . Y1J B 2 .   ? 6.920   -3.138  10.531  0.53 10.77 ? 1501 Y1J A C13 1 
HETATM 1017 N N   . Y1J B 2 .   ? 5.302   -4.978  11.941  0.53 11.51 ? 1501 Y1J A N   1 
HETATM 1018 C C   . Y1J B 2 .   ? 6.253   -4.330  12.637  0.53 11.31 ? 1501 Y1J A C   1 
HETATM 1019 O O   . Y1J B 2 .   ? 6.419   -4.550  13.829  0.53 11.30 ? 1501 Y1J A O   1 
HETATM 1020 C C1  . Y1J B 2 .   ? 4.236   -5.728  12.591  0.53 12.07 ? 1501 Y1J A C1  1 
HETATM 1021 C C11 . Y1J B 2 .   ? 12.701  -1.911  11.140  0.53 10.60 ? 1501 Y1J A C11 1 
HETATM 1022 C C12 . Y1J B 2 .   ? 7.212   -1.687  10.289  0.53 10.96 ? 1501 Y1J A C12 1 
HETATM 1023 C C2  . Y1J B 2 .   ? 4.684   -7.137  12.916  0.53 13.01 ? 1501 Y1J A C2  1 
HETATM 1024 C C3  . Y1J B 2 .   ? 3.929   -8.338  12.459  0.53 14.24 ? 1501 Y1J A C3  1 
HETATM 1025 C C9  . Y1J B 2 .   ? 12.014  -0.594  9.532   0.53 10.70 ? 1501 Y1J A C9  1 
HETATM 1026 N N2  . Y1J B 2 .   ? 8.569   -1.380  10.743  0.53 10.87 ? 1501 Y1J A N2  1 
HETATM 1027 O O1  . Y1J B 2 .   ? 9.186   -0.571  8.753   0.53 11.41 ? 1501 Y1J A O1  1 
HETATM 1028 O O2  . Y1J B 2 .   ? 11.320  -1.903  11.188  0.53 10.70 ? 1501 Y1J A O2  1 
HETATM 1029 O O   . HOH C 3 .   ? 8.370   -12.892 5.880   1.00 27.73 ? 1601 HOH A O   1 
HETATM 1030 O O   . HOH C 3 .   ? 5.675   7.532   21.560  1.00 40.71 ? 1602 HOH A O   1 
HETATM 1031 O O   . HOH C 3 .   ? -14.481 7.248   -8.902  1.00 35.73 ? 1603 HOH A O   1 
HETATM 1032 O O   . HOH C 3 .   ? -16.916 12.692  -5.876  1.00 39.05 ? 1604 HOH A O   1 
HETATM 1033 O O   . HOH C 3 .   ? -5.717  0.784   11.159  1.00 35.32 ? 1605 HOH A O   1 
HETATM 1034 O O   . HOH C 3 .   ? 13.504  6.806   18.966  1.00 25.15 ? 1606 HOH A O   1 
HETATM 1035 O O   . HOH C 3 .   ? 8.718   -14.591 10.552  1.00 36.81 ? 1607 HOH A O   1 
HETATM 1036 O O   . HOH C 3 .   ? 9.208   -6.852  13.780  1.00 22.69 ? 1608 HOH A O   1 
HETATM 1037 O O   . HOH C 3 .   ? -4.973  -12.304 -6.369  1.00 33.43 ? 1609 HOH A O   1 
HETATM 1038 O O   . HOH C 3 .   ? 17.104  8.874   2.702   1.00 32.81 ? 1610 HOH A O   1 
HETATM 1039 O O   . HOH C 3 .   ? -1.918  -4.479  -12.505 1.00 27.64 ? 1611 HOH A O   1 
HETATM 1040 O O   . HOH C 3 .   ? 15.002  -8.755  3.318   1.00 30.91 ? 1612 HOH A O   1 
HETATM 1041 O O   . HOH C 3 .   ? 4.373   -9.861  19.554  1.00 66.66 ? 1613 HOH A O   1 
HETATM 1042 O O   . HOH C 3 .   ? 9.700   11.472  12.331  1.00 28.26 ? 1614 HOH A O   1 
HETATM 1043 O O   . HOH C 3 .   ? 12.421  -1.858  19.550  1.00 40.15 ? 1615 HOH A O   1 
HETATM 1044 O O   . HOH C 3 .   ? 5.047   -5.120  15.901  0.53 13.62 ? 1616 HOH A O   1 
HETATM 1045 O O   . HOH C 3 .   ? 13.165  9.123   10.444  1.00 17.27 ? 1617 HOH A O   1 
HETATM 1046 O O   . HOH C 3 .   ? 6.578   -14.356 6.115   1.00 44.05 ? 1618 HOH A O   1 
HETATM 1047 O O   . HOH C 3 .   ? -3.238  5.640   10.738  1.00 25.47 ? 1619 HOH A O   1 
HETATM 1048 O O   . HOH C 3 .   ? -12.480 3.796   -27.417 1.00 31.04 ? 1620 HOH A O   1 
HETATM 1049 O O   . HOH C 3 .   ? -9.022  10.671  -5.927  1.00 27.27 ? 1621 HOH A O   1 
HETATM 1050 O O   . HOH C 3 .   ? 18.711  -1.104  0.711   1.00 29.51 ? 1622 HOH A O   1 
HETATM 1051 O O   . HOH C 3 .   ? -17.434 -2.169  -0.178  1.00 14.87 ? 1623 HOH A O   1 
HETATM 1052 O O   . HOH C 3 .   ? 5.953   5.356   20.530  1.00 25.82 ? 1624 HOH A O   1 
HETATM 1053 O O   . HOH C 3 .   ? -7.329  6.344   4.081   1.00 32.93 ? 1625 HOH A O   1 
HETATM 1054 O O   . HOH C 3 .   ? 7.188   1.393   9.443   1.00 12.73 ? 1626 HOH A O   1 
HETATM 1055 O O   . HOH C 3 .   ? 14.608  2.940   18.997  1.00 27.70 ? 1627 HOH A O   1 
HETATM 1056 O O   . HOH C 3 .   ? 6.010   3.232   23.943  1.00 24.82 ? 1628 HOH A O   1 
HETATM 1057 O O   . HOH C 3 .   ? -0.372  -5.205  15.650  1.00 38.91 ? 1629 HOH A O   1 
HETATM 1058 O O   . HOH C 3 .   ? 0.173   -1.495  18.166  1.00 41.23 ? 1630 HOH A O   1 
HETATM 1059 O O   . HOH C 3 .   ? 8.735   -3.301  -13.036 1.00 20.82 ? 1631 HOH A O   1 
HETATM 1060 O O   . HOH C 3 .   ? 3.254   -2.978  9.905   1.00 15.16 ? 1632 HOH A O   1 
HETATM 1061 O O   . HOH C 3 .   ? 17.139  3.055   -0.097  1.00 24.14 ? 1633 HOH A O   1 
HETATM 1062 O O   . HOH C 3 .   ? 5.478   2.458   -3.401  1.00 14.29 ? 1634 HOH A O   1 
HETATM 1063 O O   . HOH C 3 .   ? 15.638  6.313   8.742   1.00 14.05 ? 1635 HOH A O   1 
HETATM 1064 O O   . HOH C 3 .   ? -1.030  0.641   10.901  1.00 17.06 ? 1636 HOH A O   1 
HETATM 1065 O O   . HOH C 3 .   ? 3.364   -0.823  8.328   1.00 18.43 ? 1637 HOH A O   1 
HETATM 1066 O O   . HOH C 3 .   ? 19.757  -4.949  2.663   1.00 37.52 ? 1638 HOH A O   1 
HETATM 1067 O O   . HOH C 3 .   ? 12.100  8.540   20.741  1.00 22.51 ? 1639 HOH A O   1 
HETATM 1068 O O   . HOH C 3 .   ? 10.299  1.784   1.941   1.00 12.20 ? 1640 HOH A O   1 
HETATM 1069 O O   . HOH C 3 .   ? 7.486   -8.074  -9.877  1.00 12.85 ? 1641 HOH A O   1 
HETATM 1070 O O   . HOH C 3 .   ? -11.613 -9.509  -5.554  1.00 34.83 ? 1642 HOH A O   1 
HETATM 1071 O O   . HOH C 3 .   ? 3.128   1.967   9.788   1.00 13.87 ? 1643 HOH A O   1 
HETATM 1072 O O   . HOH C 3 .   ? -15.491 -5.114  -4.919  1.00 29.94 ? 1644 HOH A O   1 
HETATM 1073 O O   . HOH C 3 .   ? -3.823  13.923  -0.857  1.00 38.27 ? 1645 HOH A O   1 
HETATM 1074 O O   . HOH C 3 .   ? -0.774  -13.664 4.036   1.00 27.40 ? 1646 HOH A O   1 
HETATM 1075 O O   . HOH C 3 .   ? 11.612  -0.072  -4.443  1.00 19.70 ? 1647 HOH A O   1 
HETATM 1076 O O   . HOH C 3 .   ? -18.457 6.662   -18.698 1.00 12.56 ? 1648 HOH A O   1 
HETATM 1077 O O   . HOH C 3 .   ? -12.219 14.078  -20.946 1.00 25.33 ? 1649 HOH A O   1 
HETATM 1078 O O   . HOH C 3 .   ? 17.062  5.853   -0.201  1.00 27.04 ? 1650 HOH A O   1 
HETATM 1079 O O   . HOH C 3 .   ? 2.559   9.654   16.626  1.00 28.11 ? 1651 HOH A O   1 
HETATM 1080 O O   . HOH C 3 .   ? -14.255 -3.344  -9.248  1.00 12.05 ? 1652 HOH A O   1 
HETATM 1081 O O   . HOH C 3 .   ? -11.528 10.348  -8.720  1.00 24.47 ? 1653 HOH A O   1 
HETATM 1082 O O   . HOH C 3 .   ? 4.160   8.621   1.943   1.00 15.17 ? 1654 HOH A O   1 
HETATM 1083 O O   . HOH C 3 .   ? 4.732   -7.737  -13.958 1.00 24.15 ? 1655 HOH A O   1 
HETATM 1084 O O   . HOH C 3 .   ? -15.896 5.828   -18.597 1.00 13.23 ? 1656 HOH A O   1 
HETATM 1085 O O   . HOH C 3 .   ? -4.867  -6.438  -9.949  1.00 22.44 ? 1657 HOH A O   1 
HETATM 1086 O O   . HOH C 3 .   ? 22.212  4.392   9.442   1.00 16.52 ? 1658 HOH A O   1 
HETATM 1087 O O   . HOH C 3 .   ? -8.587  0.682   -13.097 1.00 11.21 ? 1659 HOH A O   1 
HETATM 1088 O O   . HOH C 3 .   ? 5.488   0.624   7.551   1.00 17.38 ? 1660 HOH A O   1 
HETATM 1089 O O   . HOH C 3 .   ? 6.014   8.234   6.219   1.00 14.66 ? 1661 HOH A O   1 
HETATM 1090 O O   . HOH C 3 .   ? 1.434   -18.394 1.161   1.00 17.11 ? 1662 HOH A O   1 
HETATM 1091 O O   . HOH C 3 .   ? 0.209   2.418   -17.222 1.00 19.28 ? 1663 HOH A O   1 
HETATM 1092 O O   . HOH C 3 .   ? 3.414   2.796   -10.344 1.00 15.21 ? 1664 HOH A O   1 
HETATM 1093 O O   . HOH C 3 .   ? 13.387  -5.116  13.791  1.00 33.06 ? 1665 HOH A O   1 
HETATM 1094 O O   . HOH C 3 .   ? -18.923 0.163   4.914   1.00 28.19 ? 1666 HOH A O   1 
HETATM 1095 O O   . HOH C 3 .   ? 9.489   3.012   -2.500  1.00 22.13 ? 1667 HOH A O   1 
HETATM 1096 O O   . HOH C 3 .   ? -2.283  8.662   3.464   1.00 26.49 ? 1668 HOH A O   1 
HETATM 1097 O O   . HOH C 3 .   ? 11.443  -11.865 2.847   1.00 35.39 ? 1669 HOH A O   1 
HETATM 1098 O O   . HOH C 3 .   ? -0.672  11.713  14.323  1.00 39.31 ? 1670 HOH A O   1 
HETATM 1099 O O   . HOH C 3 .   ? 15.504  -4.506  -1.148  1.00 14.91 ? 1671 HOH A O   1 
HETATM 1100 O O   . HOH C 3 .   ? 1.703   8.579   0.970   1.00 13.01 ? 1672 HOH A O   1 
HETATM 1101 O O   . HOH C 3 .   ? 0.100   3.254   16.887  1.00 60.26 ? 1673 HOH A O   1 
HETATM 1102 O O   . HOH C 3 .   ? 1.144   -18.113 -3.169  1.00 35.94 ? 1674 HOH A O   1 
HETATM 1103 O O   . HOH C 3 .   ? -8.154  10.119  -22.307 1.00 14.50 ? 1675 HOH A O   1 
HETATM 1104 O O   . HOH C 3 .   ? -7.811  -8.263  -0.898  1.00 28.30 ? 1676 HOH A O   1 
HETATM 1105 O O   . HOH C 3 .   ? -12.094 -5.080  -12.100 1.00 20.27 ? 1677 HOH A O   1 
HETATM 1106 O O   . HOH C 3 .   ? -11.119 0.758   -16.282 1.00 16.92 ? 1678 HOH A O   1 
HETATM 1107 O O   . HOH C 3 .   ? -8.706  4.656   -24.828 1.00 23.93 ? 1679 HOH A O   1 
HETATM 1108 O O   . HOH C 3 .   ? 5.654   -18.648 2.986   1.00 23.70 ? 1680 HOH A O   1 
HETATM 1109 O O   . HOH C 3 .   ? 4.519   -1.757  -14.730 1.00 26.45 ? 1681 HOH A O   1 
HETATM 1110 O O   . HOH C 3 .   ? -5.504  7.971   1.104   1.00 21.39 ? 1682 HOH A O   1 
HETATM 1111 O O   . HOH C 3 .   ? 8.491   -0.979  -9.865  1.00 20.95 ? 1683 HOH A O   1 
HETATM 1112 O O   . HOH C 3 .   ? -13.965 -3.347  5.817   1.00 26.54 ? 1684 HOH A O   1 
HETATM 1113 O O   . HOH C 3 .   ? -9.884  6.763   2.834   1.00 21.57 ? 1685 HOH A O   1 
HETATM 1114 O O   . HOH C 3 .   ? 11.080  -14.282 3.241   1.00 30.63 ? 1686 HOH A O   1 
HETATM 1115 O O   . HOH C 3 .   ? 0.636   -2.217  -14.257 1.00 17.16 ? 1687 HOH A O   1 
HETATM 1116 O O   . HOH C 3 .   ? 0.054   4.948   -13.928 1.00 18.06 ? 1688 HOH A O   1 
HETATM 1117 O O   . HOH C 3 .   ? -1.864  8.687   -5.077  1.00 19.98 ? 1689 HOH A O   1 
HETATM 1118 O O   . HOH C 3 .   ? 6.529   5.860   -0.310  1.00 11.56 ? 1690 HOH A O   1 
HETATM 1119 O O   . HOH C 3 .   ? 3.702   -16.724 1.469   1.00 24.46 ? 1691 HOH A O   1 
HETATM 1120 O O   . HOH C 3 .   ? 13.165  4.541   -0.928  1.00 22.91 ? 1692 HOH A O   1 
HETATM 1121 O O   . HOH C 3 .   ? 23.234  -2.043  8.475   1.00 24.17 ? 1693 HOH A O   1 
HETATM 1122 O O   . HOH C 3 .   ? 0.795   8.327   -8.449  1.00 25.74 ? 1694 HOH A O   1 
HETATM 1123 O O   . HOH C 3 .   ? 2.459   -7.460  10.193  1.00 18.17 ? 1695 HOH A O   1 
HETATM 1124 O O   . HOH C 3 .   ? -17.862 -4.396  3.428   1.00 41.48 ? 1696 HOH A O   1 
HETATM 1125 O O   . HOH C 3 .   ? -0.791  14.061  0.057   1.00 31.35 ? 1697 HOH A O   1 
HETATM 1126 O O   . HOH C 3 .   ? 10.275  8.163   4.473   1.00 22.28 ? 1698 HOH A O   1 
HETATM 1127 O O   . HOH C 3 .   ? -18.238 -2.320  -4.210  1.00 16.78 ? 1699 HOH A O   1 
HETATM 1128 O O   . HOH C 3 .   ? -13.255 1.570   -1.244  1.00 11.45 ? 1700 HOH A O   1 
HETATM 1129 O O   . HOH C 3 .   ? -3.663  -13.685 -0.331  1.00 26.33 ? 1701 HOH A O   1 
HETATM 1130 O O   . HOH C 3 .   ? 9.567   -7.390  -5.771  1.00 15.09 ? 1702 HOH A O   1 
HETATM 1131 O O   . HOH C 3 .   ? 16.550  -6.913  -2.110  1.00 14.44 ? 1703 HOH A O   1 
HETATM 1132 O O   . HOH C 3 .   ? -1.095  14.390  2.730   1.00 33.53 ? 1704 HOH A O   1 
HETATM 1133 O O   . HOH C 3 .   ? -8.953  11.233  -15.016 1.00 16.40 ? 1705 HOH A O   1 
HETATM 1134 O O   . HOH C 3 .   ? 3.623   8.746   9.241   1.00 15.12 ? 1706 HOH A O   1 
HETATM 1135 O O   . HOH C 3 .   ? -6.762  3.638   5.523   1.00 30.54 ? 1707 HOH A O   1 
HETATM 1136 O O   . HOH C 3 .   ? -8.146  4.326   6.428   1.00 29.47 ? 1708 HOH A O   1 
HETATM 1137 O O   . HOH C 3 .   ? -9.482  -1.472  -16.112 1.00 17.66 ? 1709 HOH A O   1 
HETATM 1138 O O   . HOH C 3 .   ? 6.722   -14.785 -1.349  1.00 28.25 ? 1710 HOH A O   1 
HETATM 1139 O O   . HOH C 3 .   ? 19.127  -5.017  0.943   1.00 34.58 ? 1711 HOH A O   1 
HETATM 1140 O O   . HOH C 3 .   ? -20.910 10.393  -19.236 1.00 41.81 ? 1712 HOH A O   1 
HETATM 1141 O O   . HOH C 3 .   ? -10.232 8.428   -22.174 1.00 13.16 ? 1713 HOH A O   1 
HETATM 1142 O O   . HOH C 3 .   ? 9.370   1.291   -5.744  1.00 19.08 ? 1714 HOH A O   1 
HETATM 1143 O O   . HOH C 3 .   ? -12.520 2.100   6.755   1.00 39.74 ? 1715 HOH A O   1 
HETATM 1144 O O   . HOH C 3 .   ? -4.300  7.828   5.690   1.00 33.92 ? 1716 HOH A O   1 
HETATM 1145 O O   . HOH C 3 .   ? -10.440 1.119   7.666   1.00 34.74 ? 1717 HOH A O   1 
HETATM 1146 O O   . HOH C 3 .   ? 13.418  -14.918 7.106   1.00 24.61 ? 1718 HOH A O   1 
HETATM 1147 O O   . HOH C 3 .   ? 12.478  0.407   19.072  1.00 40.05 ? 1719 HOH A O   1 
HETATM 1148 O O   . HOH C 3 .   ? 14.829  -5.044  10.154  1.00 14.37 ? 1720 HOH A O   1 
HETATM 1149 O O   . HOH C 3 .   ? -15.552 3.345   -7.996  1.00 18.99 ? 1721 HOH A O   1 
HETATM 1150 O O   . HOH C 3 .   ? -11.223 1.699   -12.825 1.00 10.76 ? 1722 HOH A O   1 
HETATM 1151 O O   . HOH C 3 .   ? 8.296   -8.260  -3.071  1.00 19.80 ? 1723 HOH A O   1 
HETATM 1152 O O   . HOH C 3 .   ? 5.747   10.263  10.245  1.00 28.70 ? 1724 HOH A O   1 
HETATM 1153 O O   . HOH C 3 .   ? 1.985   6.918   -9.958  1.00 23.84 ? 1725 HOH A O   1 
HETATM 1154 O O   . HOH C 3 .   ? -6.891  12.560  -16.024 1.00 16.82 ? 1726 HOH A O   1 
HETATM 1155 O O   . HOH C 3 .   ? -16.067 -2.725  -12.052 1.00 15.75 ? 1727 HOH A O   1 
HETATM 1156 O O   . HOH C 3 .   ? -6.272  -8.621  5.975   1.00 31.97 ? 1728 HOH A O   1 
HETATM 1157 O O   . HOH C 3 .   ? -17.833 5.391   -9.162  1.00 21.72 ? 1729 HOH A O   1 
HETATM 1158 O O   . HOH C 3 .   ? -15.512 0.644   -7.586  1.00 13.26 ? 1730 HOH A O   1 
HETATM 1159 O O   . HOH C 3 .   ? 1.363   0.946   14.427  1.00 22.48 ? 1731 HOH A O   1 
HETATM 1160 O O   . HOH C 3 .   ? 2.315   -12.860 -4.930  1.00 31.94 ? 1732 HOH A O   1 
HETATM 1161 O O   . HOH C 3 .   ? 0.621   8.887   -3.732  1.00 14.68 ? 1733 HOH A O   1 
HETATM 1162 O O   . HOH C 3 .   ? -12.772 -1.247  -18.503 1.00 22.86 ? 1734 HOH A O   1 
HETATM 1163 O O   . HOH C 3 .   ? -6.301  -3.113  10.563  1.00 41.60 ? 1735 HOH A O   1 
HETATM 1164 O O   . HOH C 3 .   ? 16.145  5.368   5.292   1.00 23.51 ? 1736 HOH A O   1 
HETATM 1165 O O   . HOH C 3 .   ? 9.776   12.405  18.966  1.00 48.05 ? 1737 HOH A O   1 
HETATM 1166 O O   . HOH C 3 .   ? -5.587  -2.371  -14.782 1.00 28.89 ? 1738 HOH A O   1 
HETATM 1167 O O   . HOH C 3 .   ? 4.707   -14.632 4.768   1.00 47.67 ? 1739 HOH A O   1 
HETATM 1168 O O   . HOH C 3 .   ? -16.309 8.839   -7.834  0.50 41.53 ? 1740 HOH A O   1 
HETATM 1169 O O   . HOH C 3 .   ? 1.453   -0.453  -16.686 1.00 26.88 ? 1741 HOH A O   1 
HETATM 1170 O O   . HOH C 3 .   ? -8.016  -6.669  6.266   1.00 30.66 ? 1742 HOH A O   1 
HETATM 1171 O O   . HOH C 3 .   ? 4.453   -7.622  21.618  1.00 38.90 ? 1743 HOH A O   1 
HETATM 1172 O O   . HOH C 3 .   ? 14.163  -15.212 4.174   1.00 34.79 ? 1744 HOH A O   1 
HETATM 1173 O O   . HOH C 3 .   ? 0.553   -13.185 8.448   1.00 31.33 ? 1745 HOH A O   1 
HETATM 1174 O O   . HOH C 3 .   ? -2.580  10.640  -8.969  1.00 27.07 ? 1746 HOH A O   1 
HETATM 1175 O O   . HOH C 3 .   ? -8.742  2.510   -20.306 1.00 31.77 ? 1747 HOH A O   1 
HETATM 1176 O O   . HOH C 3 .   ? 3.326   -15.620 3.575   1.00 33.82 ? 1748 HOH A O   1 
HETATM 1177 O O   . HOH C 3 .   ? -5.218  -5.104  11.824  1.00 41.34 ? 1749 HOH A O   1 
HETATM 1178 O O   . HOH C 3 .   ? 10.575  -14.012 5.518   1.00 28.02 ? 1750 HOH A O   1 
HETATM 1179 O O   . HOH C 3 .   ? 23.712  0.953   5.628   0.53 30.00 ? 1751 HOH A O   1 
HETATM 1180 O O   . HOH C 3 .   ? -10.502 -8.218  -0.631  1.00 42.17 ? 1752 HOH A O   1 
HETATM 1181 O O   . HOH C 3 .   ? 1.503   0.553   11.782  1.00 17.98 ? 1753 HOH A O   1 
HETATM 1182 O O   . HOH C 3 .   ? 6.805   -15.990 11.748  1.00 33.65 ? 1754 HOH A O   1 
HETATM 1183 O O   . HOH C 3 .   ? -11.964 10.372  -23.487 1.00 14.93 ? 1755 HOH A O   1 
HETATM 1184 O O   . HOH C 3 .   ? 9.134   5.760   0.586   1.00 13.09 ? 1756 HOH A O   1 
HETATM 1185 O O   . HOH C 3 .   ? 1.969   4.697   -11.762 1.00 17.28 ? 1757 HOH A O   1 
HETATM 1186 O O   . HOH C 3 .   ? -11.055 12.883  -15.307 1.00 26.37 ? 1758 HOH A O   1 
HETATM 1187 O O   . HOH C 3 .   ? -5.128  10.798  -3.551  1.00 26.19 ? 1759 HOH A O   1 
HETATM 1188 O O   . HOH C 3 .   ? 16.092  -2.767  11.492  1.00 38.05 ? 1760 HOH A O   1 
HETATM 1189 O O   . HOH C 3 .   ? 17.734  -3.203  -0.506  1.00 22.25 ? 1761 HOH A O   1 
HETATM 1190 O O   . HOH C 3 .   ? -0.984  -10.994 9.505   1.00 34.09 ? 1762 HOH A O   1 
HETATM 1191 O O   . HOH C 3 .   ? 1.370   -9.775  10.777  1.00 33.00 ? 1763 HOH A O   1 
HETATM 1192 O O   . HOH C 3 .   ? 4.909   10.875  3.086   1.00 26.20 ? 1764 HOH A O   1 
HETATM 1193 O O   . HOH C 3 .   ? 0.791   13.089  2.285   1.00 30.29 ? 1765 HOH A O   1 
HETATM 1194 O O   . HOH C 3 .   ? 12.846  8.902   5.320   1.00 28.02 ? 1766 HOH A O   1 
HETATM 1195 O O   . HOH C 3 .   ? 13.505  -3.779  -5.730  1.00 24.15 ? 1767 HOH A O   1 
HETATM 1196 O O   . HOH C 3 .   ? -11.443 13.211  -23.406 1.00 29.61 ? 1768 HOH A O   1 
HETATM 1197 O O   . HOH C 3 .   ? 6.904   4.784   -2.711  1.00 18.56 ? 1769 HOH A O   1 
HETATM 1198 O O   . HOH C 3 .   ? 9.943   -13.245 -1.355  1.00 36.49 ? 1770 HOH A O   1 
HETATM 1199 O O   . HOH C 3 .   ? 14.946  -3.134  -3.819  1.00 35.19 ? 1771 HOH A O   1 
HETATM 1200 O O   . HOH C 3 .   ? 2.967   -14.344 9.844   1.00 57.77 ? 1772 HOH A O   1 
HETATM 1201 O O   . HOH C 3 .   ? -2.658  11.191  -4.573  1.00 29.58 ? 1773 HOH A O   1 
HETATM 1202 O O   . HOH C 3 .   ? -1.731  8.176   -7.725  1.00 25.06 ? 1774 HOH A O   1 
HETATM 1203 O O   . HOH C 3 .   ? 4.566   10.728  5.686   1.00 27.91 ? 1775 HOH A O   1 
HETATM 1204 O O   . HOH C 3 .   ? -16.033 -3.867  -7.193  1.00 19.66 ? 1776 HOH A O   1 
HETATM 1205 O O   . HOH C 3 .   ? 10.263  12.115  21.523  1.00 40.59 ? 1777 HOH A O   1 
HETATM 1206 O O   . HOH C 3 .   ? 10.638  3.588   -0.117  1.00 12.16 ? 1778 HOH A O   1 
HETATM 1207 O O   . HOH C 3 .   ? 0.441   10.129  2.887   1.00 24.25 ? 1779 HOH A O   1 
HETATM 1208 O O   . HOH C 3 .   ? 18.588  1.119   -0.605  1.00 31.35 ? 1780 HOH A O   1 
HETATM 1209 O O   . HOH C 3 .   ? -14.681 -5.216  -11.373 1.00 23.18 ? 1781 HOH A O   1 
HETATM 1210 O O   . HOH C 3 .   ? -2.827  1.642   12.826  1.00 30.69 ? 1782 HOH A O   1 
HETATM 1211 O O   . HOH C 3 .   ? -2.595  -10.985 7.722   1.00 40.95 ? 1783 HOH A O   1 
HETATM 1212 O O   . HOH C 3 .   ? -11.320 14.706  -17.491 1.00 32.58 ? 1784 HOH A O   1 
HETATM 1213 O O   . HOH C 3 .   ? -0.865  1.758   15.154  1.00 41.11 ? 1785 HOH A O   1 
HETATM 1214 O O   . HOH C 3 .   ? 14.464  3.653   -3.051  1.00 35.04 ? 1786 HOH A O   1 
HETATM 1215 O O   . HOH C 3 .   ? -6.910  4.654   8.321   1.00 35.97 ? 1787 HOH A O   1 
HETATM 1216 O O   . HOH C 3 .   ? -17.938 -1.234  -7.261  0.50 8.67  ? 1788 HOH A O   1 
HETATM 1217 O O   . HOH C 3 .   ? 9.326   1.410   -8.372  1.00 28.41 ? 1789 HOH A O   1 
HETATM 1218 O O   . HOH C 3 .   ? -7.504  14.868  -17.138 1.00 31.54 ? 1790 HOH A O   1 
HETATM 1219 O O   . HOH C 3 .   ? -7.883  15.014  -21.705 1.00 29.46 ? 1791 HOH A O   1 
HETATM 1220 O O   . HOH C 3 .   ? -9.981  12.039  -10.258 1.00 21.15 ? 1792 HOH A O   1 
HETATM 1221 O O   . HOH C 3 .   ? 13.773  1.301   -4.544  1.00 36.11 ? 1793 HOH A O   1 
HETATM 1222 O O   . HOH C 3 .   ? -8.445  10.966  -12.175 1.00 20.63 ? 1794 HOH A O   1 
# 
